data_5XAJ
#
_entry.id   5XAJ
#
_cell.length_a   116.300
_cell.length_b   47.590
_cell.length_c   220.759
_cell.angle_alpha   90.00
_cell.angle_beta   93.43
_cell.angle_gamma   90.00
#
_symmetry.space_group_name_H-M   'P 1 21 1'
#
loop_
_entity.id
_entity.type
_entity.pdbx_description
1 polymer 'FabHM14c10 heavy chain'
2 polymer 'FabHM14c10 light chain'
3 polymer 'Fab E1 light chain'
4 polymer 'Fab E1 heavy chain'
5 polymer 'Fab E1 heavy chain'
6 water water
#
loop_
_entity_poly.entity_id
_entity_poly.type
_entity_poly.pdbx_seq_one_letter_code
_entity_poly.pdbx_strand_id
1 'polypeptide(L)'
;EVQLVESGGGVVQPGRSLRLSCAASGFSFSSYGMHWVRQAPGKGLEWVAVIWYDGSKTYYGDSVKGRFTISKDNSKKMVN
LQMDSLGVEDTAFYYCARGIAGGWAFWGIDLWGQGTLVTVSSASTKGPSVFPLAPSSKSTSGGTAALGCLVKDYFPEPVT
VSWNSGALTSGVHTFPAVLQSSGLYSLSSVVTVPSSSLGTQTYICNVNHKPSNTKVDKKVEPKSCAA
;
A,H
2 'polypeptide(L)'
;DIVMTQSPGTLSLSPGERATLSCRASQNVYSYLGWYQHKPGRSPRLLIFGVTSRATGVPDRFSGSGSGTDFTLTISRLEP
EDFAVYYCQQYAGSAYTFGQGTKVEIKRTVAAPSVFIFPPSDEQLKSGTASVVCLLNNFYPREAKVQWKVDNALQSGNSQ
ESVTEQDSKDSTYSLSSTLTLSKADYEKHKVYACEVTHQGLSSPVTKSFNRGEC
;
B,L
3 'polypeptide(L)'
;LSYELTQPPSVSVAPGQTARMTCGGNNIGTKSVHWYQQKPGQAPVLVVYNDRDRPSGIPERFSGSNSGNTATLTISRVED
GDEADYFCQVWDNYSDHVIFGGGTKLTVLGAPKAAPSVTLFPPSSEELQANKATLVCLISDFYPGAVTVAWKADSSPVKA
GVETTTPSKQSNNKYAASSYLSLTPEQWKSHKSYSCQVTHEGSTVEKTVAPTEC
;
C,D
4 'polypeptide(L)'
;EVQLVQSGAEVKKPGSSVKVSCKASGGTFSSYAISWVRQAPGQGLEWMGGIIPIFGTANYAQKFQGRVTITADESTSTAY
MELSSLRSEDTAVYYCAVGLPVDYWGQGTLVTVSSASTKGPSVFPLAPSSKSTSGGTAALGCLVKDYFPEPVTVSWNSGA
LTSGVHTFPAVLQSSGLYSLSSVVTVPSSSLGTQTYICNVNHKPSNTKVDKKVEP
;
E
5 'polypeptide(L)'
;EVQLVQSGAEVKKPGSSVKVSCKASGGTFSSYAISWVRQAPGQGLEWMGGIIPIFGTANYAQKFQGRVTITADESTSTAY
MELSSLRSEDTAVYYCAVGLPVDYWGQGTLVTVSSASTKGPSVFPLAPSSKSTSGGTAALGCLVKDYFPEPVTVSWNSGA
LTSGVHTFPAVLQSSGLYSLSSVVTVPSSSLGTQTYICNVNHKPSNTKVDKKVEPKSC
;
F
#
# COMPACT_ATOMS: atom_id res chain seq x y z
N GLU A 1 -13.28 44.63 -13.12
CA GLU A 1 -12.16 44.33 -12.23
C GLU A 1 -12.22 42.87 -11.79
N VAL A 2 -11.15 42.12 -12.14
CA VAL A 2 -11.00 40.71 -11.81
C VAL A 2 -10.70 40.51 -10.31
N GLN A 3 -11.36 39.53 -9.71
CA GLN A 3 -11.19 39.23 -8.30
C GLN A 3 -11.33 37.74 -8.05
N LEU A 4 -10.82 37.28 -6.90
CA LEU A 4 -10.98 35.94 -6.37
C LEU A 4 -11.41 36.12 -4.94
N VAL A 5 -12.44 35.40 -4.51
CA VAL A 5 -12.94 35.50 -3.15
C VAL A 5 -12.95 34.12 -2.49
N GLU A 6 -12.20 33.95 -1.40
CA GLU A 6 -12.25 32.68 -0.64
C GLU A 6 -13.39 32.77 0.38
N SER A 7 -13.94 31.60 0.72
CA SER A 7 -14.99 31.45 1.75
C SER A 7 -14.82 30.03 2.29
N GLY A 8 -15.51 29.73 3.40
CA GLY A 8 -15.49 28.43 4.06
C GLY A 8 -14.57 28.35 5.26
N GLY A 9 -13.76 29.39 5.47
CA GLY A 9 -12.83 29.45 6.60
C GLY A 9 -13.53 29.47 7.93
N GLY A 10 -12.78 29.22 9.00
CA GLY A 10 -13.29 29.18 10.36
C GLY A 10 -12.54 28.22 11.24
N VAL A 11 -13.18 27.81 12.35
CA VAL A 11 -12.59 26.90 13.33
C VAL A 11 -13.06 25.47 13.05
N VAL A 12 -12.11 24.51 13.11
CA VAL A 12 -12.28 23.10 12.89
C VAL A 12 -11.43 22.35 13.92
N GLN A 13 -11.94 21.22 14.44
CA GLN A 13 -11.22 20.41 15.42
C GLN A 13 -10.15 19.58 14.74
N PRO A 14 -8.98 19.30 15.39
CA PRO A 14 -7.99 18.44 14.74
C PRO A 14 -8.63 17.07 14.52
N GLY A 15 -8.36 16.49 13.36
CA GLY A 15 -8.90 15.21 12.98
C GLY A 15 -10.15 15.34 12.13
N ARG A 16 -10.75 16.54 12.08
CA ARG A 16 -11.95 16.74 11.26
C ARG A 16 -11.61 17.33 9.87
N SER A 17 -12.65 17.67 9.09
CA SER A 17 -12.52 18.20 7.74
C SER A 17 -13.11 19.58 7.59
N LEU A 18 -12.58 20.33 6.63
CA LEU A 18 -13.05 21.65 6.29
C LEU A 18 -12.95 21.77 4.77
N ARG A 19 -13.93 22.41 4.14
CA ARG A 19 -13.93 22.62 2.70
C ARG A 19 -13.92 24.11 2.44
N LEU A 20 -12.87 24.57 1.75
CA LEU A 20 -12.70 25.97 1.34
C LEU A 20 -13.17 26.14 -0.09
N SER A 21 -13.82 27.25 -0.37
CA SER A 21 -14.31 27.58 -1.71
C SER A 21 -13.65 28.85 -2.22
N CYS A 22 -13.60 29.00 -3.55
CA CYS A 22 -13.03 30.16 -4.21
C CYS A 22 -13.91 30.53 -5.38
N ALA A 23 -14.31 31.80 -5.46
CA ALA A 23 -15.17 32.30 -6.53
C ALA A 23 -14.47 33.38 -7.34
N ALA A 24 -14.47 33.22 -8.67
CA ALA A 24 -13.91 34.18 -9.63
C ALA A 24 -14.94 35.24 -10.04
N SER A 25 -14.52 36.51 -10.04
CA SER A 25 -15.34 37.67 -10.40
C SER A 25 -14.65 38.41 -11.56
N GLY A 26 -15.37 38.58 -12.66
CA GLY A 26 -14.86 39.31 -13.81
C GLY A 26 -13.97 38.55 -14.78
N PHE A 27 -13.79 37.24 -14.61
CA PHE A 27 -12.94 36.50 -15.59
C PHE A 27 -13.35 35.05 -15.79
N SER A 28 -12.68 34.41 -16.78
CA SER A 28 -12.77 33.02 -17.22
C SER A 28 -12.95 32.05 -16.04
N PHE A 29 -11.85 31.42 -15.56
CA PHE A 29 -11.66 30.38 -14.53
C PHE A 29 -11.37 29.08 -15.23
N SER A 30 -12.15 28.79 -16.29
CA SER A 30 -12.08 27.54 -17.03
C SER A 30 -10.80 27.31 -17.83
N SER A 31 -10.08 28.39 -18.16
CA SER A 31 -8.84 28.33 -18.95
C SER A 31 -7.55 28.61 -18.14
N TYR A 32 -7.67 28.67 -16.81
CA TYR A 32 -6.56 28.96 -15.92
C TYR A 32 -6.37 27.87 -14.93
N GLY A 33 -5.10 27.54 -14.70
CA GLY A 33 -4.69 26.63 -13.64
C GLY A 33 -4.77 27.43 -12.36
N MET A 34 -5.40 26.89 -11.33
CA MET A 34 -5.67 27.56 -10.07
C MET A 34 -4.96 26.91 -8.92
N HIS A 35 -4.36 27.72 -8.04
CA HIS A 35 -3.58 27.28 -6.87
C HIS A 35 -4.21 27.67 -5.55
N TRP A 36 -3.72 27.03 -4.48
CA TRP A 36 -3.95 27.39 -3.09
C TRP A 36 -2.54 27.56 -2.47
N VAL A 37 -2.35 28.64 -1.72
CA VAL A 37 -1.10 28.96 -1.06
C VAL A 37 -1.53 29.30 0.40
N ARG A 38 -0.69 28.99 1.38
CA ARG A 38 -1.01 29.29 2.78
C ARG A 38 0.15 29.95 3.50
N GLN A 39 -0.14 30.61 4.62
CA GLN A 39 0.89 31.22 5.46
C GLN A 39 0.49 30.96 6.90
N ALA A 40 1.29 30.16 7.61
CA ALA A 40 1.04 29.87 9.02
C ALA A 40 1.60 31.04 9.85
N PRO A 41 1.00 31.34 11.03
CA PRO A 41 1.52 32.43 11.89
C PRO A 41 3.03 32.31 12.16
N GLY A 42 3.77 33.38 11.85
CA GLY A 42 5.22 33.42 12.03
C GLY A 42 6.05 32.64 11.04
N LYS A 43 5.41 31.95 10.06
CA LYS A 43 6.15 31.18 9.06
C LYS A 43 6.05 31.86 7.67
N GLY A 44 6.72 31.30 6.67
CA GLY A 44 6.72 31.86 5.33
C GLY A 44 5.62 31.28 4.48
N LEU A 45 5.54 31.75 3.22
CA LEU A 45 4.54 31.28 2.25
C LEU A 45 4.79 29.81 1.91
N GLU A 46 3.72 29.05 1.72
CA GLU A 46 3.81 27.63 1.46
C GLU A 46 2.78 27.25 0.43
N TRP A 47 3.24 26.66 -0.66
CA TRP A 47 2.38 26.27 -1.75
C TRP A 47 1.65 25.00 -1.39
N VAL A 48 0.31 24.98 -1.59
CA VAL A 48 -0.54 23.87 -1.16
C VAL A 48 -0.89 22.93 -2.32
N ALA A 49 -1.50 23.43 -3.39
CA ALA A 49 -1.93 22.57 -4.49
C ALA A 49 -2.20 23.37 -5.74
N VAL A 50 -2.37 22.67 -6.87
CA VAL A 50 -2.76 23.22 -8.18
C VAL A 50 -3.69 22.20 -8.90
N ILE A 51 -4.60 22.72 -9.70
CA ILE A 51 -5.48 21.95 -10.55
C ILE A 51 -5.30 22.53 -11.93
N TRP A 52 -5.04 21.66 -12.88
CA TRP A 52 -4.80 22.05 -14.23
C TRP A 52 -5.95 22.84 -14.84
N TYR A 53 -5.64 23.71 -15.84
CA TYR A 53 -6.62 24.52 -16.57
C TYR A 53 -7.80 23.67 -17.05
N ASP A 54 -7.46 22.45 -17.45
CA ASP A 54 -8.16 21.27 -17.97
C ASP A 54 -9.00 20.52 -16.90
N GLY A 55 -8.51 20.50 -15.65
CA GLY A 55 -9.06 19.73 -14.54
C GLY A 55 -8.55 18.29 -14.54
N SER A 56 -7.66 17.93 -15.50
CA SER A 56 -7.09 16.61 -15.72
C SER A 56 -6.04 16.22 -14.71
N LYS A 57 -5.23 17.19 -14.23
CA LYS A 57 -4.15 16.88 -13.30
C LYS A 57 -4.18 17.74 -12.06
N THR A 58 -3.59 17.25 -10.98
CA THR A 58 -3.43 17.90 -9.68
C THR A 58 -2.04 17.63 -9.08
N TYR A 59 -1.50 18.60 -8.35
CA TYR A 59 -0.22 18.47 -7.67
C TYR A 59 -0.39 19.08 -6.30
N TYR A 60 0.25 18.49 -5.30
CA TYR A 60 0.15 18.91 -3.91
C TYR A 60 1.48 19.12 -3.27
N GLY A 61 1.50 19.98 -2.26
CA GLY A 61 2.68 20.21 -1.45
C GLY A 61 2.92 18.98 -0.59
N ASP A 62 4.19 18.69 -0.30
CA ASP A 62 4.61 17.55 0.51
C ASP A 62 3.92 17.40 1.86
N SER A 63 3.60 18.52 2.55
CA SER A 63 2.96 18.43 3.87
C SER A 63 1.46 18.16 3.83
N VAL A 64 0.83 18.19 2.63
CA VAL A 64 -0.63 18.05 2.47
C VAL A 64 -1.03 16.88 1.60
N LYS A 65 -0.05 16.27 0.90
CA LYS A 65 -0.25 15.13 0.01
C LYS A 65 -0.96 13.99 0.76
N GLY A 66 -2.09 13.55 0.21
CA GLY A 66 -2.88 12.47 0.80
C GLY A 66 -4.08 12.92 1.61
N ARG A 67 -3.98 14.09 2.23
CA ARG A 67 -5.05 14.66 3.08
C ARG A 67 -5.94 15.64 2.40
N PHE A 68 -5.39 16.40 1.44
CA PHE A 68 -6.12 17.46 0.74
C PHE A 68 -6.48 17.09 -0.70
N THR A 69 -7.56 17.71 -1.21
CA THR A 69 -8.00 17.50 -2.58
C THR A 69 -8.39 18.86 -3.13
N ILE A 70 -7.79 19.24 -4.25
CA ILE A 70 -8.14 20.47 -4.96
C ILE A 70 -9.02 20.01 -6.12
N SER A 71 -10.09 20.75 -6.38
CA SER A 71 -11.05 20.47 -7.43
C SER A 71 -11.60 21.78 -8.02
N LYS A 72 -12.21 21.67 -9.19
CA LYS A 72 -12.77 22.77 -9.97
C LYS A 72 -14.14 22.33 -10.47
N ASP A 73 -15.15 23.19 -10.28
CA ASP A 73 -16.52 22.94 -10.73
C ASP A 73 -16.79 24.10 -11.68
N ASN A 74 -16.75 23.84 -12.99
CA ASN A 74 -16.95 24.92 -13.96
C ASN A 74 -18.42 25.35 -14.09
N SER A 75 -19.37 24.47 -13.69
CA SER A 75 -20.81 24.74 -13.71
C SER A 75 -21.16 25.75 -12.61
N LYS A 76 -20.62 25.53 -11.39
CA LYS A 76 -20.84 26.41 -10.24
C LYS A 76 -19.82 27.56 -10.23
N LYS A 77 -18.86 27.53 -11.20
CA LYS A 77 -17.78 28.50 -11.39
C LYS A 77 -16.98 28.65 -10.08
N MET A 78 -16.48 27.52 -9.58
CA MET A 78 -15.80 27.42 -8.29
C MET A 78 -14.58 26.52 -8.26
N VAL A 79 -13.66 26.81 -7.35
CA VAL A 79 -12.46 26.04 -7.03
C VAL A 79 -12.58 25.69 -5.54
N ASN A 80 -12.41 24.43 -5.21
CA ASN A 80 -12.56 23.97 -3.84
C ASN A 80 -11.29 23.33 -3.33
N LEU A 81 -11.15 23.34 -2.01
CA LEU A 81 -10.05 22.68 -1.35
C LEU A 81 -10.63 21.92 -0.17
N GLN A 82 -10.67 20.59 -0.32
CA GLN A 82 -11.14 19.66 0.70
C GLN A 82 -9.92 19.29 1.55
N MET A 83 -9.95 19.65 2.83
CA MET A 83 -8.84 19.41 3.77
C MET A 83 -9.32 18.39 4.79
N ASP A 84 -8.81 17.14 4.72
CA ASP A 84 -9.19 16.08 5.64
C ASP A 84 -8.06 15.85 6.62
N SER A 85 -8.37 15.18 7.77
CA SER A 85 -7.40 14.83 8.84
C SER A 85 -6.53 16.04 9.20
N LEU A 86 -7.16 17.18 9.48
CA LEU A 86 -6.46 18.42 9.81
C LEU A 86 -5.74 18.30 11.14
N GLY A 87 -4.59 18.96 11.23
CA GLY A 87 -3.77 19.03 12.44
C GLY A 87 -3.53 20.49 12.82
N VAL A 88 -3.12 20.74 14.06
CA VAL A 88 -2.88 22.11 14.56
C VAL A 88 -1.90 22.92 13.65
N GLU A 89 -0.96 22.26 12.96
CA GLU A 89 0.01 22.86 12.04
C GLU A 89 -0.64 23.38 10.74
N ASP A 90 -1.91 22.97 10.45
CA ASP A 90 -2.63 23.41 9.26
C ASP A 90 -3.32 24.76 9.47
N THR A 91 -3.15 25.34 10.67
CA THR A 91 -3.69 26.65 11.02
C THR A 91 -2.91 27.66 10.22
N ALA A 92 -3.59 28.34 9.33
CA ALA A 92 -2.96 29.29 8.46
C ALA A 92 -3.99 30.16 7.78
N PHE A 93 -3.51 31.20 7.07
CA PHE A 93 -4.30 32.00 6.16
C PHE A 93 -4.15 31.29 4.82
N TYR A 94 -5.27 30.99 4.16
CA TYR A 94 -5.32 30.31 2.87
C TYR A 94 -5.74 31.24 1.79
N TYR A 95 -4.97 31.25 0.68
CA TYR A 95 -5.21 32.11 -0.49
C TYR A 95 -5.50 31.27 -1.68
N CYS A 96 -6.44 31.70 -2.47
CA CYS A 96 -6.79 31.10 -3.74
C CYS A 96 -6.07 32.01 -4.71
N ALA A 97 -5.37 31.44 -5.70
CA ALA A 97 -4.62 32.27 -6.65
C ALA A 97 -4.59 31.68 -8.04
N ARG A 98 -4.49 32.54 -9.04
CA ARG A 98 -4.47 32.17 -10.46
C ARG A 98 -3.05 32.08 -11.07
N GLY A 99 -2.78 30.97 -11.75
CA GLY A 99 -1.49 30.81 -12.42
C GLY A 99 -1.40 31.51 -13.77
N ILE A 100 -0.17 31.93 -14.15
CA ILE A 100 0.19 32.44 -15.48
C ILE A 100 0.78 31.17 -16.13
N ALA A 101 0.14 30.71 -17.22
CA ALA A 101 0.43 29.45 -17.93
C ALA A 101 1.92 29.15 -18.21
N GLY A 102 2.63 29.82 -19.06
CA GLY A 102 4.03 29.41 -19.31
C GLY A 102 4.64 27.98 -19.34
N GLY A 103 5.07 27.54 -20.52
CA GLY A 103 5.76 26.26 -20.72
C GLY A 103 4.99 25.01 -20.30
N TRP A 104 5.64 24.05 -19.62
CA TRP A 104 4.91 22.84 -19.22
C TRP A 104 4.30 22.94 -17.80
N ALA A 105 4.35 24.15 -17.21
CA ALA A 105 3.76 24.49 -15.91
C ALA A 105 3.30 25.96 -15.80
N PHE A 106 3.98 26.79 -15.02
CA PHE A 106 3.61 28.19 -14.76
C PHE A 106 4.83 29.08 -14.76
N TRP A 107 4.63 30.38 -15.01
CA TRP A 107 5.69 31.36 -14.92
C TRP A 107 5.55 32.18 -13.64
N GLY A 108 4.35 32.19 -13.07
CA GLY A 108 4.03 32.94 -11.86
C GLY A 108 2.57 32.83 -11.50
N ILE A 109 2.16 33.47 -10.40
CA ILE A 109 0.79 33.48 -9.87
C ILE A 109 0.40 34.95 -9.77
N ASP A 110 -0.43 35.44 -10.71
CA ASP A 110 -0.75 36.86 -10.83
C ASP A 110 -1.89 37.38 -9.97
N LEU A 111 -3.03 36.70 -9.93
CA LEU A 111 -4.19 37.18 -9.19
C LEU A 111 -4.37 36.39 -7.90
N TRP A 112 -4.46 37.05 -6.77
CA TRP A 112 -4.62 36.38 -5.46
C TRP A 112 -5.89 36.88 -4.76
N GLY A 113 -6.47 36.03 -3.95
CA GLY A 113 -7.61 36.40 -3.13
C GLY A 113 -7.13 37.09 -1.87
N GLN A 114 -8.08 37.61 -1.06
CA GLN A 114 -7.75 38.28 0.23
C GLN A 114 -7.24 37.32 1.30
N GLY A 115 -7.57 36.05 1.16
CA GLY A 115 -7.18 35.03 2.12
C GLY A 115 -8.25 34.80 3.17
N THR A 116 -8.24 33.61 3.78
CA THR A 116 -9.17 33.21 4.83
C THR A 116 -8.45 32.42 5.90
N LEU A 117 -8.75 32.71 7.18
CA LEU A 117 -8.10 32.03 8.28
C LEU A 117 -8.79 30.74 8.62
N VAL A 118 -8.00 29.71 8.73
CA VAL A 118 -8.41 28.38 9.14
C VAL A 118 -7.63 28.08 10.42
N THR A 119 -8.37 28.00 11.54
CA THR A 119 -7.82 27.68 12.85
C THR A 119 -8.14 26.23 13.18
N VAL A 120 -7.11 25.37 13.24
CA VAL A 120 -7.30 23.97 13.58
C VAL A 120 -7.00 23.83 15.06
N SER A 121 -8.06 23.69 15.90
CA SER A 121 -7.94 23.57 17.35
C SER A 121 -9.16 22.92 17.97
N SER A 122 -8.96 22.30 19.13
CA SER A 122 -10.05 21.68 19.89
C SER A 122 -10.58 22.62 21.02
N ALA A 123 -9.97 23.80 21.18
CA ALA A 123 -10.35 24.75 22.21
C ALA A 123 -11.78 25.28 21.99
N SER A 124 -12.36 25.83 23.06
CA SER A 124 -13.72 26.38 23.05
C SER A 124 -13.64 27.88 22.94
N THR A 125 -14.57 28.47 22.19
CA THR A 125 -14.65 29.90 21.99
C THR A 125 -14.82 30.56 23.35
N LYS A 126 -13.82 31.38 23.70
CA LYS A 126 -13.73 32.04 24.99
C LYS A 126 -13.32 33.51 24.79
N GLY A 127 -13.94 34.40 25.55
CA GLY A 127 -13.66 35.82 25.54
C GLY A 127 -12.46 36.14 26.42
N PRO A 128 -11.69 37.21 26.13
CA PRO A 128 -10.50 37.51 26.94
C PRO A 128 -10.77 38.04 28.33
N SER A 129 -9.83 37.77 29.24
CA SER A 129 -9.80 38.35 30.57
C SER A 129 -8.84 39.56 30.39
N VAL A 130 -9.28 40.77 30.74
CA VAL A 130 -8.48 41.99 30.51
C VAL A 130 -7.89 42.49 31.82
N PHE A 131 -6.57 42.42 31.96
CA PHE A 131 -5.88 42.84 33.18
C PHE A 131 -5.08 44.12 32.99
N PRO A 132 -5.03 45.03 33.98
CA PRO A 132 -4.26 46.28 33.75
C PRO A 132 -2.76 46.09 33.93
N LEU A 133 -1.99 46.82 33.12
CA LEU A 133 -0.52 46.87 33.23
C LEU A 133 -0.32 48.30 33.73
N ALA A 134 -0.57 48.48 35.05
CA ALA A 134 -0.57 49.77 35.78
C ALA A 134 0.73 50.54 35.61
N PRO A 135 0.65 51.88 35.35
CA PRO A 135 1.88 52.68 35.20
C PRO A 135 2.75 52.84 36.45
N SER A 136 3.97 53.42 36.23
CA SER A 136 5.08 53.79 37.13
C SER A 136 5.21 52.89 38.36
N SER A 137 5.54 51.61 38.10
CA SER A 137 5.73 50.53 39.09
C SER A 137 6.88 50.80 40.12
N LYS A 138 7.54 51.98 39.98
CA LYS A 138 8.59 52.50 40.86
C LYS A 138 8.37 54.03 40.97
N SER A 139 9.01 54.82 40.07
CA SER A 139 8.96 56.28 40.04
C SER A 139 8.17 56.89 38.86
N THR A 140 7.66 58.15 39.06
CA THR A 140 6.93 58.99 38.09
C THR A 140 7.83 60.22 37.72
N SER A 141 7.85 61.27 38.60
CA SER A 141 8.62 62.52 38.53
C SER A 141 8.59 63.21 37.13
N GLY A 142 9.77 63.52 36.57
CA GLY A 142 10.01 64.20 35.29
C GLY A 142 9.04 64.01 34.15
N GLY A 143 9.31 63.04 33.29
CA GLY A 143 8.55 62.76 32.06
C GLY A 143 8.30 61.28 31.76
N THR A 144 7.64 61.03 30.58
CA THR A 144 7.14 59.77 29.93
C THR A 144 7.08 58.45 30.77
N ALA A 145 5.86 57.88 30.86
CA ALA A 145 5.50 56.64 31.55
C ALA A 145 4.88 55.59 30.60
N ALA A 146 4.91 54.29 31.00
CA ALA A 146 4.27 53.21 30.23
C ALA A 146 3.19 52.51 31.04
N LEU A 147 2.08 52.26 30.36
CA LEU A 147 0.92 51.52 30.88
C LEU A 147 0.36 50.65 29.76
N GLY A 148 -0.56 49.76 30.10
CA GLY A 148 -1.18 48.90 29.10
C GLY A 148 -2.27 47.98 29.62
N CYS A 149 -2.65 47.03 28.77
CA CYS A 149 -3.66 46.01 29.04
C CYS A 149 -3.15 44.65 28.63
N LEU A 150 -3.28 43.67 29.54
CA LEU A 150 -2.98 42.26 29.26
C LEU A 150 -4.31 41.53 28.88
N VAL A 151 -4.48 41.24 27.59
CA VAL A 151 -5.67 40.62 26.99
C VAL A 151 -5.36 39.11 26.98
N LYS A 152 -5.76 38.41 28.05
CA LYS A 152 -5.41 37.02 28.26
C LYS A 152 -6.49 35.96 28.07
N ASP A 153 -6.05 34.78 27.57
CA ASP A 153 -6.81 33.55 27.41
C ASP A 153 -8.14 33.69 26.63
N TYR A 154 -8.05 34.02 25.35
CA TYR A 154 -9.22 34.09 24.50
C TYR A 154 -9.05 33.06 23.40
N PHE A 155 -10.16 32.65 22.74
CA PHE A 155 -10.11 31.70 21.62
C PHE A 155 -11.17 32.05 20.57
N PRO A 156 -10.64 32.32 19.36
CA PRO A 156 -11.43 33.00 18.37
C PRO A 156 -10.91 32.65 16.97
N GLU A 157 -10.43 33.78 16.31
CA GLU A 157 -9.63 34.17 15.15
C GLU A 157 -8.82 35.39 15.79
N PRO A 158 -9.37 36.65 15.86
CA PRO A 158 -8.61 37.78 16.44
C PRO A 158 -9.31 38.58 17.57
N VAL A 159 -8.59 39.57 18.12
CA VAL A 159 -9.08 40.59 19.07
C VAL A 159 -8.62 41.92 18.47
N THR A 160 -9.35 43.00 18.75
CA THR A 160 -8.98 44.35 18.34
C THR A 160 -8.84 45.17 19.60
N VAL A 161 -7.77 45.96 19.70
CA VAL A 161 -7.59 46.79 20.88
C VAL A 161 -7.47 48.21 20.42
N SER A 162 -8.16 49.10 21.10
CA SER A 162 -8.06 50.53 20.87
C SER A 162 -7.95 51.19 22.25
N TRP A 163 -7.44 52.43 22.27
CA TRP A 163 -7.33 53.21 23.49
C TRP A 163 -8.22 54.44 23.38
N ASN A 164 -8.98 54.73 24.49
CA ASN A 164 -9.90 55.88 24.62
C ASN A 164 -10.80 56.04 23.41
N SER A 165 -11.41 54.92 23.01
CA SER A 165 -12.33 54.75 21.89
C SER A 165 -11.75 55.19 20.52
N GLY A 166 -10.44 55.10 20.36
CA GLY A 166 -9.75 55.45 19.10
C GLY A 166 -9.11 56.81 19.08
N ALA A 167 -9.27 57.58 20.19
CA ALA A 167 -8.73 58.94 20.33
C ALA A 167 -7.26 58.96 20.70
N LEU A 168 -6.74 57.83 21.20
CA LEU A 168 -5.33 57.68 21.56
C LEU A 168 -4.74 56.63 20.65
N THR A 169 -3.82 57.07 19.76
CA THR A 169 -3.14 56.20 18.77
C THR A 169 -1.64 56.36 18.89
N SER A 170 -1.21 57.59 19.21
CA SER A 170 0.18 58.00 19.39
C SER A 170 0.86 57.22 20.54
N GLY A 171 1.94 56.49 20.21
CA GLY A 171 2.73 55.71 21.16
C GLY A 171 2.13 54.39 21.63
N VAL A 172 1.12 53.90 20.92
CA VAL A 172 0.44 52.63 21.21
C VAL A 172 1.15 51.49 20.50
N HIS A 173 1.40 50.41 21.22
CA HIS A 173 1.93 49.18 20.65
C HIS A 173 1.04 48.04 21.06
N THR A 174 0.30 47.48 20.10
CA THR A 174 -0.55 46.30 20.30
C THR A 174 0.26 45.16 19.71
N PHE A 175 0.64 44.21 20.56
CA PHE A 175 1.52 43.14 20.10
C PHE A 175 0.83 42.00 19.41
N PRO A 176 1.51 41.34 18.45
CA PRO A 176 0.96 40.09 17.89
C PRO A 176 0.67 39.11 19.03
N ALA A 177 -0.46 38.41 19.00
CA ALA A 177 -0.79 37.43 20.04
C ALA A 177 0.18 36.25 20.00
N VAL A 178 0.24 35.50 21.13
CA VAL A 178 1.00 34.26 21.25
C VAL A 178 0.02 33.14 21.53
N LEU A 179 0.22 31.98 20.89
CA LEU A 179 -0.65 30.84 21.14
C LEU A 179 -0.01 30.13 22.34
N GLN A 180 -0.73 30.07 23.46
CA GLN A 180 -0.20 29.43 24.68
C GLN A 180 -0.37 27.93 24.63
N SER A 181 0.38 27.20 25.50
CA SER A 181 0.34 25.73 25.63
C SER A 181 -1.08 25.20 25.93
N SER A 182 -1.94 26.08 26.50
CA SER A 182 -3.35 25.76 26.77
C SER A 182 -4.21 25.74 25.47
N GLY A 183 -3.70 26.36 24.40
CA GLY A 183 -4.42 26.45 23.13
C GLY A 183 -5.25 27.74 23.06
N LEU A 184 -5.03 28.62 24.06
CA LEU A 184 -5.68 29.92 24.16
C LEU A 184 -4.68 31.00 23.78
N TYR A 185 -5.17 32.17 23.36
CA TYR A 185 -4.28 33.25 22.92
C TYR A 185 -4.12 34.28 23.99
N SER A 186 -3.02 35.01 23.91
CA SER A 186 -2.74 36.11 24.82
C SER A 186 -1.95 37.21 24.16
N LEU A 187 -2.31 38.48 24.44
CA LEU A 187 -1.55 39.64 23.94
C LEU A 187 -1.54 40.79 24.93
N SER A 188 -0.62 41.71 24.72
CA SER A 188 -0.48 42.93 25.48
C SER A 188 -0.62 44.11 24.55
N SER A 189 -1.29 45.18 25.05
CA SER A 189 -1.38 46.44 24.33
C SER A 189 -0.85 47.49 25.26
N VAL A 190 0.21 48.15 24.84
CA VAL A 190 0.87 49.16 25.68
C VAL A 190 0.81 50.54 25.05
N VAL A 191 0.94 51.57 25.89
CA VAL A 191 0.97 52.95 25.44
C VAL A 191 1.97 53.74 26.33
N THR A 192 2.78 54.58 25.68
CA THR A 192 3.73 55.48 26.31
C THR A 192 3.04 56.83 26.41
N VAL A 193 3.10 57.43 27.58
CA VAL A 193 2.33 58.63 27.88
C VAL A 193 3.09 59.61 28.79
N PRO A 194 2.82 60.95 28.76
CA PRO A 194 3.53 61.86 29.68
C PRO A 194 3.21 61.53 31.12
N SER A 195 4.22 61.53 32.02
CA SER A 195 4.04 61.21 33.44
C SER A 195 3.11 62.19 34.14
N SER A 196 3.16 63.47 33.74
CA SER A 196 2.37 64.57 34.29
C SER A 196 0.86 64.35 34.08
N SER A 197 0.48 63.68 32.97
CA SER A 197 -0.90 63.37 32.62
C SER A 197 -1.54 62.20 33.44
N LEU A 198 -0.74 61.43 34.20
CA LEU A 198 -1.20 60.24 34.92
C LEU A 198 -2.31 60.48 35.94
N GLY A 199 -2.24 61.58 36.67
CA GLY A 199 -3.25 61.93 37.66
C GLY A 199 -4.57 62.40 37.07
N THR A 200 -4.48 63.24 36.01
CA THR A 200 -5.59 63.86 35.29
C THR A 200 -6.21 62.98 34.17
N GLN A 201 -5.46 62.65 33.11
CA GLN A 201 -5.93 61.88 31.96
C GLN A 201 -6.31 60.41 32.27
N THR A 202 -7.51 60.02 31.81
CA THR A 202 -8.08 58.67 31.94
C THR A 202 -7.67 57.82 30.71
N TYR A 203 -7.08 56.65 30.98
CA TYR A 203 -6.70 55.69 29.95
C TYR A 203 -7.52 54.43 30.07
N ILE A 204 -8.30 54.15 29.04
CA ILE A 204 -9.16 52.98 28.96
C ILE A 204 -8.77 52.22 27.72
N CYS A 205 -8.61 50.90 27.84
CA CYS A 205 -8.36 50.08 26.66
C CYS A 205 -9.67 49.37 26.27
N ASN A 206 -9.99 49.41 24.97
CA ASN A 206 -11.23 48.84 24.44
C ASN A 206 -10.94 47.55 23.71
N VAL A 207 -11.21 46.45 24.39
CA VAL A 207 -10.99 45.11 23.87
C VAL A 207 -12.28 44.57 23.32
N ASN A 208 -12.24 44.22 22.06
CA ASN A 208 -13.39 43.69 21.39
C ASN A 208 -12.99 42.35 20.79
N HIS A 209 -13.74 41.31 21.12
CA HIS A 209 -13.52 39.95 20.64
C HIS A 209 -14.80 39.49 19.97
N LYS A 210 -14.86 39.65 18.63
CA LYS A 210 -16.03 39.32 17.81
C LYS A 210 -16.47 37.84 17.95
N PRO A 211 -15.58 36.82 17.86
CA PRO A 211 -16.04 35.42 17.92
C PRO A 211 -16.90 35.01 19.13
N SER A 212 -16.74 35.65 20.28
CA SER A 212 -17.56 35.36 21.46
C SER A 212 -18.47 36.55 21.74
N ASN A 213 -18.48 37.53 20.79
CA ASN A 213 -19.24 38.79 20.81
C ASN A 213 -19.18 39.44 22.20
N THR A 214 -17.95 39.60 22.72
CA THR A 214 -17.64 40.21 24.01
C THR A 214 -16.90 41.56 23.82
N LYS A 215 -17.29 42.58 24.61
CA LYS A 215 -16.67 43.90 24.57
C LYS A 215 -16.29 44.29 25.99
N VAL A 216 -15.00 44.60 26.21
CA VAL A 216 -14.51 44.97 27.52
C VAL A 216 -13.76 46.30 27.45
N ASP A 217 -14.10 47.18 28.41
CA ASP A 217 -13.51 48.50 28.57
C ASP A 217 -12.88 48.53 29.98
N LYS A 218 -11.55 48.36 30.05
CA LYS A 218 -10.81 48.38 31.30
C LYS A 218 -10.03 49.69 31.44
N LYS A 219 -10.26 50.38 32.58
CA LYS A 219 -9.59 51.63 32.91
C LYS A 219 -8.27 51.25 33.57
N VAL A 220 -7.17 51.89 33.11
CA VAL A 220 -5.82 51.64 33.61
C VAL A 220 -5.38 52.80 34.48
N GLU A 221 -5.28 52.55 35.79
CA GLU A 221 -4.93 53.52 36.82
C GLU A 221 -3.61 53.18 37.48
N PRO A 222 -2.86 54.18 38.00
CA PRO A 222 -1.66 53.86 38.80
C PRO A 222 -2.12 53.18 40.09
N LYS A 223 -1.45 52.09 40.50
CA LYS A 223 -1.83 51.29 41.69
C LYS A 223 -1.70 52.08 43.00
N SER A 224 -2.85 52.40 43.61
CA SER A 224 -2.96 53.11 44.89
C SER A 224 -2.47 52.18 46.01
N CYS A 225 -1.24 52.41 46.49
CA CYS A 225 -0.60 51.59 47.52
C CYS A 225 -0.68 52.20 48.92
N ALA A 226 -1.17 51.40 49.90
CA ALA A 226 -1.31 51.80 51.30
C ALA A 226 -1.01 50.64 52.24
N ASP B 1 10.90 18.60 -3.62
CA ASP B 1 12.10 18.02 -4.22
C ASP B 1 13.13 19.09 -4.63
N ILE B 2 12.66 20.23 -5.25
CA ILE B 2 13.55 21.33 -5.62
C ILE B 2 13.57 22.27 -4.43
N VAL B 3 14.76 22.53 -3.85
CA VAL B 3 14.88 23.43 -2.70
C VAL B 3 15.31 24.81 -3.15
N MET B 4 14.55 25.81 -2.73
CA MET B 4 14.76 27.23 -3.02
C MET B 4 15.37 27.89 -1.80
N THR B 5 16.55 28.48 -1.97
CA THR B 5 17.31 29.09 -0.90
C THR B 5 17.59 30.54 -1.19
N GLN B 6 16.99 31.40 -0.38
CA GLN B 6 17.09 32.86 -0.45
C GLN B 6 18.11 33.43 0.52
N SER B 7 18.84 34.43 0.03
CA SER B 7 19.86 35.08 0.84
C SER B 7 19.93 36.59 0.54
N PRO B 8 20.13 37.41 1.59
CA PRO B 8 20.24 37.03 3.01
C PRO B 8 18.86 36.89 3.64
N GLY B 9 18.79 36.57 4.93
CA GLY B 9 17.52 36.48 5.63
C GLY B 9 16.87 37.85 5.80
N THR B 10 17.69 38.89 6.10
CA THR B 10 17.31 40.29 6.33
C THR B 10 18.31 41.21 5.59
N LEU B 11 17.81 42.28 5.01
CA LEU B 11 18.60 43.28 4.35
C LEU B 11 18.23 44.58 5.00
N SER B 12 19.20 45.26 5.62
CA SER B 12 18.99 46.50 6.36
C SER B 12 19.51 47.60 5.53
N LEU B 13 18.62 48.33 4.86
CA LEU B 13 19.09 49.38 3.97
C LEU B 13 18.32 50.67 4.17
N SER B 14 18.89 51.79 3.74
CA SER B 14 18.24 53.10 3.82
C SER B 14 17.45 53.32 2.55
N PRO B 15 16.34 54.12 2.59
CA PRO B 15 15.65 54.47 1.33
C PRO B 15 16.61 55.14 0.38
N GLY B 16 16.51 54.81 -0.90
CA GLY B 16 17.37 55.36 -1.94
C GLY B 16 18.51 54.43 -2.29
N GLU B 17 18.78 53.45 -1.46
CA GLU B 17 19.86 52.49 -1.69
C GLU B 17 19.41 51.38 -2.64
N ARG B 18 20.41 50.75 -3.26
CA ARG B 18 20.12 49.63 -4.15
C ARG B 18 20.04 48.36 -3.34
N ALA B 19 19.02 47.54 -3.62
CA ALA B 19 18.84 46.26 -2.97
C ALA B 19 18.99 45.14 -3.99
N THR B 20 19.86 44.15 -3.71
CA THR B 20 20.05 42.99 -4.55
C THR B 20 19.76 41.74 -3.67
N LEU B 21 18.73 40.99 -4.06
CA LEU B 21 18.24 39.78 -3.36
C LEU B 21 18.57 38.55 -4.19
N SER B 22 19.07 37.50 -3.54
CA SER B 22 19.44 36.24 -4.17
C SER B 22 18.46 35.12 -3.91
N CYS B 23 18.31 34.27 -4.92
CA CYS B 23 17.50 33.05 -4.88
C CYS B 23 18.29 31.95 -5.59
N ARG B 24 18.54 30.86 -4.89
CA ARG B 24 19.25 29.70 -5.43
C ARG B 24 18.38 28.47 -5.47
N ALA B 25 18.40 27.77 -6.61
CA ALA B 25 17.65 26.52 -6.79
C ALA B 25 18.59 25.33 -6.64
N SER B 26 18.10 24.25 -6.05
CA SER B 26 18.88 23.01 -5.88
C SER B 26 19.19 22.35 -7.22
N GLN B 27 18.40 22.61 -8.26
CA GLN B 27 18.59 22.14 -9.65
C GLN B 27 17.99 23.11 -10.65
N ASN B 28 18.35 22.98 -11.93
CA ASN B 28 17.85 23.89 -12.99
C ASN B 28 16.30 24.08 -12.96
N VAL B 29 15.81 25.36 -13.06
CA VAL B 29 14.36 25.65 -13.02
C VAL B 29 13.82 26.31 -14.29
N TYR B 30 14.71 26.53 -15.29
CA TYR B 30 14.49 27.08 -16.64
C TYR B 30 13.36 28.07 -16.84
N SER B 31 13.41 29.30 -16.45
CA SER B 31 12.22 30.18 -16.74
C SER B 31 10.98 29.98 -15.82
N TYR B 32 10.89 28.86 -15.10
CA TYR B 32 9.76 28.61 -14.20
C TYR B 32 10.10 29.16 -12.80
N LEU B 33 10.28 30.48 -12.73
CA LEU B 33 10.60 31.22 -11.53
C LEU B 33 9.85 32.55 -11.44
N GLY B 34 9.22 32.79 -10.29
CA GLY B 34 8.50 34.03 -10.00
C GLY B 34 9.00 34.69 -8.74
N TRP B 35 8.89 36.03 -8.64
CA TRP B 35 9.25 36.80 -7.44
C TRP B 35 7.99 37.52 -6.91
N TYR B 36 7.82 37.51 -5.56
CA TYR B 36 6.69 38.05 -4.80
C TYR B 36 7.12 38.98 -3.72
N GLN B 37 6.26 39.96 -3.42
CA GLN B 37 6.40 40.93 -2.36
C GLN B 37 5.26 40.62 -1.37
N HIS B 38 5.55 40.66 -0.10
CA HIS B 38 4.52 40.44 0.91
C HIS B 38 4.65 41.45 2.04
N LYS B 39 3.57 42.21 2.26
CA LYS B 39 3.45 43.21 3.31
C LYS B 39 2.56 42.65 4.41
N PRO B 40 2.93 42.88 5.69
CA PRO B 40 2.22 42.27 6.83
C PRO B 40 0.74 41.91 6.70
N GLY B 41 -0.19 42.84 6.54
CA GLY B 41 -1.59 42.38 6.48
C GLY B 41 -2.19 42.36 5.09
N ARG B 42 -1.38 42.08 4.07
CA ARG B 42 -1.79 42.10 2.67
C ARG B 42 -1.54 40.77 1.96
N SER B 43 -2.14 40.61 0.80
CA SER B 43 -1.98 39.43 -0.01
C SER B 43 -0.61 39.47 -0.66
N PRO B 44 0.06 38.33 -0.95
CA PRO B 44 1.31 38.40 -1.72
C PRO B 44 1.05 39.06 -3.08
N ARG B 45 2.08 39.70 -3.62
CA ARG B 45 1.96 40.43 -4.86
C ARG B 45 3.02 39.95 -5.86
N LEU B 46 2.60 39.60 -7.10
CA LEU B 46 3.52 39.18 -8.14
C LEU B 46 4.33 40.36 -8.64
N LEU B 47 5.67 40.25 -8.61
CA LEU B 47 6.55 41.31 -9.09
C LEU B 47 7.08 40.97 -10.47
N ILE B 48 7.73 39.81 -10.54
CA ILE B 48 8.35 39.27 -11.73
C ILE B 48 7.86 37.84 -11.94
N PHE B 49 7.55 37.50 -13.18
CA PHE B 49 7.18 36.15 -13.58
C PHE B 49 8.13 35.74 -14.74
N GLY B 50 8.37 34.45 -14.87
CA GLY B 50 9.23 33.92 -15.94
C GLY B 50 10.61 34.52 -15.95
N VAL B 51 11.23 34.57 -14.75
CA VAL B 51 12.57 35.05 -14.34
C VAL B 51 12.77 36.56 -14.53
N THR B 52 12.24 37.10 -15.62
CA THR B 52 12.58 38.39 -16.14
C THR B 52 11.41 39.35 -16.37
N SER B 53 10.21 38.85 -16.58
CA SER B 53 9.06 39.67 -16.95
C SER B 53 8.38 40.38 -15.77
N ARG B 54 8.21 41.70 -15.90
CA ARG B 54 7.55 42.52 -14.89
C ARG B 54 6.05 42.38 -14.99
N ALA B 55 5.38 42.12 -13.87
CA ALA B 55 3.93 41.99 -13.83
C ALA B 55 3.29 43.38 -14.07
N THR B 56 1.97 43.40 -14.30
CA THR B 56 1.17 44.61 -14.49
C THR B 56 1.30 45.55 -13.28
N GLY B 57 1.67 46.78 -13.56
CA GLY B 57 1.81 47.82 -12.56
C GLY B 57 3.07 47.76 -11.72
N VAL B 58 3.98 46.82 -12.00
CA VAL B 58 5.18 46.76 -11.19
C VAL B 58 6.16 47.83 -11.70
N PRO B 59 6.66 48.72 -10.80
CA PRO B 59 7.56 49.79 -11.25
C PRO B 59 8.87 49.25 -11.79
N ASP B 60 9.44 49.94 -12.79
CA ASP B 60 10.65 49.51 -13.48
C ASP B 60 11.93 49.53 -12.62
N ARG B 61 11.84 49.97 -11.35
CA ARG B 61 12.97 49.91 -10.40
C ARG B 61 13.18 48.46 -9.97
N PHE B 62 12.17 47.60 -10.17
CA PHE B 62 12.21 46.17 -9.87
C PHE B 62 12.61 45.42 -11.11
N SER B 63 13.63 44.58 -11.02
CA SER B 63 14.05 43.79 -12.18
C SER B 63 14.54 42.42 -11.76
N GLY B 64 14.25 41.42 -12.58
CA GLY B 64 14.68 40.05 -12.34
C GLY B 64 15.72 39.62 -13.36
N SER B 65 16.70 38.87 -12.92
CA SER B 65 17.73 38.30 -13.78
C SER B 65 18.19 36.97 -13.22
N GLY B 66 19.03 36.30 -13.99
CA GLY B 66 19.60 35.01 -13.62
C GLY B 66 19.24 33.90 -14.57
N SER B 67 19.75 32.70 -14.30
CA SER B 67 19.50 31.53 -15.12
C SER B 67 19.88 30.28 -14.41
N GLY B 68 19.16 29.22 -14.76
CA GLY B 68 19.36 27.88 -14.23
C GLY B 68 19.08 27.71 -12.77
N THR B 69 20.10 27.95 -11.96
CA THR B 69 20.07 27.72 -10.52
C THR B 69 20.29 29.01 -9.69
N ASP B 70 20.74 30.10 -10.32
CA ASP B 70 21.05 31.33 -9.60
C ASP B 70 20.24 32.55 -10.11
N PHE B 71 19.33 33.07 -9.27
CA PHE B 71 18.47 34.21 -9.64
C PHE B 71 18.61 35.44 -8.72
N THR B 72 18.39 36.62 -9.29
CA THR B 72 18.49 37.89 -8.57
C THR B 72 17.26 38.78 -8.82
N LEU B 73 16.80 39.49 -7.78
CA LEU B 73 15.77 40.51 -7.85
C LEU B 73 16.49 41.79 -7.41
N THR B 74 16.53 42.76 -8.29
CA THR B 74 17.16 44.04 -8.01
C THR B 74 16.10 45.10 -7.84
N ILE B 75 16.15 45.81 -6.72
CA ILE B 75 15.30 46.95 -6.55
C ILE B 75 16.31 48.15 -6.57
N SER B 76 16.44 48.86 -7.72
CA SER B 76 17.47 49.86 -8.00
C SER B 76 17.56 51.05 -7.03
N ARG B 77 16.44 51.42 -6.48
CA ARG B 77 16.29 52.52 -5.57
C ARG B 77 15.19 52.08 -4.62
N LEU B 78 15.53 51.85 -3.36
CA LEU B 78 14.51 51.51 -2.40
C LEU B 78 13.65 52.73 -2.05
N GLU B 79 12.36 52.68 -2.45
CA GLU B 79 11.43 53.72 -2.07
C GLU B 79 10.81 53.26 -0.74
N PRO B 80 10.28 54.15 0.10
CA PRO B 80 9.71 53.69 1.40
C PRO B 80 8.68 52.55 1.37
N GLU B 81 7.97 52.37 0.24
CA GLU B 81 6.95 51.33 0.07
C GLU B 81 7.50 49.94 -0.32
N ASP B 82 8.82 49.84 -0.60
CA ASP B 82 9.47 48.60 -1.01
C ASP B 82 10.03 47.83 0.16
N PHE B 83 9.91 48.37 1.38
CA PHE B 83 10.38 47.67 2.57
C PHE B 83 9.31 46.69 2.89
N ALA B 84 9.60 45.42 2.55
CA ALA B 84 8.66 44.30 2.69
C ALA B 84 9.48 43.01 2.79
N VAL B 85 8.80 41.85 2.75
CA VAL B 85 9.37 40.49 2.71
C VAL B 85 9.24 40.01 1.26
N TYR B 86 10.34 39.52 0.67
CA TYR B 86 10.36 39.05 -0.72
C TYR B 86 10.60 37.55 -0.87
N TYR B 87 9.72 36.84 -1.61
CA TYR B 87 9.85 35.40 -1.88
C TYR B 87 10.08 35.10 -3.35
N CYS B 88 10.84 34.03 -3.63
CA CYS B 88 10.95 33.50 -4.97
C CYS B 88 10.16 32.19 -4.96
N GLN B 89 9.66 31.75 -6.11
CA GLN B 89 8.93 30.50 -6.21
C GLN B 89 9.31 29.86 -7.53
N GLN B 90 9.41 28.53 -7.48
CA GLN B 90 9.80 27.70 -8.61
C GLN B 90 8.57 26.83 -9.07
N TYR B 91 8.43 26.63 -10.40
CA TYR B 91 7.32 25.83 -10.97
C TYR B 91 7.87 24.73 -11.89
N ALA B 92 9.19 24.43 -11.78
CA ALA B 92 9.93 23.47 -12.64
C ALA B 92 9.80 22.02 -12.25
N GLY B 93 9.50 21.76 -10.98
CA GLY B 93 9.34 20.41 -10.48
C GLY B 93 7.91 20.11 -10.09
N SER B 94 7.74 18.95 -9.46
CA SER B 94 6.51 18.42 -8.85
C SER B 94 6.58 19.18 -7.54
N ALA B 95 5.51 19.84 -7.10
CA ALA B 95 5.56 20.75 -5.91
C ALA B 95 6.31 22.05 -6.25
N TYR B 96 5.58 23.16 -6.22
CA TYR B 96 6.07 24.47 -6.60
C TYR B 96 6.54 25.22 -5.38
N THR B 97 7.73 24.92 -4.92
CA THR B 97 8.25 25.47 -3.67
C THR B 97 8.74 26.92 -3.70
N PHE B 98 8.54 27.59 -2.56
CA PHE B 98 8.98 28.95 -2.29
C PHE B 98 10.31 28.92 -1.54
N GLY B 99 11.06 30.02 -1.62
CA GLY B 99 12.23 30.26 -0.77
C GLY B 99 11.70 30.63 0.61
N GLN B 100 12.56 30.78 1.60
CA GLN B 100 12.12 31.14 2.98
C GLN B 100 11.74 32.62 3.15
N GLY B 101 12.12 33.45 2.18
CA GLY B 101 11.86 34.89 2.21
C GLY B 101 13.07 35.69 2.67
N THR B 102 13.24 36.89 2.10
CA THR B 102 14.26 37.85 2.47
C THR B 102 13.51 39.10 2.94
N LYS B 103 13.68 39.50 4.21
CA LYS B 103 13.02 40.72 4.69
C LYS B 103 13.90 41.91 4.36
N VAL B 104 13.34 42.92 3.70
CA VAL B 104 14.07 44.16 3.39
C VAL B 104 13.53 45.17 4.40
N GLU B 105 14.39 45.64 5.34
CA GLU B 105 14.00 46.57 6.42
C GLU B 105 14.80 47.89 6.41
N ILE B 106 14.24 48.94 7.07
CA ILE B 106 14.86 50.26 7.12
C ILE B 106 16.04 50.27 8.09
N LYS B 107 17.24 50.57 7.57
CA LYS B 107 18.41 50.77 8.37
C LYS B 107 18.28 52.18 8.88
N ARG B 108 18.48 52.32 10.17
CA ARG B 108 18.46 53.60 10.84
C ARG B 108 19.50 53.48 11.91
N THR B 109 19.75 54.58 12.59
CA THR B 109 20.69 54.74 13.70
C THR B 109 20.28 53.84 14.91
N VAL B 110 21.27 53.38 15.69
CA VAL B 110 21.00 52.48 16.83
C VAL B 110 20.19 53.21 17.92
N ALA B 111 19.10 52.60 18.34
CA ALA B 111 18.25 53.17 19.39
C ALA B 111 18.10 52.13 20.51
N ALA B 112 18.36 52.53 21.73
CA ALA B 112 18.25 51.63 22.85
C ALA B 112 16.83 51.55 23.33
N PRO B 113 16.39 50.40 23.87
CA PRO B 113 15.00 50.34 24.38
C PRO B 113 14.80 51.01 25.72
N SER B 114 13.64 51.62 25.97
CA SER B 114 13.25 52.05 27.30
C SER B 114 12.63 50.73 27.84
N VAL B 115 13.02 50.32 29.04
CA VAL B 115 12.59 49.03 29.61
C VAL B 115 11.62 49.25 30.78
N PHE B 116 10.53 48.45 30.82
CA PHE B 116 9.50 48.53 31.86
C PHE B 116 9.08 47.15 32.29
N ILE B 117 8.91 46.93 33.61
CA ILE B 117 8.44 45.70 34.19
C ILE B 117 7.07 45.98 34.80
N PHE B 118 6.14 45.02 34.63
CA PHE B 118 4.80 45.14 35.19
C PHE B 118 4.53 43.89 36.03
N PRO B 119 4.25 44.05 37.35
CA PRO B 119 3.88 42.88 38.18
C PRO B 119 2.47 42.39 37.83
N PRO B 120 2.05 41.17 38.22
CA PRO B 120 0.65 40.77 37.93
C PRO B 120 -0.36 41.62 38.71
N SER B 121 -1.51 41.87 38.10
CA SER B 121 -2.58 42.62 38.75
C SER B 121 -3.21 41.78 39.87
N ASP B 122 -3.98 42.45 40.76
CA ASP B 122 -4.68 41.75 41.85
C ASP B 122 -5.86 40.98 41.27
N GLU B 123 -6.42 41.50 40.18
CA GLU B 123 -7.54 40.90 39.47
C GLU B 123 -7.13 39.54 38.93
N GLN B 124 -5.93 39.46 38.31
CA GLN B 124 -5.38 38.23 37.73
C GLN B 124 -5.03 37.22 38.81
N LEU B 125 -4.37 37.64 39.90
CA LEU B 125 -3.98 36.73 40.98
C LEU B 125 -5.18 36.01 41.62
N LYS B 126 -6.32 36.71 41.69
CA LYS B 126 -7.60 36.20 42.21
C LYS B 126 -8.10 35.01 41.34
N SER B 127 -7.66 34.95 40.06
CA SER B 127 -7.99 33.92 39.05
C SER B 127 -7.14 32.67 39.20
N GLY B 128 -6.01 32.78 39.90
CA GLY B 128 -5.12 31.64 40.14
C GLY B 128 -3.86 31.61 39.31
N THR B 129 -3.63 32.62 38.50
CA THR B 129 -2.46 32.73 37.63
C THR B 129 -1.73 34.09 37.89
N ALA B 130 -0.52 34.21 37.40
CA ALA B 130 0.32 35.40 37.52
C ALA B 130 1.15 35.58 36.24
N SER B 131 1.00 36.74 35.59
CA SER B 131 1.80 37.08 34.40
C SER B 131 2.58 38.33 34.68
N VAL B 132 3.91 38.23 34.52
CA VAL B 132 4.82 39.37 34.69
C VAL B 132 5.24 39.76 33.28
N VAL B 133 5.03 41.04 32.92
CA VAL B 133 5.33 41.59 31.60
C VAL B 133 6.55 42.52 31.62
N CYS B 134 7.47 42.29 30.66
CA CYS B 134 8.66 43.08 30.41
C CYS B 134 8.47 43.71 29.02
N LEU B 135 8.38 45.05 28.98
CA LEU B 135 8.27 45.83 27.76
C LEU B 135 9.63 46.51 27.44
N LEU B 136 10.08 46.38 26.17
CA LEU B 136 11.29 46.98 25.60
C LEU B 136 10.73 47.87 24.49
N ASN B 137 10.65 49.17 24.72
CA ASN B 137 10.03 50.12 23.82
C ASN B 137 10.99 50.89 22.90
N ASN B 138 10.66 50.95 21.60
CA ASN B 138 11.31 51.70 20.52
C ASN B 138 12.83 51.56 20.43
N PHE B 139 13.29 50.38 20.07
CA PHE B 139 14.69 50.07 19.85
C PHE B 139 14.94 49.63 18.40
N TYR B 140 16.20 49.71 17.99
CA TYR B 140 16.70 49.32 16.69
C TYR B 140 18.20 49.04 16.88
N PRO B 141 18.77 47.96 16.31
CA PRO B 141 18.14 46.93 15.47
C PRO B 141 17.19 46.00 16.27
N ARG B 142 16.45 45.17 15.54
CA ARG B 142 15.50 44.15 16.01
C ARG B 142 16.06 43.20 17.08
N GLU B 143 17.32 42.82 16.94
CA GLU B 143 17.98 41.86 17.84
C GLU B 143 18.09 42.36 19.25
N ALA B 144 17.51 41.63 20.21
CA ALA B 144 17.52 41.94 21.66
C ALA B 144 17.41 40.65 22.40
N LYS B 145 18.01 40.59 23.60
CA LYS B 145 17.94 39.40 24.46
C LYS B 145 17.26 39.80 25.76
N VAL B 146 16.26 39.01 26.17
CA VAL B 146 15.48 39.18 27.41
C VAL B 146 15.66 37.93 28.27
N GLN B 147 16.02 38.11 29.52
CA GLN B 147 16.24 37.01 30.46
C GLN B 147 15.47 37.27 31.71
N TRP B 148 14.70 36.27 32.14
CA TRP B 148 13.93 36.39 33.37
C TRP B 148 14.69 35.71 34.51
N LYS B 149 14.82 36.43 35.64
CA LYS B 149 15.44 35.94 36.86
C LYS B 149 14.42 36.03 38.00
N VAL B 150 14.20 34.94 38.71
CA VAL B 150 13.25 34.88 39.84
C VAL B 150 14.09 34.49 41.08
N ASP B 151 14.27 35.45 42.02
CA ASP B 151 15.12 35.33 43.22
C ASP B 151 16.54 34.89 42.77
N ASN B 152 17.03 35.57 41.71
CA ASN B 152 18.32 35.42 41.02
C ASN B 152 18.46 34.09 40.22
N ALA B 153 17.39 33.27 40.16
CA ALA B 153 17.43 32.03 39.37
C ALA B 153 16.90 32.25 37.92
N LEU B 154 17.72 31.91 36.91
CA LEU B 154 17.43 32.05 35.48
C LEU B 154 16.29 31.14 35.06
N GLN B 155 15.28 31.74 34.42
CA GLN B 155 14.10 31.04 33.97
C GLN B 155 14.26 30.45 32.60
N SER B 156 13.55 29.36 32.33
CA SER B 156 13.51 28.71 31.02
C SER B 156 12.18 28.00 30.78
N GLY B 157 11.66 28.16 29.56
CA GLY B 157 10.43 27.54 29.08
C GLY B 157 9.10 28.08 29.59
N ASN B 158 9.14 29.16 30.43
CA ASN B 158 7.93 29.72 31.02
C ASN B 158 7.66 31.20 30.64
N SER B 159 8.33 31.65 29.58
CA SER B 159 8.10 33.00 29.03
C SER B 159 7.91 32.89 27.53
N GLN B 160 7.14 33.86 26.99
CA GLN B 160 6.84 34.02 25.57
C GLN B 160 7.03 35.48 25.19
N GLU B 161 7.65 35.69 23.99
CA GLU B 161 7.97 37.00 23.44
C GLU B 161 7.13 37.31 22.21
N SER B 162 6.96 38.60 21.94
CA SER B 162 6.24 39.13 20.78
C SER B 162 6.89 40.44 20.37
N VAL B 163 7.08 40.68 19.06
CA VAL B 163 7.69 41.88 18.43
C VAL B 163 6.65 42.51 17.50
N THR B 164 6.66 43.86 17.36
CA THR B 164 5.60 44.63 16.68
C THR B 164 5.56 44.82 15.17
N GLU B 165 6.69 44.90 14.46
CA GLU B 165 6.79 45.26 12.99
C GLU B 165 7.39 46.64 13.00
N GLN B 166 8.40 46.85 12.19
CA GLN B 166 9.11 48.12 12.09
C GLN B 166 8.12 49.29 11.99
N ASP B 167 8.25 50.25 12.87
CA ASP B 167 7.39 51.41 12.95
C ASP B 167 7.51 52.31 11.74
N SER B 168 6.34 52.70 11.18
CA SER B 168 6.20 53.58 10.01
C SER B 168 6.95 54.89 10.15
N LYS B 169 6.77 55.60 11.30
CA LYS B 169 7.40 56.90 11.53
C LYS B 169 8.87 56.83 12.00
N ASP B 170 9.20 56.11 13.12
CA ASP B 170 10.58 56.16 13.62
C ASP B 170 11.50 54.94 13.26
N SER B 171 10.98 53.87 12.60
CA SER B 171 11.74 52.68 12.13
C SER B 171 12.29 51.80 13.27
N THR B 172 11.64 51.84 14.44
CA THR B 172 12.02 51.01 15.59
C THR B 172 11.09 49.81 15.74
N TYR B 173 11.43 48.96 16.71
CA TYR B 173 10.71 47.75 17.07
C TYR B 173 10.44 47.90 18.52
N SER B 174 9.40 47.24 18.99
CA SER B 174 9.04 47.10 20.39
C SER B 174 8.85 45.62 20.61
N LEU B 175 9.16 45.17 21.83
CA LEU B 175 9.15 43.76 22.22
C LEU B 175 8.46 43.69 23.59
N SER B 176 7.64 42.64 23.75
CA SER B 176 6.93 42.29 24.96
C SER B 176 7.28 40.85 25.31
N SER B 177 7.68 40.62 26.55
CA SER B 177 8.01 39.30 27.08
C SER B 177 7.15 39.06 28.31
N THR B 178 6.45 37.92 28.32
CA THR B 178 5.57 37.56 29.43
C THR B 178 6.05 36.30 30.11
N LEU B 179 6.32 36.40 31.42
CA LEU B 179 6.66 35.26 32.27
C LEU B 179 5.33 34.81 32.91
N THR B 180 4.90 33.57 32.64
CA THR B 180 3.62 33.08 33.17
C THR B 180 3.82 32.01 34.24
N LEU B 181 3.16 32.19 35.40
CA LEU B 181 3.21 31.25 36.54
C LEU B 181 1.86 31.10 37.20
N SER B 182 1.69 29.99 37.93
CA SER B 182 0.51 29.76 38.79
C SER B 182 0.65 30.70 40.00
N LYS B 183 -0.48 31.01 40.69
CA LYS B 183 -0.46 31.84 41.91
C LYS B 183 0.37 31.11 42.95
N ALA B 184 0.28 29.77 43.01
CA ALA B 184 1.05 28.95 43.92
C ALA B 184 2.55 29.22 43.76
N ASP B 185 3.08 29.06 42.53
CA ASP B 185 4.51 29.25 42.23
C ASP B 185 4.98 30.69 42.37
N TYR B 186 4.17 31.65 41.95
CA TYR B 186 4.47 33.07 42.07
C TYR B 186 4.69 33.47 43.54
N GLU B 187 3.86 32.93 44.45
CA GLU B 187 3.93 33.18 45.90
C GLU B 187 5.17 32.57 46.57
N LYS B 188 5.87 31.64 45.89
CA LYS B 188 7.06 30.99 46.41
C LYS B 188 8.32 31.89 46.30
N HIS B 189 8.23 33.09 45.67
CA HIS B 189 9.43 33.92 45.45
C HIS B 189 9.20 35.41 45.67
N LYS B 190 10.28 36.18 45.91
CA LYS B 190 10.20 37.63 46.18
C LYS B 190 10.60 38.55 45.01
N VAL B 191 11.80 38.37 44.45
CA VAL B 191 12.33 39.29 43.43
C VAL B 191 12.07 38.78 42.01
N TYR B 192 11.32 39.58 41.24
CA TYR B 192 11.02 39.30 39.83
C TYR B 192 11.76 40.30 38.95
N ALA B 193 12.67 39.81 38.11
CA ALA B 193 13.47 40.69 37.26
C ALA B 193 13.66 40.24 35.82
N CYS B 194 13.63 41.22 34.88
CA CYS B 194 14.00 40.95 33.48
C CYS B 194 15.26 41.76 33.16
N GLU B 195 16.26 41.08 32.61
CA GLU B 195 17.55 41.64 32.23
C GLU B 195 17.57 41.74 30.68
N VAL B 196 17.81 42.96 30.15
CA VAL B 196 17.81 43.26 28.72
C VAL B 196 19.24 43.51 28.17
N THR B 197 19.59 42.81 27.09
CA THR B 197 20.88 42.98 26.41
C THR B 197 20.54 43.50 25.03
N HIS B 198 21.10 44.63 24.63
CA HIS B 198 20.89 45.24 23.32
C HIS B 198 22.11 46.09 22.96
N GLN B 199 22.44 46.16 21.67
CA GLN B 199 23.52 46.94 21.09
C GLN B 199 23.56 48.41 21.55
N GLY B 200 22.39 49.01 21.78
CA GLY B 200 22.27 50.38 22.24
C GLY B 200 22.45 50.58 23.73
N LEU B 201 22.58 49.47 24.49
CA LEU B 201 22.80 49.52 25.96
C LEU B 201 24.28 49.26 26.23
N SER B 202 24.97 50.18 26.97
CA SER B 202 26.41 50.06 27.29
C SER B 202 26.67 48.81 28.11
N SER B 203 25.70 48.42 28.93
CA SER B 203 25.67 47.18 29.71
C SER B 203 24.19 46.70 29.77
N PRO B 204 23.89 45.40 30.03
CA PRO B 204 22.48 45.01 30.20
C PRO B 204 21.68 45.85 31.21
N VAL B 205 20.38 46.06 30.95
CA VAL B 205 19.52 46.84 31.82
C VAL B 205 18.62 45.88 32.57
N THR B 206 18.49 46.04 33.90
CA THR B 206 17.63 45.17 34.72
C THR B 206 16.58 46.00 35.34
N LYS B 207 15.33 45.55 35.23
CA LYS B 207 14.15 46.14 35.88
C LYS B 207 13.59 45.06 36.82
N SER B 208 13.33 45.42 38.07
CA SER B 208 12.86 44.49 39.11
C SER B 208 11.74 45.08 39.93
N PHE B 209 11.18 44.23 40.80
CA PHE B 209 10.20 44.55 41.83
C PHE B 209 10.19 43.39 42.81
N ASN B 210 9.79 43.66 44.05
CA ASN B 210 9.63 42.62 45.08
C ASN B 210 8.14 42.40 45.20
N ARG B 211 7.72 41.14 45.23
CA ARG B 211 6.32 40.71 45.34
C ARG B 211 5.68 41.33 46.58
N GLY B 212 4.55 41.99 46.41
CA GLY B 212 3.84 42.64 47.51
C GLY B 212 4.20 44.10 47.67
N GLU B 213 5.50 44.39 47.82
CA GLU B 213 6.07 45.73 47.96
C GLU B 213 5.74 46.53 46.69
N CYS B 214 4.95 47.63 46.82
CA CYS B 214 4.54 48.45 45.67
C CYS B 214 5.69 49.25 45.02
N LEU C 1 26.36 9.68 -24.10
CA LEU C 1 25.40 10.67 -24.62
C LEU C 1 23.96 10.12 -24.49
N SER C 2 23.03 10.98 -23.94
CA SER C 2 21.58 10.80 -23.71
C SER C 2 21.20 9.79 -22.62
N TYR C 3 20.10 10.12 -21.91
CA TYR C 3 19.53 9.29 -20.86
C TYR C 3 18.70 8.18 -21.51
N GLU C 4 18.79 6.95 -20.98
CA GLU C 4 18.10 5.80 -21.53
C GLU C 4 17.00 5.24 -20.63
N LEU C 5 15.88 4.83 -21.27
CA LEU C 5 14.75 4.18 -20.65
C LEU C 5 14.62 2.77 -21.23
N THR C 6 14.62 1.78 -20.35
CA THR C 6 14.57 0.38 -20.75
C THR C 6 13.24 -0.26 -20.39
N GLN C 7 12.48 -0.63 -21.42
CA GLN C 7 11.20 -1.32 -21.26
C GLN C 7 11.25 -2.71 -21.91
N PRO C 8 10.70 -3.76 -21.25
CA PRO C 8 10.64 -5.10 -21.90
C PRO C 8 9.76 -4.95 -23.13
N PRO C 9 10.10 -5.49 -24.31
CA PRO C 9 9.24 -5.27 -25.47
C PRO C 9 7.86 -5.89 -25.37
N SER C 10 7.72 -6.98 -24.57
CA SER C 10 6.50 -7.76 -24.51
C SER C 10 6.11 -8.31 -23.13
N VAL C 11 4.79 -8.29 -22.84
CA VAL C 11 4.16 -8.79 -21.62
C VAL C 11 2.80 -9.38 -21.97
N SER C 12 2.55 -10.63 -21.53
CA SER C 12 1.29 -11.34 -21.78
C SER C 12 0.62 -11.63 -20.47
N VAL C 13 -0.70 -11.58 -20.47
CA VAL C 13 -1.43 -11.82 -19.24
C VAL C 13 -2.92 -12.01 -19.48
N ALA C 14 -3.63 -12.40 -18.39
CA ALA C 14 -5.06 -12.35 -18.04
C ALA C 14 -6.05 -12.72 -19.15
N PRO C 15 -7.34 -12.26 -19.21
CA PRO C 15 -8.08 -11.29 -18.38
C PRO C 15 -8.25 -11.64 -16.89
N GLY C 16 -8.39 -10.63 -16.04
CA GLY C 16 -8.54 -10.82 -14.59
C GLY C 16 -7.25 -10.84 -13.80
N GLN C 17 -6.11 -11.06 -14.47
CA GLN C 17 -4.81 -11.04 -13.82
C GLN C 17 -4.28 -9.59 -13.76
N THR C 18 -3.10 -9.45 -13.15
CA THR C 18 -2.40 -8.19 -12.98
C THR C 18 -1.18 -8.14 -13.90
N ALA C 19 -1.12 -7.09 -14.74
CA ALA C 19 0.01 -6.85 -15.64
C ALA C 19 0.95 -5.87 -14.97
N ARG C 20 2.24 -6.17 -14.95
CA ARG C 20 3.26 -5.31 -14.40
C ARG C 20 4.27 -5.03 -15.48
N MET C 21 4.49 -3.71 -15.77
CA MET C 21 5.34 -3.20 -16.82
C MET C 21 6.43 -2.30 -16.28
N THR C 22 7.65 -2.75 -16.43
CA THR C 22 8.83 -2.11 -15.93
C THR C 22 9.39 -1.10 -16.90
N CYS C 23 10.01 -0.09 -16.36
CA CYS C 23 10.68 0.97 -17.06
C CYS C 23 11.86 1.33 -16.19
N GLY C 24 13.03 0.90 -16.64
CA GLY C 24 14.27 1.05 -15.92
C GLY C 24 15.11 2.15 -16.48
N GLY C 25 15.88 2.76 -15.59
CA GLY C 25 16.78 3.85 -15.89
C GLY C 25 17.63 4.14 -14.69
N ASN C 26 18.86 4.62 -14.93
CA ASN C 26 19.79 4.95 -13.85
C ASN C 26 19.21 6.10 -12.98
N ASN C 27 18.88 5.75 -11.72
CA ASN C 27 18.29 6.65 -10.73
C ASN C 27 16.98 7.30 -11.26
N ILE C 28 16.05 6.43 -11.72
CA ILE C 28 14.75 6.83 -12.25
C ILE C 28 13.83 7.34 -11.12
N GLY C 29 14.02 6.84 -9.88
CA GLY C 29 13.27 7.25 -8.68
C GLY C 29 13.43 8.72 -8.32
N THR C 30 14.41 9.38 -8.94
CA THR C 30 14.84 10.76 -8.83
C THR C 30 13.99 11.67 -9.75
N LYS C 31 13.44 11.11 -10.85
CA LYS C 31 12.64 11.85 -11.82
C LYS C 31 11.17 11.45 -11.80
N SER C 32 10.28 12.32 -12.36
CA SER C 32 8.83 12.08 -12.52
C SER C 32 8.67 11.19 -13.78
N VAL C 33 7.96 10.08 -13.62
CA VAL C 33 7.76 9.12 -14.70
C VAL C 33 6.31 9.17 -15.13
N HIS C 34 6.08 9.31 -16.44
CA HIS C 34 4.73 9.37 -17.03
C HIS C 34 4.50 8.13 -17.91
N TRP C 35 3.27 7.74 -18.04
CA TRP C 35 2.93 6.55 -18.80
C TRP C 35 1.80 6.82 -19.72
N TYR C 36 2.00 6.39 -20.97
CA TYR C 36 1.03 6.53 -22.05
C TYR C 36 0.62 5.18 -22.62
N GLN C 37 -0.67 5.01 -22.90
CA GLN C 37 -1.30 3.87 -23.53
C GLN C 37 -1.62 4.24 -24.99
N GLN C 38 -1.17 3.43 -25.92
CA GLN C 38 -1.47 3.65 -27.32
C GLN C 38 -2.09 2.39 -27.97
N LYS C 39 -3.30 2.54 -28.47
CA LYS C 39 -4.08 1.52 -29.18
C LYS C 39 -3.94 1.80 -30.68
N PRO C 40 -3.99 0.77 -31.55
CA PRO C 40 -3.76 1.02 -33.00
C PRO C 40 -4.68 2.05 -33.64
N GLY C 41 -4.08 2.85 -34.51
CA GLY C 41 -4.74 3.94 -35.24
C GLY C 41 -4.95 5.19 -34.41
N GLN C 42 -4.50 5.18 -33.13
CA GLN C 42 -4.73 6.27 -32.17
C GLN C 42 -3.43 6.90 -31.65
N ALA C 43 -3.52 8.18 -31.29
CA ALA C 43 -2.43 8.91 -30.64
C ALA C 43 -2.32 8.35 -29.19
N PRO C 44 -1.16 8.43 -28.54
CA PRO C 44 -1.06 7.93 -27.14
C PRO C 44 -2.00 8.59 -26.13
N VAL C 45 -2.24 7.96 -24.99
CA VAL C 45 -3.16 8.48 -23.97
C VAL C 45 -2.48 8.36 -22.62
N LEU C 46 -2.41 9.45 -21.86
CA LEU C 46 -1.80 9.44 -20.54
C LEU C 46 -2.69 8.63 -19.60
N VAL C 47 -2.10 7.62 -18.94
CA VAL C 47 -2.81 6.76 -17.98
C VAL C 47 -2.33 6.96 -16.53
N VAL C 48 -1.05 7.29 -16.34
CA VAL C 48 -0.41 7.55 -15.05
C VAL C 48 0.61 8.69 -15.27
N TYR C 49 0.58 9.71 -14.41
CA TYR C 49 1.52 10.83 -14.49
C TYR C 49 2.15 11.01 -13.11
N ASN C 50 3.37 11.61 -13.06
CA ASN C 50 4.12 11.89 -11.83
C ASN C 50 4.27 10.64 -10.96
N ASP C 51 4.73 9.53 -11.58
CA ASP C 51 4.97 8.20 -11.01
C ASP C 51 3.74 7.43 -10.68
N ARG C 52 2.78 8.03 -9.97
CA ARG C 52 1.63 7.29 -9.44
C ARG C 52 0.26 7.91 -9.57
N ASP C 53 0.15 9.08 -10.15
CA ASP C 53 -1.16 9.71 -10.17
C ASP C 53 -1.94 9.41 -11.42
N ARG C 54 -3.27 9.38 -11.31
CA ARG C 54 -4.16 9.09 -12.41
C ARG C 54 -4.83 10.34 -12.93
N PRO C 55 -4.73 10.66 -14.25
CA PRO C 55 -5.45 11.82 -14.77
C PRO C 55 -6.93 11.53 -14.76
N SER C 56 -7.78 12.57 -14.71
CA SER C 56 -9.23 12.40 -14.71
C SER C 56 -9.73 11.48 -15.80
N GLY C 57 -10.60 10.54 -15.39
CA GLY C 57 -11.24 9.57 -16.27
C GLY C 57 -10.52 8.26 -16.42
N ILE C 58 -9.36 8.10 -15.76
CA ILE C 58 -8.61 6.85 -15.87
C ILE C 58 -9.02 5.94 -14.70
N PRO C 59 -9.50 4.70 -14.99
CA PRO C 59 -9.94 3.78 -13.91
C PRO C 59 -8.85 3.44 -12.90
N GLU C 60 -9.26 3.21 -11.62
CA GLU C 60 -8.37 2.93 -10.49
C GLU C 60 -7.45 1.72 -10.65
N ARG C 61 -7.74 0.83 -11.63
CA ARG C 61 -6.95 -0.39 -11.95
C ARG C 61 -5.50 -0.05 -12.31
N PHE C 62 -5.29 1.16 -12.89
CA PHE C 62 -4.00 1.70 -13.28
C PHE C 62 -3.33 2.32 -12.07
N SER C 63 -2.12 1.87 -11.76
CA SER C 63 -1.35 2.38 -10.65
C SER C 63 0.12 2.37 -11.05
N GLY C 64 0.91 3.18 -10.38
CA GLY C 64 2.32 3.30 -10.68
C GLY C 64 3.18 3.50 -9.46
N SER C 65 4.46 3.16 -9.60
CA SER C 65 5.47 3.29 -8.57
C SER C 65 6.79 3.62 -9.20
N ASN C 66 7.65 4.32 -8.47
CA ASN C 66 8.97 4.68 -8.95
C ASN C 66 9.92 4.68 -7.76
N SER C 67 10.93 3.79 -7.80
CA SER C 67 11.92 3.64 -6.73
C SER C 67 13.25 3.17 -7.29
N GLY C 68 14.29 3.88 -6.88
CA GLY C 68 15.68 3.62 -7.25
C GLY C 68 15.94 3.64 -8.74
N ASN C 69 15.99 2.43 -9.34
CA ASN C 69 16.29 2.28 -10.77
C ASN C 69 15.13 1.69 -11.59
N THR C 70 13.96 1.45 -10.96
CA THR C 70 12.81 0.89 -11.67
C THR C 70 11.48 1.58 -11.36
N ALA C 71 10.78 1.99 -12.42
CA ALA C 71 9.44 2.54 -12.38
C ALA C 71 8.54 1.41 -12.86
N THR C 72 7.31 1.32 -12.33
CA THR C 72 6.42 0.22 -12.68
C THR C 72 5.00 0.69 -12.92
N LEU C 73 4.35 0.19 -14.00
CA LEU C 73 2.95 0.44 -14.29
C LEU C 73 2.25 -0.87 -14.01
N THR C 74 1.24 -0.82 -13.14
CA THR C 74 0.49 -2.00 -12.73
C THR C 74 -0.94 -1.84 -13.20
N ILE C 75 -1.46 -2.85 -13.91
CA ILE C 75 -2.84 -2.85 -14.34
C ILE C 75 -3.47 -4.07 -13.67
N SER C 76 -4.42 -3.82 -12.75
CA SER C 76 -5.16 -4.84 -11.99
C SER C 76 -6.42 -5.22 -12.75
N ARG C 77 -6.93 -6.44 -12.52
CA ARG C 77 -8.17 -6.92 -13.14
C ARG C 77 -8.19 -6.56 -14.65
N VAL C 78 -7.07 -6.88 -15.36
CA VAL C 78 -6.85 -6.59 -16.79
C VAL C 78 -8.05 -7.00 -17.64
N GLU C 79 -8.50 -6.11 -18.54
CA GLU C 79 -9.62 -6.33 -19.45
C GLU C 79 -9.10 -6.47 -20.84
N ASP C 80 -9.93 -6.99 -21.76
CA ASP C 80 -9.55 -7.18 -23.17
C ASP C 80 -9.12 -5.87 -23.83
N GLY C 81 -9.83 -4.79 -23.50
CA GLY C 81 -9.53 -3.45 -24.02
C GLY C 81 -8.20 -2.86 -23.58
N ASP C 82 -7.53 -3.47 -22.59
CA ASP C 82 -6.23 -3.04 -22.10
C ASP C 82 -5.08 -3.45 -23.00
N GLU C 83 -5.36 -4.24 -24.06
CA GLU C 83 -4.34 -4.67 -25.05
C GLU C 83 -3.97 -3.42 -25.85
N ALA C 84 -2.71 -3.01 -25.69
CA ALA C 84 -2.14 -1.78 -26.26
C ALA C 84 -0.63 -1.76 -26.03
N ASP C 85 0.00 -0.66 -26.46
CA ASP C 85 1.42 -0.37 -26.26
C ASP C 85 1.50 0.64 -25.13
N TYR C 86 2.45 0.44 -24.22
CA TYR C 86 2.62 1.29 -23.06
C TYR C 86 4.00 1.89 -23.06
N PHE C 87 4.07 3.23 -23.11
CA PHE C 87 5.35 3.95 -23.14
C PHE C 87 5.60 4.72 -21.90
N CYS C 88 6.80 4.56 -21.31
CA CYS C 88 7.14 5.42 -20.18
C CYS C 88 7.88 6.64 -20.72
N GLN C 89 7.78 7.74 -20.00
CA GLN C 89 8.35 8.99 -20.40
C GLN C 89 8.92 9.73 -19.20
N VAL C 90 9.99 10.47 -19.47
CA VAL C 90 10.74 11.23 -18.47
C VAL C 90 11.33 12.46 -19.17
N TRP C 91 11.71 13.48 -18.40
CA TRP C 91 12.44 14.65 -18.89
C TRP C 91 13.87 14.48 -18.42
N ASP C 92 14.83 14.73 -19.32
CA ASP C 92 16.23 14.64 -18.92
C ASP C 92 16.80 16.04 -18.66
N ASN C 93 17.13 16.37 -17.36
CA ASN C 93 17.73 17.65 -16.93
C ASN C 93 19.12 17.90 -17.55
N TYR C 94 19.91 16.82 -17.74
CA TYR C 94 21.26 16.88 -18.29
C TYR C 94 21.27 17.38 -19.73
N SER C 95 20.56 16.67 -20.64
CA SER C 95 20.53 17.03 -22.07
C SER C 95 19.39 17.96 -22.45
N ASP C 96 18.41 18.18 -21.54
CA ASP C 96 17.21 19.01 -21.73
C ASP C 96 16.31 18.44 -22.83
N HIS C 97 16.12 17.13 -22.82
CA HIS C 97 15.29 16.46 -23.83
C HIS C 97 14.22 15.60 -23.16
N VAL C 98 13.13 15.33 -23.92
CA VAL C 98 12.05 14.44 -23.52
C VAL C 98 12.53 13.06 -23.95
N ILE C 99 12.44 12.09 -23.04
CA ILE C 99 12.86 10.71 -23.32
C ILE C 99 11.67 9.80 -23.20
N PHE C 100 11.47 8.97 -24.22
CA PHE C 100 10.45 7.91 -24.24
C PHE C 100 11.16 6.56 -24.21
N GLY C 101 10.58 5.63 -23.44
CA GLY C 101 10.98 4.23 -23.43
C GLY C 101 10.53 3.60 -24.74
N GLY C 102 11.10 2.45 -25.08
CA GLY C 102 10.83 1.76 -26.33
C GLY C 102 9.44 1.17 -26.49
N GLY C 103 8.67 1.17 -25.40
CA GLY C 103 7.32 0.64 -25.34
C GLY C 103 7.25 -0.85 -25.05
N THR C 104 6.20 -1.24 -24.31
CA THR C 104 5.89 -2.62 -23.97
C THR C 104 4.55 -2.90 -24.60
N LYS C 105 4.48 -3.95 -25.41
CA LYS C 105 3.23 -4.41 -26.01
C LYS C 105 2.58 -5.36 -24.99
N LEU C 106 1.39 -4.99 -24.49
CA LEU C 106 0.66 -5.84 -23.55
C LEU C 106 -0.34 -6.67 -24.33
N THR C 107 -0.16 -7.99 -24.30
CA THR C 107 -1.07 -8.92 -24.97
C THR C 107 -2.00 -9.53 -23.91
N VAL C 108 -3.30 -9.37 -24.13
CA VAL C 108 -4.34 -9.90 -23.25
C VAL C 108 -4.82 -11.22 -23.86
N LEU C 109 -4.55 -12.32 -23.16
CA LEU C 109 -4.86 -13.69 -23.61
C LEU C 109 -6.34 -14.07 -23.41
N GLY C 110 -7.25 -13.22 -23.92
CA GLY C 110 -8.70 -13.38 -23.82
C GLY C 110 -9.45 -13.90 -25.03
N ALA C 111 -8.78 -14.76 -25.85
CA ALA C 111 -9.36 -15.34 -27.08
C ALA C 111 -8.98 -16.81 -27.21
N PRO C 112 -9.93 -17.69 -27.62
CA PRO C 112 -9.57 -19.11 -27.82
C PRO C 112 -8.81 -19.31 -29.13
N LYS C 113 -7.96 -20.36 -29.17
CA LYS C 113 -7.16 -20.71 -30.35
C LYS C 113 -8.08 -21.02 -31.55
N ALA C 114 -7.68 -20.58 -32.74
CA ALA C 114 -8.47 -20.81 -33.96
C ALA C 114 -7.52 -21.13 -35.10
N ALA C 115 -7.87 -22.14 -35.87
CA ALA C 115 -7.05 -22.56 -36.99
C ALA C 115 -7.38 -21.72 -38.23
N PRO C 116 -6.35 -21.47 -39.10
CA PRO C 116 -6.58 -20.69 -40.33
C PRO C 116 -7.52 -21.30 -41.36
N SER C 117 -8.23 -20.44 -42.08
CA SER C 117 -9.18 -20.82 -43.13
C SER C 117 -8.50 -21.29 -44.42
N VAL C 118 -7.52 -20.53 -44.97
CA VAL C 118 -6.71 -20.89 -46.19
C VAL C 118 -7.54 -21.19 -47.49
N THR C 119 -7.45 -20.27 -48.44
CA THR C 119 -8.10 -20.28 -49.76
C THR C 119 -7.00 -19.97 -50.77
N LEU C 120 -6.75 -20.89 -51.74
CA LEU C 120 -5.71 -20.70 -52.75
C LEU C 120 -6.29 -20.55 -54.14
N PHE C 121 -6.00 -19.43 -54.81
CA PHE C 121 -6.45 -19.16 -56.18
C PHE C 121 -5.31 -19.32 -57.20
N PRO C 122 -5.56 -19.97 -58.34
CA PRO C 122 -4.49 -20.08 -59.38
C PRO C 122 -4.45 -18.81 -60.26
N PRO C 123 -3.47 -18.62 -61.20
CA PRO C 123 -3.53 -17.45 -62.09
C PRO C 123 -4.81 -17.42 -62.93
N SER C 124 -5.36 -16.24 -63.15
CA SER C 124 -6.56 -16.11 -63.95
C SER C 124 -6.19 -16.20 -65.42
N SER C 125 -7.19 -16.50 -66.28
CA SER C 125 -6.96 -16.58 -67.73
C SER C 125 -6.50 -15.21 -68.25
N GLU C 126 -7.15 -14.13 -67.76
CA GLU C 126 -6.89 -12.73 -68.08
C GLU C 126 -5.46 -12.32 -67.79
N GLU C 127 -4.87 -12.81 -66.69
CA GLU C 127 -3.49 -12.48 -66.29
C GLU C 127 -2.48 -13.21 -67.16
N LEU C 128 -2.75 -14.51 -67.44
CA LEU C 128 -1.89 -15.33 -68.29
C LEU C 128 -1.84 -14.73 -69.73
N GLN C 129 -2.98 -14.14 -70.20
CA GLN C 129 -3.10 -13.44 -71.47
C GLN C 129 -2.12 -12.25 -71.48
N ALA C 130 -2.01 -11.54 -70.34
CA ALA C 130 -1.10 -10.41 -70.17
C ALA C 130 0.35 -10.86 -69.86
N ASN C 131 0.65 -12.17 -70.11
CA ASN C 131 1.93 -12.86 -69.91
C ASN C 131 2.47 -12.76 -68.47
N LYS C 132 1.58 -12.96 -67.50
CA LYS C 132 1.92 -12.95 -66.08
C LYS C 132 1.16 -14.06 -65.38
N ALA C 133 1.66 -14.51 -64.21
CA ALA C 133 1.04 -15.57 -63.39
C ALA C 133 1.27 -15.31 -61.89
N THR C 134 0.17 -15.10 -61.17
CA THR C 134 0.20 -14.84 -59.73
C THR C 134 -0.68 -15.82 -58.99
N LEU C 135 -0.10 -16.52 -58.03
CA LEU C 135 -0.81 -17.45 -57.15
C LEU C 135 -1.14 -16.69 -55.87
N VAL C 136 -2.39 -16.76 -55.42
CA VAL C 136 -2.87 -16.02 -54.28
C VAL C 136 -3.29 -16.97 -53.17
N CYS C 137 -2.68 -16.83 -51.99
CA CYS C 137 -3.01 -17.64 -50.82
C CYS C 137 -3.53 -16.74 -49.73
N LEU C 138 -4.83 -16.87 -49.44
CA LEU C 138 -5.56 -16.08 -48.48
C LEU C 138 -5.82 -16.90 -47.20
N ILE C 139 -5.22 -16.46 -46.07
CA ILE C 139 -5.26 -17.07 -44.73
C ILE C 139 -6.08 -16.20 -43.80
N SER C 140 -7.15 -16.75 -43.22
CA SER C 140 -7.99 -15.92 -42.35
C SER C 140 -8.48 -16.64 -41.10
N ASP C 141 -9.08 -15.88 -40.17
CA ASP C 141 -9.71 -16.37 -38.95
C ASP C 141 -8.82 -17.20 -38.02
N PHE C 142 -7.53 -16.85 -37.90
CA PHE C 142 -6.64 -17.59 -37.02
C PHE C 142 -6.27 -16.80 -35.76
N TYR C 143 -6.00 -17.52 -34.68
CA TYR C 143 -5.53 -16.97 -33.41
C TYR C 143 -4.66 -18.04 -32.72
N PRO C 144 -3.46 -17.70 -32.17
CA PRO C 144 -2.79 -16.37 -32.13
C PRO C 144 -2.24 -15.92 -33.48
N GLY C 145 -2.04 -14.62 -33.64
CA GLY C 145 -1.65 -14.00 -34.90
C GLY C 145 -0.24 -14.18 -35.42
N ALA C 146 0.10 -15.43 -35.76
CA ALA C 146 1.41 -15.83 -36.28
C ALA C 146 1.26 -17.12 -37.06
N VAL C 147 1.75 -17.10 -38.31
CA VAL C 147 1.73 -18.21 -39.25
C VAL C 147 3.06 -18.23 -39.96
N THR C 148 3.42 -19.39 -40.47
CA THR C 148 4.57 -19.63 -41.30
C THR C 148 3.95 -20.04 -42.66
N VAL C 149 4.30 -19.34 -43.75
CA VAL C 149 3.76 -19.66 -45.08
C VAL C 149 4.88 -20.09 -46.02
N ALA C 150 4.84 -21.34 -46.48
CA ALA C 150 5.82 -21.86 -47.43
C ALA C 150 5.12 -22.31 -48.71
N TRP C 151 5.83 -22.20 -49.85
CA TRP C 151 5.31 -22.58 -51.15
C TRP C 151 6.02 -23.80 -51.74
N LYS C 152 5.28 -24.54 -52.60
CA LYS C 152 5.80 -25.72 -53.29
C LYS C 152 5.39 -25.81 -54.76
N ALA C 153 6.30 -26.37 -55.57
CA ALA C 153 6.14 -26.67 -56.98
C ALA C 153 6.39 -28.17 -57.07
N ASP C 154 5.32 -28.97 -57.36
CA ASP C 154 5.39 -30.44 -57.49
C ASP C 154 6.01 -31.16 -56.25
N SER C 155 5.82 -30.60 -55.03
CA SER C 155 6.34 -31.10 -53.74
C SER C 155 7.82 -30.69 -53.44
N SER C 156 8.37 -29.71 -54.21
CA SER C 156 9.70 -29.13 -54.00
C SER C 156 9.53 -27.68 -53.50
N PRO C 157 10.32 -27.22 -52.51
CA PRO C 157 10.14 -25.84 -52.00
C PRO C 157 10.52 -24.74 -52.97
N VAL C 158 9.85 -23.58 -52.86
CA VAL C 158 10.06 -22.37 -53.68
C VAL C 158 10.19 -21.18 -52.74
N LYS C 159 11.24 -20.36 -52.95
CA LYS C 159 11.49 -19.14 -52.18
C LYS C 159 11.41 -17.89 -53.10
N ALA C 160 11.74 -18.09 -54.40
CA ALA C 160 11.75 -17.07 -55.45
C ALA C 160 10.34 -16.63 -55.83
N GLY C 161 10.15 -15.31 -55.87
CA GLY C 161 8.88 -14.69 -56.19
C GLY C 161 7.78 -14.85 -55.15
N VAL C 162 8.16 -14.86 -53.85
CA VAL C 162 7.21 -14.99 -52.75
C VAL C 162 7.18 -13.70 -51.94
N GLU C 163 5.98 -13.11 -51.81
CA GLU C 163 5.72 -11.91 -51.03
C GLU C 163 4.56 -12.24 -50.07
N THR C 164 4.82 -12.12 -48.75
CA THR C 164 3.86 -12.41 -47.67
C THR C 164 3.69 -11.19 -46.78
N THR C 165 2.45 -10.92 -46.38
CA THR C 165 2.12 -9.84 -45.45
C THR C 165 2.33 -10.36 -44.03
N THR C 166 2.42 -9.43 -43.10
CA THR C 166 2.47 -9.73 -41.68
C THR C 166 1.02 -10.00 -41.24
N PRO C 167 0.74 -10.79 -40.19
CA PRO C 167 -0.66 -10.96 -39.76
C PRO C 167 -1.24 -9.66 -39.23
N SER C 168 -2.49 -9.38 -39.58
CA SER C 168 -3.20 -8.17 -39.15
C SER C 168 -4.46 -8.60 -38.42
N LYS C 169 -4.89 -7.83 -37.43
CA LYS C 169 -6.11 -8.13 -36.68
C LYS C 169 -7.35 -7.78 -37.50
N GLN C 170 -8.29 -8.72 -37.55
CA GLN C 170 -9.56 -8.59 -38.25
C GLN C 170 -10.57 -7.97 -37.28
N SER C 171 -11.75 -7.59 -37.78
CA SER C 171 -12.83 -7.00 -37.00
C SER C 171 -13.36 -7.93 -35.88
N ASN C 172 -13.32 -9.25 -36.12
CA ASN C 172 -13.74 -10.29 -35.18
C ASN C 172 -12.64 -10.69 -34.19
N ASN C 173 -11.52 -9.92 -34.17
CA ASN C 173 -10.33 -10.07 -33.32
C ASN C 173 -9.49 -11.33 -33.63
N LYS C 174 -9.74 -11.95 -34.79
CA LYS C 174 -8.92 -13.06 -35.24
C LYS C 174 -7.93 -12.41 -36.23
N TYR C 175 -6.99 -13.17 -36.80
CA TYR C 175 -5.97 -12.62 -37.69
C TYR C 175 -6.10 -13.06 -39.14
N ALA C 176 -5.54 -12.26 -40.07
CA ALA C 176 -5.49 -12.51 -41.52
C ALA C 176 -4.10 -12.27 -42.05
N ALA C 177 -3.71 -13.02 -43.09
CA ALA C 177 -2.45 -12.86 -43.78
C ALA C 177 -2.66 -13.23 -45.26
N SER C 178 -1.72 -12.82 -46.11
CA SER C 178 -1.78 -13.06 -47.56
C SER C 178 -0.42 -13.45 -48.06
N SER C 179 -0.36 -14.40 -48.98
CA SER C 179 0.89 -14.75 -49.62
C SER C 179 0.69 -14.85 -51.13
N TYR C 180 1.61 -14.19 -51.87
CA TYR C 180 1.60 -14.11 -53.31
C TYR C 180 2.81 -14.78 -53.94
N LEU C 181 2.60 -15.74 -54.85
CA LEU C 181 3.68 -16.37 -55.59
C LEU C 181 3.65 -15.90 -57.04
N SER C 182 4.71 -15.20 -57.45
CA SER C 182 4.87 -14.69 -58.80
C SER C 182 5.65 -15.68 -59.65
N LEU C 183 5.03 -16.09 -60.77
CA LEU C 183 5.58 -17.04 -61.74
C LEU C 183 5.48 -16.48 -63.14
N THR C 184 6.14 -17.14 -64.10
CA THR C 184 6.01 -16.84 -65.52
C THR C 184 4.93 -17.81 -66.00
N PRO C 185 4.11 -17.52 -67.03
CA PRO C 185 3.09 -18.51 -67.46
C PRO C 185 3.70 -19.89 -67.81
N GLU C 186 4.97 -19.91 -68.29
CA GLU C 186 5.74 -21.13 -68.64
C GLU C 186 5.99 -21.97 -67.41
N GLN C 187 6.49 -21.35 -66.30
CA GLN C 187 6.72 -21.99 -65.00
C GLN C 187 5.41 -22.59 -64.49
N TRP C 188 4.28 -21.84 -64.61
CA TRP C 188 2.96 -22.27 -64.20
C TRP C 188 2.47 -23.46 -65.00
N LYS C 189 2.60 -23.41 -66.34
CA LYS C 189 2.13 -24.46 -67.24
C LYS C 189 2.97 -25.76 -67.17
N SER C 190 4.30 -25.62 -66.94
CA SER C 190 5.24 -26.73 -66.87
C SER C 190 4.99 -27.73 -65.71
N HIS C 191 4.77 -27.22 -64.48
CA HIS C 191 4.54 -28.09 -63.31
C HIS C 191 3.15 -28.72 -63.30
N LYS C 192 2.99 -29.81 -62.53
CA LYS C 192 1.73 -30.53 -62.41
C LYS C 192 0.83 -29.83 -61.41
N SER C 193 1.47 -29.21 -60.39
CA SER C 193 0.80 -28.52 -59.30
C SER C 193 1.70 -27.56 -58.52
N TYR C 194 1.03 -26.61 -57.84
CA TYR C 194 1.60 -25.63 -56.93
C TYR C 194 0.84 -25.70 -55.61
N SER C 195 1.56 -25.63 -54.49
CA SER C 195 1.00 -25.73 -53.17
C SER C 195 1.34 -24.56 -52.25
N CYS C 196 0.37 -24.20 -51.41
CA CYS C 196 0.48 -23.20 -50.36
C CYS C 196 0.41 -23.95 -49.03
N GLN C 197 1.50 -23.92 -48.23
CA GLN C 197 1.60 -24.61 -46.94
C GLN C 197 1.55 -23.59 -45.82
N VAL C 198 0.50 -23.65 -44.98
CA VAL C 198 0.33 -22.70 -43.87
C VAL C 198 0.45 -23.42 -42.55
N THR C 199 1.46 -23.05 -41.74
CA THR C 199 1.72 -23.66 -40.43
C THR C 199 1.35 -22.66 -39.35
N HIS C 200 0.41 -23.05 -38.48
CA HIS C 200 -0.05 -22.24 -37.35
C HIS C 200 -0.11 -23.16 -36.12
N GLU C 201 0.59 -22.77 -35.04
CA GLU C 201 0.66 -23.51 -33.79
C GLU C 201 1.11 -24.95 -34.00
N GLY C 202 2.18 -25.12 -34.78
CA GLY C 202 2.79 -26.40 -35.10
C GLY C 202 2.01 -27.40 -35.94
N SER C 203 0.89 -26.97 -36.55
CA SER C 203 0.04 -27.81 -37.41
C SER C 203 -0.03 -27.20 -38.82
N THR C 204 0.22 -28.00 -39.86
CA THR C 204 0.24 -27.56 -41.26
C THR C 204 -1.09 -27.82 -42.02
N VAL C 205 -1.59 -26.76 -42.71
CA VAL C 205 -2.77 -26.71 -43.59
C VAL C 205 -2.18 -26.60 -45.00
N GLU C 206 -2.73 -27.33 -45.96
CA GLU C 206 -2.16 -27.29 -47.30
C GLU C 206 -3.22 -27.22 -48.35
N LYS C 207 -3.03 -26.29 -49.31
CA LYS C 207 -3.93 -26.13 -50.44
C LYS C 207 -3.11 -26.25 -51.72
N THR C 208 -3.66 -26.95 -52.72
CA THR C 208 -2.97 -27.23 -53.98
C THR C 208 -3.78 -26.73 -55.18
N VAL C 209 -3.08 -26.27 -56.23
CA VAL C 209 -3.69 -25.81 -57.49
C VAL C 209 -2.88 -26.34 -58.68
N ALA C 210 -3.59 -26.69 -59.76
CA ALA C 210 -2.97 -27.28 -60.94
C ALA C 210 -3.40 -26.58 -62.22
N PRO C 211 -2.51 -26.44 -63.24
CA PRO C 211 -2.97 -25.78 -64.50
C PRO C 211 -3.94 -26.68 -65.25
N THR C 212 -5.14 -26.17 -65.54
CA THR C 212 -6.16 -26.97 -66.21
C THR C 212 -7.07 -26.11 -67.08
N GLU C 213 -7.31 -26.59 -68.33
CA GLU C 213 -8.22 -26.06 -69.36
C GLU C 213 -8.32 -27.03 -70.54
N CYS C 214 -9.58 -27.33 -70.96
CA CYS C 214 -9.98 -28.23 -72.05
C CYS C 214 -9.27 -29.61 -72.00
N LEU D 1 21.64 -11.30 28.18
CA LEU D 1 20.78 -12.41 28.59
C LEU D 1 19.33 -12.39 27.98
N SER D 2 18.88 -11.22 27.49
CA SER D 2 17.52 -11.13 26.93
C SER D 2 17.36 -10.17 25.77
N TYR D 3 16.37 -10.48 24.89
CA TYR D 3 16.01 -9.64 23.75
C TYR D 3 15.13 -8.49 24.27
N GLU D 4 15.34 -7.29 23.73
CA GLU D 4 14.64 -6.08 24.15
C GLU D 4 13.66 -5.52 23.14
N LEU D 5 12.48 -5.10 23.64
CA LEU D 5 11.44 -4.43 22.84
C LEU D 5 11.28 -3.03 23.40
N THR D 6 11.44 -2.03 22.54
CA THR D 6 11.38 -0.63 22.93
C THR D 6 10.14 0.04 22.39
N GLN D 7 9.25 0.43 23.32
CA GLN D 7 8.02 1.14 22.98
C GLN D 7 8.00 2.52 23.65
N PRO D 8 7.59 3.60 22.91
CA PRO D 8 7.47 4.92 23.56
C PRO D 8 6.41 4.79 24.65
N PRO D 9 6.62 5.31 25.87
CA PRO D 9 5.59 5.12 26.90
C PRO D 9 4.24 5.79 26.60
N SER D 10 4.26 6.87 25.80
CA SER D 10 3.09 7.70 25.55
C SER D 10 2.95 8.26 24.14
N VAL D 11 1.70 8.28 23.63
CA VAL D 11 1.29 8.80 22.33
C VAL D 11 -0.08 9.45 22.47
N SER D 12 -0.21 10.70 22.03
CA SER D 12 -1.47 11.46 22.06
C SER D 12 -1.93 11.75 20.64
N VAL D 13 -3.25 11.68 20.42
CA VAL D 13 -3.88 11.85 19.11
C VAL D 13 -5.33 12.38 19.25
N ALA D 14 -5.80 13.23 18.33
CA ALA D 14 -7.17 13.72 18.37
C ALA D 14 -8.02 12.70 17.60
N PRO D 15 -9.32 12.50 18.01
CA PRO D 15 -10.15 11.49 17.38
C PRO D 15 -9.89 11.18 15.88
N GLY D 16 -10.42 11.89 14.90
CA GLY D 16 -10.23 11.44 13.51
C GLY D 16 -8.84 11.29 12.90
N GLN D 17 -7.79 11.37 13.71
CA GLN D 17 -6.41 11.29 13.23
C GLN D 17 -5.94 9.83 13.26
N THR D 18 -4.70 9.63 12.85
CA THR D 18 -4.01 8.37 12.79
C THR D 18 -2.97 8.29 13.91
N ALA D 19 -3.04 7.25 14.74
CA ALA D 19 -2.08 6.98 15.80
C ALA D 19 -1.08 5.96 15.29
N ARG D 20 0.20 6.23 15.46
CA ARG D 20 1.27 5.33 15.04
C ARG D 20 2.10 5.02 16.26
N MET D 21 2.23 3.70 16.57
CA MET D 21 2.92 3.16 17.74
C MET D 21 4.06 2.25 17.35
N THR D 22 5.27 2.69 17.68
CA THR D 22 6.49 2.02 17.33
C THR D 22 6.88 1.01 18.38
N CYS D 23 7.55 -0.04 17.93
CA CYS D 23 8.06 -1.12 18.73
C CYS D 23 9.34 -1.52 18.03
N GLY D 24 10.43 -1.11 18.64
CA GLY D 24 11.78 -1.29 18.11
C GLY D 24 12.49 -2.43 18.77
N GLY D 25 13.36 -3.04 18.00
CA GLY D 25 14.17 -4.17 18.43
C GLY D 25 15.18 -4.49 17.37
N ASN D 26 16.35 -5.01 17.79
CA ASN D 26 17.42 -5.36 16.86
C ASN D 26 16.94 -6.49 15.92
N ASN D 27 16.81 -6.16 14.62
CA ASN D 27 16.34 -7.04 13.55
C ASN D 27 14.95 -7.65 13.88
N ILE D 28 13.99 -6.75 14.18
CA ILE D 28 12.61 -7.11 14.54
C ILE D 28 11.85 -7.61 13.29
N GLY D 29 12.24 -7.13 12.09
CA GLY D 29 11.68 -7.51 10.79
C GLY D 29 11.82 -8.98 10.46
N THR D 30 12.69 -9.67 11.21
CA THR D 30 13.08 -11.06 11.18
C THR D 30 12.08 -11.96 11.96
N LYS D 31 11.41 -11.38 12.98
CA LYS D 31 10.43 -12.09 13.81
C LYS D 31 8.99 -11.63 13.56
N SER D 32 8.00 -12.46 13.98
CA SER D 32 6.54 -12.18 13.95
C SER D 32 6.23 -11.30 15.17
N VAL D 33 5.58 -10.15 14.92
CA VAL D 33 5.26 -9.19 15.95
C VAL D 33 3.75 -9.20 16.17
N HIS D 34 3.33 -9.36 17.44
CA HIS D 34 1.91 -9.37 17.83
C HIS D 34 1.60 -8.12 18.67
N TRP D 35 0.37 -7.64 18.59
CA TRP D 35 -0.02 -6.43 19.24
C TRP D 35 -1.28 -6.67 20.03
N TYR D 36 -1.28 -6.26 21.30
CA TYR D 36 -2.40 -6.39 22.23
C TYR D 36 -2.85 -5.04 22.76
N GLN D 37 -4.17 -4.84 22.85
CA GLN D 37 -4.83 -3.67 23.40
C GLN D 37 -5.39 -4.03 24.77
N GLN D 38 -5.05 -3.23 25.77
CA GLN D 38 -5.58 -3.45 27.12
C GLN D 38 -6.23 -2.16 27.68
N LYS D 39 -7.51 -2.27 28.02
CA LYS D 39 -8.35 -1.23 28.61
C LYS D 39 -8.47 -1.54 30.12
N PRO D 40 -8.62 -0.52 30.99
CA PRO D 40 -8.66 -0.76 32.43
C PRO D 40 -9.67 -1.79 32.91
N GLY D 41 -9.21 -2.63 33.86
CA GLY D 41 -9.99 -3.71 34.47
C GLY D 41 -10.18 -4.93 33.58
N GLN D 42 -9.54 -4.93 32.39
CA GLN D 42 -9.65 -6.01 31.41
C GLN D 42 -8.31 -6.67 31.09
N ALA D 43 -8.38 -7.94 30.68
CA ALA D 43 -7.23 -8.70 30.19
C ALA D 43 -6.88 -8.13 28.79
N PRO D 44 -5.62 -8.22 28.33
CA PRO D 44 -5.28 -7.73 26.97
C PRO D 44 -6.09 -8.37 25.82
N VAL D 45 -6.11 -7.74 24.66
CA VAL D 45 -6.88 -8.25 23.51
C VAL D 45 -6.00 -8.15 22.29
N LEU D 46 -5.86 -9.23 21.56
CA LEU D 46 -5.06 -9.25 20.33
C LEU D 46 -5.76 -8.42 19.27
N VAL D 47 -5.06 -7.41 18.71
CA VAL D 47 -5.59 -6.52 17.68
C VAL D 47 -4.92 -6.74 16.31
N VAL D 48 -3.63 -7.10 16.31
CA VAL D 48 -2.80 -7.38 15.13
C VAL D 48 -1.86 -8.54 15.47
N TYR D 49 -1.82 -9.57 14.61
CA TYR D 49 -0.94 -10.72 14.81
C TYR D 49 -0.11 -10.93 13.55
N ASN D 50 1.09 -11.55 13.68
CA ASN D 50 2.00 -11.84 12.56
C ASN D 50 2.32 -10.61 11.73
N ASP D 51 2.70 -9.52 12.43
CA ASP D 51 3.06 -8.19 11.92
C ASP D 51 1.91 -7.38 11.41
N ARG D 52 1.04 -7.95 10.56
CA ARG D 52 0.02 -7.18 9.87
C ARG D 52 -1.37 -7.77 9.78
N ASP D 53 -1.59 -8.94 10.35
CA ASP D 53 -2.91 -9.54 10.18
C ASP D 53 -3.87 -9.20 11.29
N ARG D 54 -5.16 -9.13 10.98
CA ARG D 54 -6.21 -8.81 11.94
C ARG D 54 -6.97 -10.05 12.36
N PRO D 55 -7.07 -10.37 13.67
CA PRO D 55 -7.91 -11.51 14.07
C PRO D 55 -9.38 -11.14 13.84
N SER D 56 -10.25 -12.13 13.69
CA SER D 56 -11.67 -11.86 13.40
C SER D 56 -12.30 -10.97 14.45
N GLY D 57 -13.09 -10.02 13.99
CA GLY D 57 -13.80 -9.07 14.83
C GLY D 57 -13.06 -7.78 15.10
N ILE D 58 -11.81 -7.65 14.58
CA ILE D 58 -11.04 -6.43 14.78
C ILE D 58 -11.25 -5.52 13.57
N PRO D 59 -11.74 -4.27 13.78
CA PRO D 59 -11.98 -3.35 12.64
C PRO D 59 -10.76 -3.04 11.80
N GLU D 60 -10.95 -2.81 10.49
CA GLU D 60 -9.92 -2.56 9.48
C GLU D 60 -9.00 -1.36 9.76
N ARG D 61 -9.39 -0.47 10.70
CA ARG D 61 -8.61 0.72 11.13
C ARG D 61 -7.24 0.35 11.70
N PHE D 62 -7.15 -0.86 12.29
CA PHE D 62 -5.93 -1.44 12.85
C PHE D 62 -5.12 -2.08 11.74
N SER D 63 -3.88 -1.66 11.62
CA SER D 63 -2.96 -2.18 10.63
C SER D 63 -1.56 -2.23 11.25
N GLY D 64 -0.70 -3.05 10.67
CA GLY D 64 0.64 -3.22 11.18
C GLY D 64 1.66 -3.45 10.11
N SER D 65 2.93 -3.16 10.45
CA SER D 65 4.06 -3.32 9.56
C SER D 65 5.27 -3.68 10.38
N ASN D 66 6.21 -4.40 9.77
CA ASN D 66 7.45 -4.80 10.44
C ASN D 66 8.56 -4.86 9.40
N SER D 67 9.58 -4.01 9.59
CA SER D 67 10.72 -3.89 8.68
C SER D 67 11.97 -3.45 9.43
N GLY D 68 13.04 -4.18 9.18
CA GLY D 68 14.36 -3.92 9.73
C GLY D 68 14.40 -3.96 11.24
N ASN D 69 14.40 -2.77 11.85
CA ASN D 69 14.49 -2.61 13.30
C ASN D 69 13.23 -1.99 13.95
N THR D 70 12.16 -1.74 13.17
CA THR D 70 10.94 -1.14 13.69
C THR D 70 9.66 -1.79 13.19
N ALA D 71 8.80 -2.19 14.15
CA ALA D 71 7.45 -2.70 13.91
C ALA D 71 6.53 -1.54 14.26
N THR D 72 5.40 -1.41 13.57
CA THR D 72 4.48 -0.29 13.79
C THR D 72 3.04 -0.73 13.83
N LEU D 73 2.26 -0.22 14.81
CA LEU D 73 0.82 -0.43 14.90
C LEU D 73 0.19 0.92 14.53
N THR D 74 -0.67 0.90 13.51
CA THR D 74 -1.31 2.11 13.00
C THR D 74 -2.80 1.99 13.24
N ILE D 75 -3.38 3.01 13.85
CA ILE D 75 -4.82 3.06 14.09
C ILE D 75 -5.30 4.29 13.31
N SER D 76 -6.11 4.06 12.26
CA SER D 76 -6.70 5.09 11.41
C SER D 76 -8.04 5.52 11.95
N ARG D 77 -8.48 6.76 11.64
CA ARG D 77 -9.76 7.31 12.07
C ARG D 77 -10.03 6.94 13.56
N VAL D 78 -9.02 7.20 14.44
CA VAL D 78 -9.02 6.90 15.89
C VAL D 78 -10.31 7.35 16.54
N GLU D 79 -10.89 6.50 17.39
CA GLU D 79 -12.12 6.78 18.12
C GLU D 79 -11.78 6.95 19.58
N ASP D 80 -12.70 7.50 20.37
CA ASP D 80 -12.51 7.70 21.82
C ASP D 80 -12.24 6.38 22.55
N GLY D 81 -12.93 5.31 22.14
CA GLY D 81 -12.78 3.96 22.68
C GLY D 81 -11.42 3.32 22.45
N ASP D 82 -10.60 3.90 21.56
CA ASP D 82 -9.26 3.41 21.26
C ASP D 82 -8.24 3.80 22.31
N GLU D 83 -8.64 4.61 23.31
CA GLU D 83 -7.78 4.99 24.43
C GLU D 83 -7.57 3.73 25.30
N ALA D 84 -6.30 3.25 25.32
CA ALA D 84 -5.89 2.03 25.99
C ALA D 84 -4.38 1.96 26.00
N ASP D 85 -3.84 0.84 26.51
CA ASP D 85 -2.41 0.48 26.52
C ASP D 85 -2.20 -0.54 25.41
N TYR D 86 -1.14 -0.38 24.66
CA TYR D 86 -0.83 -1.22 23.53
C TYR D 86 0.54 -1.85 23.71
N PHE D 87 0.56 -3.20 23.77
CA PHE D 87 1.79 -3.95 23.98
C PHE D 87 2.19 -4.72 22.76
N CYS D 88 3.48 -4.61 22.36
CA CYS D 88 3.94 -5.46 21.28
C CYS D 88 4.55 -6.70 21.93
N GLN D 89 4.53 -7.78 21.20
CA GLN D 89 5.00 -9.07 21.69
C GLN D 89 5.74 -9.82 20.59
N VAL D 90 6.74 -10.55 20.99
CA VAL D 90 7.59 -11.34 20.11
C VAL D 90 8.03 -12.60 20.89
N TRP D 91 8.50 -13.61 20.18
CA TRP D 91 9.11 -14.81 20.78
C TRP D 91 10.61 -14.68 20.50
N ASP D 92 11.42 -14.94 21.53
CA ASP D 92 12.86 -14.89 21.33
C ASP D 92 13.42 -16.31 21.15
N ASN D 93 13.92 -16.65 19.93
CA ASN D 93 14.54 -17.96 19.60
C ASN D 93 15.84 -18.23 20.37
N TYR D 94 16.61 -17.17 20.67
CA TYR D 94 17.88 -17.24 21.40
C TYR D 94 17.68 -17.73 22.83
N SER D 95 16.86 -17.01 23.64
CA SER D 95 16.62 -17.35 25.04
C SER D 95 15.42 -18.25 25.28
N ASP D 96 14.57 -18.46 24.23
CA ASP D 96 13.34 -19.26 24.26
C ASP D 96 12.31 -18.66 25.24
N HIS D 97 12.15 -17.34 25.18
CA HIS D 97 11.20 -16.64 26.05
C HIS D 97 10.26 -15.77 25.26
N VAL D 98 9.07 -15.49 25.85
CA VAL D 98 8.07 -14.58 25.31
C VAL D 98 8.51 -13.21 25.81
N ILE D 99 8.57 -12.23 24.89
CA ILE D 99 9.00 -10.88 25.22
C ILE D 99 7.84 -9.94 24.93
N PHE D 100 7.53 -9.10 25.91
CA PHE D 100 6.56 -8.02 25.78
C PHE D 100 7.28 -6.69 25.85
N GLY D 101 6.86 -5.77 25.02
CA GLY D 101 7.31 -4.38 25.07
C GLY D 101 6.69 -3.74 26.30
N GLY D 102 7.26 -2.62 26.74
CA GLY D 102 6.82 -1.90 27.93
C GLY D 102 5.44 -1.29 27.88
N GLY D 103 4.85 -1.26 26.69
CA GLY D 103 3.51 -0.70 26.47
C GLY D 103 3.54 0.78 26.16
N THR D 104 2.62 1.20 25.29
CA THR D 104 2.40 2.59 24.92
C THR D 104 0.98 2.91 25.36
N LYS D 105 0.83 3.97 26.12
CA LYS D 105 -0.46 4.46 26.53
C LYS D 105 -0.92 5.44 25.43
N LEU D 106 -2.03 5.10 24.75
CA LEU D 106 -2.56 5.96 23.70
C LEU D 106 -3.64 6.84 24.32
N THR D 107 -3.40 8.17 24.34
CA THR D 107 -4.35 9.14 24.85
C THR D 107 -5.09 9.76 23.67
N VAL D 108 -6.39 9.67 23.68
CA VAL D 108 -7.26 10.21 22.63
C VAL D 108 -7.77 11.56 23.18
N LEU D 109 -7.36 12.65 22.53
CA LEU D 109 -7.69 14.02 22.93
C LEU D 109 -9.11 14.50 22.49
N GLY D 110 -10.16 13.76 22.88
CA GLY D 110 -11.53 14.08 22.53
C GLY D 110 -12.39 14.76 23.60
N ALA D 111 -11.76 15.28 24.68
CA ALA D 111 -12.42 15.91 25.82
C ALA D 111 -12.01 17.37 25.99
N PRO D 112 -12.95 18.29 26.32
CA PRO D 112 -12.55 19.69 26.53
C PRO D 112 -11.92 19.88 27.92
N LYS D 113 -11.03 20.89 28.07
CA LYS D 113 -10.37 21.19 29.34
C LYS D 113 -11.42 21.58 30.39
N ALA D 114 -11.20 21.14 31.65
CA ALA D 114 -12.14 21.42 32.74
C ALA D 114 -11.39 21.71 34.00
N ALA D 115 -11.83 22.71 34.73
CA ALA D 115 -11.19 23.12 35.98
C ALA D 115 -11.72 22.27 37.15
N PRO D 116 -10.85 21.98 38.16
CA PRO D 116 -11.30 21.18 39.33
C PRO D 116 -12.35 21.83 40.21
N SER D 117 -13.21 21.01 40.81
CA SER D 117 -14.29 21.44 41.70
C SER D 117 -13.81 21.88 43.08
N VAL D 118 -13.00 21.06 43.78
CA VAL D 118 -12.39 21.36 45.11
C VAL D 118 -13.41 21.72 46.26
N THR D 119 -13.56 20.79 47.21
CA THR D 119 -14.36 20.93 48.45
C THR D 119 -13.43 20.47 49.59
N LEU D 120 -13.32 21.30 50.61
CA LEU D 120 -12.48 20.99 51.76
C LEU D 120 -13.31 20.85 53.04
N PHE D 121 -13.18 19.70 53.71
CA PHE D 121 -13.88 19.43 54.97
C PHE D 121 -12.90 19.52 56.17
N PRO D 122 -13.31 20.18 57.29
CA PRO D 122 -12.45 20.19 58.49
C PRO D 122 -12.63 18.90 59.32
N PRO D 123 -11.85 18.66 60.41
CA PRO D 123 -12.12 17.45 61.24
C PRO D 123 -13.52 17.50 61.84
N SER D 124 -14.17 16.36 61.91
CA SER D 124 -15.51 16.29 62.47
C SER D 124 -15.40 16.34 64.01
N SER D 125 -16.52 16.69 64.67
CA SER D 125 -16.57 16.72 66.13
C SER D 125 -16.30 15.31 66.69
N GLU D 126 -16.89 14.30 66.03
CA GLU D 126 -16.78 12.87 66.36
C GLU D 126 -15.34 12.37 66.33
N GLU D 127 -14.54 12.85 65.35
CA GLU D 127 -13.13 12.42 65.20
C GLU D 127 -12.24 13.08 66.26
N LEU D 128 -12.48 14.37 66.53
CA LEU D 128 -11.75 15.14 67.54
C LEU D 128 -12.00 14.52 68.95
N GLN D 129 -13.23 13.99 69.18
CA GLN D 129 -13.61 13.27 70.40
C GLN D 129 -12.71 12.03 70.55
N ALA D 130 -12.45 11.34 69.42
CA ALA D 130 -11.58 10.15 69.39
C ALA D 130 -10.07 10.53 69.36
N ASN D 131 -9.76 11.82 69.68
CA ASN D 131 -8.42 12.43 69.75
C ASN D 131 -7.64 12.32 68.44
N LYS D 132 -8.33 12.58 67.32
CA LYS D 132 -7.75 12.57 65.98
C LYS D 132 -8.31 13.75 65.18
N ALA D 133 -7.58 14.17 64.13
CA ALA D 133 -7.97 15.26 63.26
C ALA D 133 -7.49 15.03 61.80
N THR D 134 -8.44 14.90 60.88
CA THR D 134 -8.18 14.67 59.47
C THR D 134 -8.86 15.72 58.64
N LEU D 135 -8.07 16.41 57.80
CA LEU D 135 -8.57 17.39 56.83
C LEU D 135 -8.72 16.68 55.50
N VAL D 136 -9.87 16.84 54.86
CA VAL D 136 -10.18 16.14 53.61
C VAL D 136 -10.37 17.12 52.49
N CYS D 137 -9.58 16.98 51.42
CA CYS D 137 -9.65 17.83 50.24
C CYS D 137 -10.03 16.98 49.05
N LEU D 138 -11.21 17.24 48.51
CA LEU D 138 -11.75 16.46 47.42
C LEU D 138 -11.77 17.30 46.17
N ILE D 139 -11.08 16.83 45.15
CA ILE D 139 -10.87 17.48 43.84
C ILE D 139 -11.57 16.66 42.74
N SER D 140 -12.50 17.26 42.05
CA SER D 140 -13.24 16.49 41.04
C SER D 140 -13.49 17.25 39.74
N ASP D 141 -13.94 16.53 38.71
CA ASP D 141 -14.36 17.07 37.42
C ASP D 141 -13.29 17.84 36.64
N PHE D 142 -12.01 17.42 36.73
CA PHE D 142 -10.96 18.11 36.01
C PHE D 142 -10.44 17.32 34.81
N TYR D 143 -9.98 18.02 33.78
CA TYR D 143 -9.34 17.44 32.62
C TYR D 143 -8.34 18.45 32.07
N PRO D 144 -7.09 18.05 31.69
CA PRO D 144 -6.49 16.69 31.74
C PRO D 144 -6.17 16.22 33.16
N GLY D 145 -6.06 14.91 33.34
CA GLY D 145 -5.89 14.26 34.64
C GLY D 145 -4.58 14.39 35.38
N ALA D 146 -4.24 15.62 35.81
CA ALA D 146 -3.02 15.94 36.54
C ALA D 146 -3.25 17.23 37.32
N VAL D 147 -2.97 17.17 38.64
CA VAL D 147 -3.07 18.29 39.58
C VAL D 147 -1.87 18.24 40.50
N THR D 148 -1.56 19.37 41.10
CA THR D 148 -0.54 19.55 42.12
C THR D 148 -1.35 19.97 43.34
N VAL D 149 -1.19 19.26 44.47
CA VAL D 149 -1.93 19.57 45.72
C VAL D 149 -0.98 19.92 46.84
N ALA D 150 -1.04 21.17 47.32
CA ALA D 150 -0.19 21.61 48.44
C ALA D 150 -1.06 22.10 49.59
N TRP D 151 -0.57 21.92 50.84
CA TRP D 151 -1.27 22.31 52.05
C TRP D 151 -0.57 23.45 52.76
N LYS D 152 -1.37 24.27 53.45
CA LYS D 152 -0.88 25.39 54.22
C LYS D 152 -1.55 25.43 55.60
N ALA D 153 -0.74 25.72 56.63
CA ALA D 153 -1.18 25.95 58.01
C ALA D 153 -0.95 27.43 58.17
N ASP D 154 -2.05 28.18 58.34
CA ASP D 154 -2.10 29.63 58.43
C ASP D 154 -1.73 30.26 57.07
N SER D 155 -0.43 30.28 56.73
CA SER D 155 0.08 30.79 55.44
C SER D 155 1.42 30.16 55.13
N SER D 156 1.89 29.32 56.07
CA SER D 156 3.12 28.58 55.96
C SER D 156 2.82 27.17 55.46
N PRO D 157 3.60 26.68 54.46
CA PRO D 157 3.35 25.34 53.92
C PRO D 157 3.48 24.22 54.93
N VAL D 158 2.94 23.02 54.58
CA VAL D 158 2.93 21.79 55.38
C VAL D 158 3.18 20.62 54.45
N LYS D 159 4.12 19.73 54.81
CA LYS D 159 4.43 18.51 54.05
C LYS D 159 4.15 17.26 54.92
N ALA D 160 4.25 17.43 56.27
CA ALA D 160 4.04 16.39 57.30
C ALA D 160 2.57 16.02 57.42
N GLY D 161 2.31 14.71 57.38
CA GLY D 161 0.97 14.13 57.48
C GLY D 161 0.08 14.36 56.26
N VAL D 162 0.67 14.40 55.05
CA VAL D 162 -0.06 14.59 53.80
C VAL D 162 -0.02 13.31 52.97
N GLU D 163 -1.22 12.81 52.62
CA GLU D 163 -1.41 11.64 51.77
C GLU D 163 -2.35 12.06 50.62
N THR D 164 -1.87 11.97 49.37
CA THR D 164 -2.59 12.32 48.14
C THR D 164 -2.66 11.13 47.20
N THR D 165 -3.85 10.92 46.60
CA THR D 165 -4.07 9.86 45.61
C THR D 165 -3.60 10.38 44.26
N THR D 166 -3.41 9.45 43.33
CA THR D 166 -3.10 9.77 41.93
C THR D 166 -4.46 10.11 41.28
N PRO D 167 -4.52 10.91 40.19
CA PRO D 167 -5.83 11.16 39.57
C PRO D 167 -6.38 9.89 38.94
N SER D 168 -7.70 9.68 39.07
CA SER D 168 -8.39 8.53 38.52
C SER D 168 -9.49 9.02 37.61
N LYS D 169 -9.81 8.26 36.55
CA LYS D 169 -10.88 8.65 35.63
C LYS D 169 -12.26 8.39 36.25
N GLN D 170 -13.15 9.36 36.17
CA GLN D 170 -14.52 9.30 36.66
C GLN D 170 -15.41 8.73 35.54
N SER D 171 -16.67 8.41 35.85
CA SER D 171 -17.65 7.88 34.88
C SER D 171 -17.96 8.85 33.74
N ASN D 172 -17.88 10.18 34.01
CA ASN D 172 -18.10 11.24 33.00
C ASN D 172 -16.84 11.58 32.19
N ASN D 173 -15.76 10.77 32.35
CA ASN D 173 -14.45 10.84 31.69
C ASN D 173 -13.61 12.03 32.12
N LYS D 174 -13.98 12.67 33.24
CA LYS D 174 -13.18 13.73 33.83
C LYS D 174 -12.39 13.04 34.94
N TYR D 175 -11.50 13.74 35.66
CA TYR D 175 -10.66 13.12 36.69
C TYR D 175 -10.98 13.56 38.12
N ALA D 176 -10.62 12.72 39.10
CA ALA D 176 -10.79 12.97 40.54
C ALA D 176 -9.51 12.66 41.30
N ALA D 177 -9.27 13.39 42.38
CA ALA D 177 -8.13 13.14 43.28
C ALA D 177 -8.58 13.46 44.72
N SER D 178 -7.84 12.98 45.71
CA SER D 178 -8.11 13.21 47.12
C SER D 178 -6.85 13.53 47.85
N SER D 179 -6.92 14.48 48.79
CA SER D 179 -5.77 14.77 49.64
C SER D 179 -6.21 14.85 51.11
N TYR D 180 -5.48 14.13 51.96
CA TYR D 180 -5.74 14.02 53.38
C TYR D 180 -4.59 14.59 54.22
N LEU D 181 -4.91 15.53 55.12
CA LEU D 181 -3.94 16.10 56.05
C LEU D 181 -4.26 15.59 57.45
N SER D 182 -3.33 14.81 58.02
CA SER D 182 -3.44 14.26 59.35
C SER D 182 -2.76 15.19 60.37
N LEU D 183 -3.55 15.64 61.37
CA LEU D 183 -3.14 16.54 62.44
C LEU D 183 -3.53 15.96 63.79
N THR D 184 -3.01 16.57 64.87
CA THR D 184 -3.39 16.23 66.25
C THR D 184 -4.49 17.27 66.54
N PRO D 185 -5.49 17.01 67.42
CA PRO D 185 -6.51 18.05 67.67
C PRO D 185 -5.90 19.39 68.15
N GLU D 186 -4.74 19.33 68.85
CA GLU D 186 -3.99 20.49 69.37
C GLU D 186 -3.44 21.35 68.22
N GLN D 187 -2.79 20.70 67.20
CA GLN D 187 -2.30 21.36 65.97
C GLN D 187 -3.46 22.03 65.26
N TRP D 188 -4.64 21.35 65.17
CA TRP D 188 -5.86 21.87 64.54
C TRP D 188 -6.41 23.08 65.27
N LYS D 189 -6.50 23.00 66.61
CA LYS D 189 -7.07 24.07 67.45
C LYS D 189 -6.15 25.31 67.55
N SER D 190 -4.81 25.10 67.54
CA SER D 190 -3.80 26.15 67.66
C SER D 190 -3.80 27.17 66.51
N HIS D 191 -3.84 26.70 65.24
CA HIS D 191 -3.83 27.60 64.07
C HIS D 191 -5.16 28.30 63.86
N LYS D 192 -5.12 29.42 63.10
CA LYS D 192 -6.30 30.24 62.78
C LYS D 192 -7.06 29.59 61.63
N SER D 193 -6.30 28.93 60.71
CA SER D 193 -6.82 28.32 59.50
C SER D 193 -5.85 27.34 58.87
N TYR D 194 -6.43 26.42 58.05
CA TYR D 194 -5.75 25.43 57.21
C TYR D 194 -6.27 25.57 55.80
N SER D 195 -5.38 25.46 54.81
CA SER D 195 -5.70 25.64 53.40
C SER D 195 -5.26 24.48 52.52
N CYS D 196 -6.09 24.19 51.51
CA CYS D 196 -5.85 23.20 50.47
C CYS D 196 -5.65 23.97 49.15
N GLN D 197 -4.46 23.88 48.53
CA GLN D 197 -4.12 24.58 47.29
C GLN D 197 -4.05 23.59 46.16
N VAL D 198 -4.91 23.76 45.14
CA VAL D 198 -4.95 22.81 44.01
C VAL D 198 -4.59 23.54 42.74
N THR D 199 -3.50 23.11 42.09
CA THR D 199 -3.01 23.70 40.83
C THR D 199 -3.27 22.75 39.68
N HIS D 200 -4.02 23.22 38.67
CA HIS D 200 -4.34 22.46 37.46
C HIS D 200 -4.16 23.38 36.28
N GLU D 201 -3.42 22.90 35.22
CA GLU D 201 -3.11 23.66 33.98
C GLU D 201 -2.59 25.05 34.29
N GLY D 202 -1.64 25.13 35.25
CA GLY D 202 -1.03 26.38 35.68
C GLY D 202 -1.87 27.41 36.39
N SER D 203 -3.08 27.05 36.84
CA SER D 203 -4.00 27.92 37.58
C SER D 203 -4.31 27.32 38.96
N THR D 204 -4.20 28.13 40.03
CA THR D 204 -4.40 27.69 41.41
C THR D 204 -5.82 28.00 41.96
N VAL D 205 -6.45 26.97 42.60
CA VAL D 205 -7.75 26.99 43.29
C VAL D 205 -7.38 26.86 44.78
N GLU D 206 -8.04 27.60 45.67
CA GLU D 206 -7.71 27.48 47.08
C GLU D 206 -8.93 27.43 47.96
N LYS D 207 -8.96 26.48 48.92
CA LYS D 207 -10.04 26.35 49.91
C LYS D 207 -9.47 26.40 51.29
N THR D 208 -10.13 27.10 52.20
CA THR D 208 -9.66 27.32 53.57
C THR D 208 -10.69 26.88 54.63
N VAL D 209 -10.21 26.34 55.76
CA VAL D 209 -11.06 25.91 56.89
C VAL D 209 -10.46 26.38 58.20
N ALA D 210 -11.32 26.76 59.15
CA ALA D 210 -10.89 27.29 60.44
C ALA D 210 -11.56 26.58 61.63
N PRO D 211 -10.86 26.37 62.77
CA PRO D 211 -11.52 25.74 63.92
C PRO D 211 -12.53 26.70 64.51
N THR D 212 -13.78 26.26 64.63
CA THR D 212 -14.82 27.13 65.17
C THR D 212 -15.78 26.36 66.08
N GLU D 213 -16.08 26.95 67.27
CA GLU D 213 -16.94 26.41 68.33
C GLU D 213 -17.41 27.53 69.27
N GLU E 1 -12.59 21.28 -26.21
CA GLU E 1 -11.74 22.23 -25.47
C GLU E 1 -10.52 22.63 -26.33
N VAL E 2 -9.30 22.19 -25.94
CA VAL E 2 -8.08 22.40 -26.70
C VAL E 2 -8.14 21.36 -27.81
N GLN E 3 -7.76 21.77 -29.04
CA GLN E 3 -7.72 20.88 -30.20
C GLN E 3 -6.47 21.14 -30.98
N LEU E 4 -5.77 20.07 -31.40
CA LEU E 4 -4.58 20.16 -32.24
C LEU E 4 -4.92 19.50 -33.57
N VAL E 5 -5.07 20.31 -34.63
CA VAL E 5 -5.44 19.79 -35.95
C VAL E 5 -4.26 19.87 -36.90
N GLN E 6 -3.78 18.70 -37.35
CA GLN E 6 -2.63 18.60 -38.24
C GLN E 6 -3.02 18.57 -39.71
N SER E 7 -2.06 18.91 -40.59
CA SER E 7 -2.19 18.87 -42.03
C SER E 7 -2.33 17.40 -42.49
N GLY E 8 -2.86 17.20 -43.72
CA GLY E 8 -3.12 15.89 -44.31
C GLY E 8 -1.86 15.11 -44.63
N ALA E 9 -2.00 13.80 -44.83
CA ALA E 9 -0.94 12.84 -45.17
C ALA E 9 -0.10 13.24 -46.41
N GLU E 10 1.18 12.83 -46.39
CA GLU E 10 2.08 13.18 -47.49
C GLU E 10 2.73 11.95 -48.07
N VAL E 11 2.83 11.92 -49.40
CA VAL E 11 3.56 10.87 -50.12
C VAL E 11 4.66 11.63 -50.80
N LYS E 12 5.92 11.26 -50.45
CA LYS E 12 7.12 11.95 -50.93
C LYS E 12 8.19 11.04 -51.50
N LYS E 13 9.01 11.59 -52.43
CA LYS E 13 10.14 10.90 -53.04
C LYS E 13 11.37 11.15 -52.16
N PRO E 14 12.35 10.21 -52.16
CA PRO E 14 13.60 10.48 -51.42
C PRO E 14 14.27 11.75 -51.93
N GLY E 15 14.87 12.48 -50.98
CA GLY E 15 15.57 13.73 -51.23
C GLY E 15 14.72 14.98 -51.15
N SER E 16 13.39 14.82 -51.10
CA SER E 16 12.52 15.97 -51.02
C SER E 16 12.34 16.39 -49.56
N SER E 17 11.59 17.49 -49.33
CA SER E 17 11.31 18.00 -47.99
C SER E 17 9.82 18.07 -47.73
N VAL E 18 9.41 17.91 -46.47
CA VAL E 18 8.02 17.96 -46.02
C VAL E 18 7.93 18.93 -44.87
N LYS E 19 6.84 19.75 -44.83
CA LYS E 19 6.54 20.71 -43.76
C LYS E 19 5.15 20.41 -43.19
N VAL E 20 5.10 19.70 -42.06
CA VAL E 20 3.85 19.34 -41.38
C VAL E 20 3.41 20.51 -40.52
N SER E 21 2.13 20.85 -40.55
CA SER E 21 1.57 21.92 -39.75
C SER E 21 0.69 21.38 -38.60
N CYS E 22 0.55 22.18 -37.56
CA CYS E 22 -0.24 21.81 -36.41
C CYS E 22 -0.97 23.04 -35.88
N LYS E 23 -2.27 23.18 -36.21
CA LYS E 23 -3.10 24.30 -35.77
C LYS E 23 -3.75 24.01 -34.42
N ALA E 24 -3.25 24.70 -33.38
CA ALA E 24 -3.72 24.59 -31.99
C ALA E 24 -4.81 25.61 -31.70
N SER E 25 -5.94 25.16 -31.19
CA SER E 25 -7.03 26.09 -30.87
C SER E 25 -7.55 25.83 -29.44
N GLY E 26 -8.25 26.82 -28.89
CA GLY E 26 -8.87 26.71 -27.57
C GLY E 26 -7.98 26.75 -26.35
N GLY E 27 -6.82 27.40 -26.48
CA GLY E 27 -5.88 27.54 -25.38
C GLY E 27 -4.92 28.69 -25.58
N THR E 28 -3.84 28.72 -24.80
CA THR E 28 -2.84 29.78 -24.93
C THR E 28 -1.66 29.25 -25.73
N PHE E 29 -1.70 29.47 -27.06
CA PHE E 29 -0.68 28.98 -27.99
C PHE E 29 0.74 29.43 -27.62
N SER E 30 0.96 30.73 -27.47
CA SER E 30 2.29 31.32 -27.28
C SER E 30 3.09 30.76 -26.08
N SER E 31 2.41 30.42 -24.96
CA SER E 31 3.12 29.88 -23.81
C SER E 31 3.26 28.33 -23.78
N TYR E 32 2.60 27.59 -24.69
CA TYR E 32 2.66 26.11 -24.76
C TYR E 32 4.06 25.56 -24.91
N ALA E 33 4.32 24.38 -24.33
CA ALA E 33 5.54 23.65 -24.54
C ALA E 33 5.14 22.66 -25.65
N ILE E 34 5.38 23.05 -26.91
CA ILE E 34 4.99 22.26 -28.07
C ILE E 34 6.11 21.32 -28.40
N SER E 35 5.76 20.07 -28.72
CA SER E 35 6.75 19.06 -29.08
C SER E 35 6.33 18.26 -30.29
N TRP E 36 7.30 17.79 -31.06
CA TRP E 36 7.06 16.95 -32.23
C TRP E 36 7.61 15.57 -31.91
N VAL E 37 6.75 14.56 -32.05
CA VAL E 37 7.04 13.16 -31.75
C VAL E 37 6.76 12.32 -32.99
N ARG E 38 7.68 11.45 -33.37
CA ARG E 38 7.44 10.62 -34.55
C ARG E 38 7.34 9.14 -34.21
N GLN E 39 6.66 8.41 -35.08
CA GLN E 39 6.49 6.97 -34.88
C GLN E 39 6.48 6.21 -36.20
N ALA E 40 7.57 5.45 -36.45
CA ALA E 40 7.69 4.60 -37.64
C ALA E 40 6.69 3.45 -37.53
N PRO E 41 6.10 2.96 -38.64
CA PRO E 41 5.11 1.85 -38.53
C PRO E 41 5.55 0.68 -37.66
N GLY E 42 4.76 0.42 -36.61
CA GLY E 42 5.01 -0.66 -35.65
C GLY E 42 6.16 -0.41 -34.70
N GLN E 43 6.72 0.81 -34.69
CA GLN E 43 7.84 1.16 -33.82
C GLN E 43 7.39 2.02 -32.64
N GLY E 44 8.35 2.47 -31.83
CA GLY E 44 8.09 3.30 -30.68
C GLY E 44 7.99 4.78 -30.98
N LEU E 45 7.71 5.57 -29.93
CA LEU E 45 7.59 7.03 -29.97
C LEU E 45 8.98 7.63 -29.85
N GLU E 46 9.28 8.56 -30.72
CA GLU E 46 10.56 9.22 -30.80
C GLU E 46 10.38 10.75 -30.75
N TRP E 47 10.86 11.37 -29.67
CA TRP E 47 10.80 12.82 -29.54
C TRP E 47 11.81 13.47 -30.51
N MET E 48 11.35 14.42 -31.28
CA MET E 48 12.19 15.08 -32.29
C MET E 48 12.77 16.40 -31.79
N GLY E 49 11.94 17.19 -31.15
CA GLY E 49 12.30 18.48 -30.61
C GLY E 49 11.07 19.24 -30.17
N GLY E 50 11.27 20.44 -29.64
CA GLY E 50 10.16 21.25 -29.19
C GLY E 50 10.45 22.72 -29.13
N ILE E 51 9.41 23.52 -28.90
CA ILE E 51 9.49 24.97 -28.85
C ILE E 51 8.42 25.55 -27.92
N ILE E 52 8.73 26.68 -27.25
CA ILE E 52 7.78 27.53 -26.50
C ILE E 52 7.66 28.74 -27.44
N PRO E 53 6.54 28.91 -28.17
CA PRO E 53 6.46 30.01 -29.16
C PRO E 53 6.98 31.39 -28.75
N ILE E 54 6.67 31.92 -27.53
CA ILE E 54 7.18 33.25 -27.14
C ILE E 54 8.69 33.31 -27.07
N PHE E 55 9.36 32.20 -26.70
CA PHE E 55 10.81 32.18 -26.66
C PHE E 55 11.41 32.07 -28.06
N GLY E 56 10.67 31.43 -28.96
CA GLY E 56 11.05 31.25 -30.36
C GLY E 56 12.27 30.39 -30.61
N THR E 57 12.83 29.79 -29.54
CA THR E 57 14.01 28.94 -29.67
C THR E 57 13.64 27.45 -29.61
N ALA E 58 13.86 26.75 -30.74
CA ALA E 58 13.61 25.32 -30.86
C ALA E 58 14.76 24.51 -30.31
N ASN E 59 14.42 23.39 -29.73
CA ASN E 59 15.32 22.44 -29.11
C ASN E 59 15.17 21.15 -29.93
N TYR E 60 16.28 20.42 -30.18
CA TYR E 60 16.22 19.22 -31.01
C TYR E 60 16.92 18.03 -30.41
N ALA E 61 16.38 16.84 -30.66
CA ALA E 61 17.06 15.61 -30.26
C ALA E 61 18.25 15.43 -31.24
N GLN E 62 19.40 14.98 -30.74
CA GLN E 62 20.56 14.71 -31.57
C GLN E 62 20.17 13.48 -32.37
N LYS E 63 20.07 13.65 -33.70
CA LYS E 63 19.58 12.63 -34.69
C LYS E 63 18.80 13.44 -35.71
N PHE E 64 18.16 14.52 -35.24
CA PHE E 64 17.37 15.41 -36.04
C PHE E 64 18.05 16.76 -36.26
N GLN E 65 19.04 17.11 -35.40
CA GLN E 65 19.80 18.38 -35.45
C GLN E 65 20.42 18.60 -36.84
N GLY E 66 20.05 19.72 -37.47
CA GLY E 66 20.51 20.10 -38.81
C GLY E 66 19.64 19.63 -39.98
N ARG E 67 18.70 18.70 -39.74
CA ARG E 67 17.77 18.11 -40.71
C ARG E 67 16.32 18.55 -40.46
N VAL E 68 16.00 18.97 -39.23
CA VAL E 68 14.66 19.36 -38.88
C VAL E 68 14.60 20.84 -38.43
N THR E 69 13.47 21.51 -38.72
CA THR E 69 13.22 22.90 -38.33
C THR E 69 11.83 22.99 -37.69
N ILE E 70 11.80 23.33 -36.39
CA ILE E 70 10.57 23.53 -35.62
C ILE E 70 10.35 25.01 -35.45
N THR E 71 9.21 25.50 -35.94
CA THR E 71 8.85 26.91 -35.86
C THR E 71 7.41 27.03 -35.38
N ALA E 72 7.03 28.23 -34.94
CA ALA E 72 5.67 28.47 -34.49
C ALA E 72 5.25 29.87 -34.91
N ASP E 73 4.00 30.04 -35.33
CA ASP E 73 3.49 31.33 -35.76
C ASP E 73 2.37 31.67 -34.80
N GLU E 74 2.66 32.64 -33.91
CA GLU E 74 1.75 33.08 -32.86
C GLU E 74 0.51 33.74 -33.44
N SER E 75 0.67 34.46 -34.56
CA SER E 75 -0.40 35.16 -35.27
C SER E 75 -1.46 34.19 -35.82
N THR E 76 -1.06 32.96 -36.19
CA THR E 76 -1.99 31.97 -36.74
C THR E 76 -2.23 30.75 -35.80
N SER E 77 -1.54 30.69 -34.63
CA SER E 77 -1.62 29.60 -33.65
C SER E 77 -1.24 28.25 -34.27
N THR E 78 -0.29 28.24 -35.21
CA THR E 78 0.16 27.05 -35.91
C THR E 78 1.65 26.80 -35.67
N ALA E 79 1.98 25.56 -35.35
CA ALA E 79 3.34 25.10 -35.16
C ALA E 79 3.74 24.32 -36.42
N TYR E 80 5.03 24.28 -36.73
CA TYR E 80 5.51 23.59 -37.94
C TYR E 80 6.68 22.70 -37.69
N MET E 81 6.81 21.66 -38.51
CA MET E 81 7.96 20.77 -38.44
C MET E 81 8.40 20.52 -39.88
N GLU E 82 9.59 20.99 -40.23
CA GLU E 82 10.11 20.78 -41.58
C GLU E 82 11.27 19.80 -41.54
N LEU E 83 11.10 18.65 -42.19
CA LEU E 83 12.11 17.61 -42.28
C LEU E 83 12.55 17.58 -43.75
N SER E 84 13.86 17.71 -43.99
CA SER E 84 14.51 17.80 -45.30
C SER E 84 15.34 16.57 -45.64
N SER E 85 15.72 16.44 -46.93
CA SER E 85 16.49 15.30 -47.46
C SER E 85 15.87 13.96 -47.00
N LEU E 86 14.55 13.80 -47.22
CA LEU E 86 13.79 12.61 -46.84
C LEU E 86 14.37 11.32 -47.38
N ARG E 87 14.38 10.28 -46.54
CA ARG E 87 14.86 8.93 -46.83
C ARG E 87 13.69 7.96 -46.52
N SER E 88 13.84 6.66 -46.87
CA SER E 88 12.85 5.62 -46.59
C SER E 88 12.60 5.50 -45.08
N GLU E 89 13.67 5.60 -44.25
CA GLU E 89 13.61 5.54 -42.78
C GLU E 89 12.86 6.69 -42.13
N ASP E 90 12.43 7.72 -42.90
CA ASP E 90 11.64 8.84 -42.42
C ASP E 90 10.14 8.60 -42.50
N THR E 91 9.73 7.48 -43.15
CA THR E 91 8.34 7.05 -43.24
C THR E 91 7.85 6.85 -41.81
N ALA E 92 6.91 7.68 -41.38
CA ALA E 92 6.39 7.65 -40.01
C ALA E 92 5.11 8.48 -39.86
N VAL E 93 4.45 8.33 -38.69
CA VAL E 93 3.35 9.21 -38.30
C VAL E 93 4.03 10.27 -37.43
N TYR E 94 3.77 11.53 -37.73
CA TYR E 94 4.31 12.69 -37.05
C TYR E 94 3.21 13.31 -36.24
N TYR E 95 3.40 13.40 -34.91
CA TYR E 95 2.45 14.02 -33.97
C TYR E 95 3.03 15.30 -33.41
N CYS E 96 2.19 16.31 -33.22
CA CYS E 96 2.50 17.50 -32.45
C CYS E 96 1.76 17.28 -31.11
N ALA E 97 2.42 17.62 -30.04
CA ALA E 97 1.91 17.46 -28.70
C ALA E 97 2.12 18.76 -27.95
N VAL E 98 1.32 18.98 -26.91
CA VAL E 98 1.35 20.17 -26.05
C VAL E 98 1.38 19.72 -24.56
N GLY E 99 2.34 20.25 -23.82
CA GLY E 99 2.54 19.95 -22.40
C GLY E 99 3.56 18.87 -22.12
N LEU E 100 3.97 18.73 -20.86
CA LEU E 100 4.91 17.71 -20.39
C LEU E 100 4.53 17.40 -18.92
N PRO E 101 3.79 16.28 -18.61
CA PRO E 101 3.28 15.22 -19.51
C PRO E 101 2.31 15.76 -20.53
N VAL E 102 2.17 15.11 -21.68
CA VAL E 102 1.32 15.61 -22.76
C VAL E 102 -0.14 15.74 -22.33
N ASP E 103 -0.71 16.95 -22.54
CA ASP E 103 -2.10 17.27 -22.27
C ASP E 103 -2.95 16.95 -23.49
N TYR E 104 -2.41 17.25 -24.71
CA TYR E 104 -3.12 17.12 -25.97
C TYR E 104 -2.19 16.76 -27.11
N TRP E 105 -2.62 15.79 -27.90
CA TRP E 105 -1.92 15.27 -29.09
C TRP E 105 -2.70 15.68 -30.33
N GLY E 106 -2.02 15.83 -31.46
CA GLY E 106 -2.70 16.08 -32.74
C GLY E 106 -3.14 14.73 -33.29
N GLN E 107 -3.82 14.69 -34.45
CA GLN E 107 -4.29 13.40 -34.97
C GLN E 107 -3.19 12.56 -35.60
N GLY E 108 -2.08 13.21 -35.94
CA GLY E 108 -0.96 12.57 -36.63
C GLY E 108 -0.95 12.90 -38.13
N THR E 109 0.24 12.80 -38.74
CA THR E 109 0.43 13.04 -40.16
C THR E 109 1.32 11.94 -40.66
N LEU E 110 0.76 11.07 -41.51
CA LEU E 110 1.56 10.00 -42.11
C LEU E 110 2.34 10.62 -43.28
N VAL E 111 3.66 10.46 -43.24
CA VAL E 111 4.57 10.89 -44.26
C VAL E 111 5.17 9.61 -44.78
N THR E 112 4.85 9.25 -46.03
CA THR E 112 5.35 8.03 -46.68
C THR E 112 6.46 8.41 -47.66
N VAL E 113 7.68 7.91 -47.45
CA VAL E 113 8.78 8.25 -48.37
C VAL E 113 9.10 7.03 -49.23
N SER E 114 8.95 7.17 -50.56
CA SER E 114 9.21 6.09 -51.51
C SER E 114 9.69 6.60 -52.86
N SER E 115 10.56 5.83 -53.53
CA SER E 115 11.06 6.16 -54.87
C SER E 115 10.03 5.73 -55.91
N ALA E 116 8.97 4.98 -55.49
CA ALA E 116 7.90 4.53 -56.37
C ALA E 116 7.10 5.71 -56.90
N SER E 117 6.57 5.54 -58.12
CA SER E 117 5.79 6.55 -58.82
C SER E 117 4.30 6.15 -58.90
N THR E 118 3.41 7.16 -58.80
CA THR E 118 1.95 7.01 -58.83
C THR E 118 1.49 6.07 -59.98
N LYS E 119 0.82 4.99 -59.62
CA LYS E 119 0.37 3.99 -60.58
C LYS E 119 -0.88 3.30 -60.08
N GLY E 120 -1.91 3.28 -60.92
CA GLY E 120 -3.16 2.59 -60.61
C GLY E 120 -3.00 1.09 -60.79
N PRO E 121 -3.87 0.26 -60.15
CA PRO E 121 -3.73 -1.19 -60.27
C PRO E 121 -4.23 -1.85 -61.56
N SER E 122 -3.69 -3.06 -61.83
CA SER E 122 -4.15 -3.99 -62.87
C SER E 122 -5.06 -4.90 -62.04
N VAL E 123 -6.30 -5.08 -62.46
CA VAL E 123 -7.28 -5.88 -61.74
C VAL E 123 -7.60 -7.15 -62.52
N PHE E 124 -7.44 -8.33 -61.88
CA PHE E 124 -7.74 -9.66 -62.42
C PHE E 124 -8.85 -10.32 -61.62
N PRO E 125 -9.75 -11.07 -62.27
CA PRO E 125 -10.81 -11.75 -61.49
C PRO E 125 -10.30 -13.06 -60.89
N LEU E 126 -10.75 -13.38 -59.65
CA LEU E 126 -10.36 -14.63 -58.95
C LEU E 126 -11.59 -15.56 -58.93
N ALA E 127 -11.73 -16.33 -60.01
CA ALA E 127 -12.84 -17.22 -60.34
C ALA E 127 -13.19 -18.22 -59.26
N PRO E 128 -14.50 -18.42 -58.98
CA PRO E 128 -14.89 -19.44 -57.99
C PRO E 128 -14.65 -20.85 -58.52
N SER E 129 -14.27 -21.77 -57.62
CA SER E 129 -14.01 -23.18 -57.94
C SER E 129 -15.22 -23.93 -58.50
N SER E 130 -14.95 -24.90 -59.40
CA SER E 130 -15.98 -25.75 -60.03
C SER E 130 -16.66 -26.67 -59.00
N LYS E 131 -15.86 -27.23 -58.05
CA LYS E 131 -16.27 -28.08 -56.93
C LYS E 131 -17.38 -27.41 -56.06
N SER E 132 -18.31 -28.21 -55.50
CA SER E 132 -19.41 -27.67 -54.71
C SER E 132 -19.52 -28.18 -53.26
N THR E 133 -18.40 -28.58 -52.62
CA THR E 133 -18.41 -29.05 -51.22
C THR E 133 -19.13 -28.03 -50.33
N SER E 134 -20.18 -28.47 -49.58
CA SER E 134 -21.08 -27.63 -48.75
C SER E 134 -21.90 -26.62 -49.61
N GLY E 135 -22.88 -25.96 -48.99
CA GLY E 135 -23.82 -25.09 -49.70
C GLY E 135 -23.65 -23.63 -49.39
N GLY E 136 -23.05 -22.95 -50.34
CA GLY E 136 -22.77 -21.54 -50.20
C GLY E 136 -21.31 -21.34 -49.88
N THR E 137 -20.50 -22.35 -50.19
CA THR E 137 -19.08 -22.22 -49.98
C THR E 137 -18.44 -22.07 -51.36
N ALA E 138 -18.73 -20.91 -51.96
CA ALA E 138 -18.13 -20.48 -53.22
C ALA E 138 -17.38 -19.19 -52.85
N ALA E 139 -16.04 -19.27 -52.87
CA ALA E 139 -15.17 -18.13 -52.60
C ALA E 139 -14.78 -17.63 -53.95
N LEU E 140 -15.00 -16.32 -54.13
CA LEU E 140 -14.92 -15.55 -55.36
C LEU E 140 -14.19 -14.20 -55.05
N GLY E 141 -13.19 -13.85 -55.85
CA GLY E 141 -12.48 -12.60 -55.58
C GLY E 141 -12.01 -11.75 -56.73
N CYS E 142 -11.20 -10.73 -56.40
CA CYS E 142 -10.55 -9.79 -57.31
C CYS E 142 -9.13 -9.58 -56.84
N LEU E 143 -8.15 -9.86 -57.70
CA LEU E 143 -6.74 -9.62 -57.42
C LEU E 143 -6.44 -8.18 -57.92
N VAL E 144 -5.98 -7.30 -57.00
CA VAL E 144 -5.66 -5.87 -57.26
C VAL E 144 -4.12 -5.75 -57.23
N LYS E 145 -3.47 -5.86 -58.42
CA LYS E 145 -2.03 -5.89 -58.62
C LYS E 145 -1.31 -4.55 -58.99
N ASP E 146 -0.08 -4.40 -58.46
CA ASP E 146 0.93 -3.35 -58.65
C ASP E 146 0.42 -1.89 -58.70
N TYR E 147 0.06 -1.34 -57.54
CA TYR E 147 -0.35 0.05 -57.45
C TYR E 147 0.47 0.79 -56.42
N PHE E 148 0.53 2.12 -56.54
CA PHE E 148 1.26 2.99 -55.60
C PHE E 148 0.65 4.37 -55.65
N PRO E 149 0.45 5.02 -54.50
CA PRO E 149 0.59 4.53 -53.11
C PRO E 149 -0.75 3.98 -52.61
N GLU E 150 -0.83 3.58 -51.33
CA GLU E 150 -2.08 3.21 -50.65
C GLU E 150 -2.89 4.51 -50.54
N PRO E 151 -4.23 4.51 -50.48
CA PRO E 151 -5.17 3.39 -50.44
C PRO E 151 -5.86 3.08 -51.75
N VAL E 152 -6.44 1.88 -51.78
CA VAL E 152 -7.31 1.46 -52.86
C VAL E 152 -8.65 1.17 -52.16
N THR E 153 -9.79 1.43 -52.80
CA THR E 153 -11.07 1.06 -52.18
C THR E 153 -11.70 0.00 -53.06
N VAL E 154 -12.22 -1.07 -52.47
CA VAL E 154 -12.90 -2.13 -53.19
C VAL E 154 -14.35 -2.21 -52.72
N SER E 155 -15.28 -2.33 -53.67
CA SER E 155 -16.69 -2.53 -53.35
C SER E 155 -17.15 -3.62 -54.28
N TRP E 156 -18.25 -4.30 -53.92
CA TRP E 156 -18.79 -5.34 -54.78
C TRP E 156 -20.18 -4.94 -55.21
N ASN E 157 -20.45 -5.08 -56.52
CA ASN E 157 -21.73 -4.74 -57.14
C ASN E 157 -22.17 -3.31 -56.76
N SER E 158 -21.22 -2.36 -56.83
CA SER E 158 -21.41 -0.94 -56.52
C SER E 158 -21.95 -0.67 -55.10
N GLY E 159 -21.59 -1.55 -54.17
CA GLY E 159 -21.97 -1.44 -52.76
C GLY E 159 -23.18 -2.25 -52.36
N ALA E 160 -23.84 -2.90 -53.35
CA ALA E 160 -25.02 -3.72 -53.11
C ALA E 160 -24.69 -5.00 -52.33
N LEU E 161 -23.47 -5.53 -52.51
CA LEU E 161 -22.98 -6.75 -51.86
C LEU E 161 -21.96 -6.37 -50.79
N THR E 162 -22.33 -6.54 -49.51
CA THR E 162 -21.47 -6.22 -48.37
C THR E 162 -21.22 -7.44 -47.50
N SER E 163 -22.17 -8.38 -47.52
CA SER E 163 -22.11 -9.59 -46.72
C SER E 163 -21.15 -10.61 -47.30
N GLY E 164 -20.24 -11.09 -46.45
CA GLY E 164 -19.22 -12.08 -46.78
C GLY E 164 -18.03 -11.49 -47.53
N VAL E 165 -17.89 -10.15 -47.50
CA VAL E 165 -16.83 -9.45 -48.20
C VAL E 165 -15.59 -9.33 -47.31
N HIS E 166 -14.47 -9.91 -47.74
CA HIS E 166 -13.23 -9.75 -47.00
C HIS E 166 -12.10 -9.21 -47.90
N THR E 167 -11.82 -7.91 -47.78
CA THR E 167 -10.72 -7.24 -48.47
C THR E 167 -9.54 -7.36 -47.51
N PHE E 168 -8.45 -7.90 -48.02
CA PHE E 168 -7.25 -8.18 -47.25
C PHE E 168 -6.24 -7.02 -47.27
N PRO E 169 -5.52 -6.77 -46.16
CA PRO E 169 -4.45 -5.75 -46.19
C PRO E 169 -3.43 -6.04 -47.29
N ALA E 170 -2.99 -4.98 -47.98
CA ALA E 170 -2.06 -5.09 -49.10
C ALA E 170 -0.69 -5.60 -48.73
N VAL E 171 -0.03 -6.21 -49.68
CA VAL E 171 1.35 -6.67 -49.56
C VAL E 171 2.22 -5.59 -50.24
N LEU E 172 3.32 -5.19 -49.60
CA LEU E 172 4.24 -4.25 -50.21
C LEU E 172 5.37 -5.07 -50.80
N GLN E 173 5.50 -5.05 -52.12
CA GLN E 173 6.50 -5.82 -52.86
C GLN E 173 7.86 -5.10 -52.90
N SER E 174 8.92 -5.84 -53.23
CA SER E 174 10.29 -5.32 -53.35
C SER E 174 10.40 -4.26 -54.45
N SER E 175 9.41 -4.23 -55.36
CA SER E 175 9.34 -3.24 -56.43
C SER E 175 8.86 -1.88 -55.87
N GLY E 176 8.30 -1.90 -54.67
CA GLY E 176 7.76 -0.70 -54.01
C GLY E 176 6.32 -0.46 -54.35
N LEU E 177 5.69 -1.47 -55.02
CA LEU E 177 4.28 -1.42 -55.41
C LEU E 177 3.47 -2.35 -54.50
N TYR E 178 2.20 -2.00 -54.32
CA TYR E 178 1.29 -2.79 -53.52
C TYR E 178 0.46 -3.75 -54.35
N SER E 179 -0.01 -4.83 -53.73
CA SER E 179 -0.95 -5.82 -54.31
C SER E 179 -1.87 -6.29 -53.20
N LEU E 180 -3.14 -6.48 -53.50
CA LEU E 180 -4.10 -6.91 -52.50
C LEU E 180 -5.21 -7.80 -53.10
N SER E 181 -5.97 -8.47 -52.27
CA SER E 181 -7.08 -9.28 -52.76
C SER E 181 -8.30 -8.99 -51.92
N SER E 182 -9.47 -8.93 -52.55
CA SER E 182 -10.76 -8.76 -51.91
C SER E 182 -11.53 -10.02 -52.31
N VAL E 183 -12.08 -10.72 -51.34
CA VAL E 183 -12.78 -11.98 -51.64
C VAL E 183 -14.19 -11.92 -51.04
N VAL E 184 -15.15 -12.57 -51.68
CA VAL E 184 -16.54 -12.62 -51.23
C VAL E 184 -17.03 -14.06 -51.25
N THR E 185 -17.53 -14.55 -50.09
CA THR E 185 -18.12 -15.91 -50.01
C THR E 185 -19.60 -15.76 -50.33
N VAL E 186 -20.04 -16.45 -51.37
CA VAL E 186 -21.41 -16.36 -51.86
C VAL E 186 -22.08 -17.75 -51.97
N PRO E 187 -23.43 -17.83 -51.99
CA PRO E 187 -24.07 -19.14 -52.17
C PRO E 187 -23.69 -19.76 -53.51
N SER E 188 -23.35 -21.07 -53.51
CA SER E 188 -22.98 -21.79 -54.74
C SER E 188 -24.09 -21.77 -55.79
N SER E 189 -25.36 -21.88 -55.35
CA SER E 189 -26.58 -21.86 -56.20
C SER E 189 -26.65 -20.59 -57.09
N SER E 190 -26.32 -19.42 -56.50
CA SER E 190 -26.30 -18.10 -57.14
C SER E 190 -25.24 -17.93 -58.26
N LEU E 191 -24.20 -18.81 -58.34
CA LEU E 191 -23.12 -18.67 -59.33
C LEU E 191 -23.56 -18.53 -60.80
N GLY E 192 -24.54 -19.33 -61.22
CA GLY E 192 -25.04 -19.31 -62.59
C GLY E 192 -26.02 -18.19 -62.92
N THR E 193 -26.71 -17.65 -61.90
CA THR E 193 -27.74 -16.61 -62.02
C THR E 193 -27.28 -15.18 -61.66
N GLN E 194 -26.46 -15.02 -60.60
CA GLN E 194 -26.00 -13.71 -60.10
C GLN E 194 -24.65 -13.25 -60.70
N THR E 195 -24.59 -11.97 -61.08
CA THR E 195 -23.40 -11.31 -61.64
C THR E 195 -22.59 -10.70 -60.49
N TYR E 196 -21.28 -11.00 -60.45
CA TYR E 196 -20.43 -10.45 -59.41
C TYR E 196 -19.34 -9.56 -60.01
N ILE E 197 -19.41 -8.26 -59.70
CA ILE E 197 -18.47 -7.25 -60.19
C ILE E 197 -17.75 -6.60 -59.02
N CYS E 198 -16.40 -6.49 -59.09
CA CYS E 198 -15.69 -5.75 -58.06
C CYS E 198 -15.33 -4.40 -58.64
N ASN E 199 -15.55 -3.34 -57.86
CA ASN E 199 -15.26 -1.97 -58.24
C ASN E 199 -14.02 -1.47 -57.50
N VAL E 200 -12.90 -1.34 -58.23
CA VAL E 200 -11.60 -0.91 -57.69
C VAL E 200 -11.34 0.56 -58.05
N ASN E 201 -11.07 1.34 -57.04
CA ASN E 201 -10.88 2.76 -57.15
C ASN E 201 -9.58 3.13 -56.52
N HIS E 202 -8.76 3.85 -57.28
CA HIS E 202 -7.47 4.36 -56.86
C HIS E 202 -7.48 5.86 -57.06
N LYS E 203 -7.81 6.62 -56.03
CA LYS E 203 -7.82 8.09 -56.08
C LYS E 203 -6.45 8.68 -56.43
N PRO E 204 -5.30 8.27 -55.85
CA PRO E 204 -4.01 8.89 -56.24
C PRO E 204 -3.73 8.99 -57.74
N SER E 205 -4.27 8.05 -58.56
CA SER E 205 -4.08 8.05 -60.01
C SER E 205 -5.36 8.34 -60.80
N ASN E 206 -6.48 8.65 -60.10
CA ASN E 206 -7.78 8.89 -60.72
C ASN E 206 -8.20 7.76 -61.63
N THR E 207 -8.10 6.54 -61.11
CA THR E 207 -8.32 5.25 -61.78
C THR E 207 -9.53 4.54 -61.18
N LYS E 208 -10.38 3.94 -62.04
CA LYS E 208 -11.60 3.21 -61.72
C LYS E 208 -11.65 1.97 -62.60
N VAL E 209 -11.86 0.79 -62.01
CA VAL E 209 -11.97 -0.48 -62.74
C VAL E 209 -13.18 -1.23 -62.18
N ASP E 210 -13.99 -1.82 -63.07
CA ASP E 210 -15.13 -2.66 -62.69
C ASP E 210 -14.86 -3.99 -63.39
N LYS E 211 -14.45 -5.03 -62.62
CA LYS E 211 -14.17 -6.34 -63.20
C LYS E 211 -15.24 -7.40 -62.81
N LYS E 212 -15.79 -8.09 -63.82
CA LYS E 212 -16.78 -9.15 -63.66
C LYS E 212 -16.06 -10.48 -63.31
N VAL E 213 -16.57 -11.20 -62.30
CA VAL E 213 -16.04 -12.48 -61.87
C VAL E 213 -17.03 -13.55 -62.26
N GLU E 214 -16.62 -14.34 -63.26
CA GLU E 214 -17.41 -15.41 -63.85
C GLU E 214 -16.84 -16.78 -63.50
N PRO E 215 -17.73 -17.79 -63.28
CA PRO E 215 -17.25 -19.14 -62.93
C PRO E 215 -16.40 -19.81 -64.00
N GLU F 1 -16.66 -23.12 23.22
CA GLU F 1 -15.89 -21.95 23.64
C GLU F 1 -14.84 -22.34 24.68
N VAL F 2 -13.58 -21.94 24.44
CA VAL F 2 -12.49 -22.17 25.39
C VAL F 2 -12.67 -21.14 26.49
N GLN F 3 -12.50 -21.55 27.75
CA GLN F 3 -12.61 -20.65 28.90
C GLN F 3 -11.50 -20.96 29.87
N LEU F 4 -10.84 -19.92 30.39
CA LEU F 4 -9.79 -20.04 31.39
C LEU F 4 -10.33 -19.38 32.68
N VAL F 5 -10.66 -20.19 33.68
CA VAL F 5 -11.22 -19.70 34.94
C VAL F 5 -10.17 -19.80 36.06
N GLN F 6 -9.76 -18.64 36.57
CA GLN F 6 -8.74 -18.57 37.62
C GLN F 6 -9.34 -18.54 39.01
N SER F 7 -8.53 -18.90 40.01
CA SER F 7 -8.90 -18.88 41.42
C SER F 7 -9.11 -17.40 41.87
N GLY F 8 -9.83 -17.22 42.99
CA GLY F 8 -10.15 -15.90 43.54
C GLY F 8 -8.94 -15.15 44.07
N ALA F 9 -9.11 -13.85 44.32
CA ALA F 9 -8.08 -12.93 44.83
C ALA F 9 -7.44 -13.37 46.14
N GLU F 10 -6.15 -13.01 46.31
CA GLU F 10 -5.43 -13.39 47.52
C GLU F 10 -4.85 -12.20 48.22
N VAL F 11 -5.01 -12.16 49.55
CA VAL F 11 -4.41 -11.14 50.42
C VAL F 11 -3.41 -11.93 51.25
N LYS F 12 -2.14 -11.60 51.11
CA LYS F 12 -1.06 -12.37 51.71
C LYS F 12 -0.02 -11.52 52.45
N LYS F 13 0.61 -12.09 53.48
CA LYS F 13 1.61 -11.40 54.29
C LYS F 13 2.97 -11.57 53.64
N PRO F 14 3.91 -10.60 53.79
CA PRO F 14 5.26 -10.79 53.24
C PRO F 14 5.89 -12.05 53.81
N GLY F 15 6.64 -12.78 52.96
CA GLY F 15 7.32 -14.02 53.30
C GLY F 15 6.51 -15.28 53.10
N SER F 16 5.19 -15.15 52.86
CA SER F 16 4.36 -16.32 52.63
C SER F 16 4.39 -16.70 51.13
N SER F 17 3.66 -17.77 50.77
CA SER F 17 3.58 -18.26 49.39
C SER F 17 2.14 -18.31 48.92
N VAL F 18 1.93 -18.12 47.60
CA VAL F 18 0.62 -18.15 46.94
C VAL F 18 0.70 -19.12 45.77
N LYS F 19 -0.37 -19.92 45.56
CA LYS F 19 -0.51 -20.87 44.45
C LYS F 19 -1.81 -20.55 43.68
N VAL F 20 -1.69 -19.81 42.55
CA VAL F 20 -2.82 -19.42 41.71
C VAL F 20 -3.13 -20.59 40.76
N SER F 21 -4.41 -20.90 40.60
CA SER F 21 -4.86 -21.95 39.71
C SER F 21 -5.54 -21.39 38.46
N CYS F 22 -5.54 -22.18 37.39
CA CYS F 22 -6.14 -21.80 36.13
C CYS F 22 -6.80 -23.01 35.51
N LYS F 23 -8.14 -23.10 35.63
CA LYS F 23 -8.92 -24.22 35.08
C LYS F 23 -9.35 -23.92 33.65
N ALA F 24 -8.73 -24.62 32.69
CA ALA F 24 -8.99 -24.48 31.25
C ALA F 24 -10.05 -25.48 30.80
N SER F 25 -11.10 -25.00 30.15
CA SER F 25 -12.15 -25.87 29.66
C SER F 25 -12.45 -25.62 28.18
N GLY F 26 -13.09 -26.58 27.52
CA GLY F 26 -13.51 -26.46 26.12
C GLY F 26 -12.44 -26.53 25.06
N GLY F 27 -11.32 -27.20 25.38
CA GLY F 27 -10.21 -27.36 24.45
C GLY F 27 -9.32 -28.53 24.80
N THR F 28 -8.14 -28.59 24.18
CA THR F 28 -7.18 -29.66 24.45
C THR F 28 -6.12 -29.13 25.38
N PHE F 29 -6.35 -29.34 26.69
CA PHE F 29 -5.46 -28.89 27.74
C PHE F 29 -4.01 -29.35 27.59
N SER F 30 -3.79 -30.67 27.48
CA SER F 30 -2.46 -31.26 27.47
C SER F 30 -1.50 -30.72 26.41
N SER F 31 -1.99 -30.34 25.21
CA SER F 31 -1.14 -29.83 24.16
C SER F 31 -0.97 -28.27 24.15
N TYR F 32 -1.72 -27.53 24.97
CA TYR F 32 -1.64 -26.06 25.04
C TYR F 32 -0.28 -25.52 25.40
N ALA F 33 0.08 -24.34 24.89
CA ALA F 33 1.29 -23.64 25.29
C ALA F 33 0.74 -22.64 26.33
N ILE F 34 0.73 -23.05 27.60
CA ILE F 34 0.20 -22.25 28.70
C ILE F 34 1.27 -21.31 29.21
N SER F 35 0.90 -20.06 29.46
CA SER F 35 1.86 -19.08 29.96
C SER F 35 1.27 -18.27 31.11
N TRP F 36 2.12 -17.82 32.02
CA TRP F 36 1.73 -16.98 33.13
C TRP F 36 2.32 -15.61 32.91
N VAL F 37 1.45 -14.59 32.95
CA VAL F 37 1.81 -13.18 32.70
C VAL F 37 1.36 -12.35 33.90
N ARG F 38 2.24 -11.52 34.44
CA ARG F 38 1.84 -10.68 35.57
C ARG F 38 1.82 -9.20 35.24
N GLN F 39 1.02 -8.47 36.00
CA GLN F 39 0.88 -7.04 35.80
C GLN F 39 0.69 -6.30 37.13
N ALA F 40 1.74 -5.57 37.56
CA ALA F 40 1.67 -4.75 38.79
C ALA F 40 0.71 -3.56 38.52
N PRO F 41 -0.07 -3.08 39.53
CA PRO F 41 -0.99 -1.96 39.25
C PRO F 41 -0.34 -0.76 38.52
N GLY F 42 -0.91 -0.46 37.36
CA GLY F 42 -0.47 0.62 36.49
C GLY F 42 0.82 0.34 35.74
N GLN F 43 1.32 -0.90 35.80
CA GLN F 43 2.56 -1.28 35.12
C GLN F 43 2.27 -2.11 33.86
N GLY F 44 3.33 -2.54 33.20
CA GLY F 44 3.23 -3.35 31.99
C GLY F 44 3.03 -4.83 32.21
N LEU F 45 2.90 -5.59 31.11
CA LEU F 45 2.72 -7.04 31.10
C LEU F 45 4.10 -7.66 31.18
N GLU F 46 4.24 -8.62 32.07
CA GLU F 46 5.51 -9.29 32.32
C GLU F 46 5.31 -10.81 32.23
N TRP F 47 5.92 -11.42 31.23
CA TRP F 47 5.84 -12.87 31.05
C TRP F 47 6.69 -13.53 32.13
N MET F 48 6.12 -14.50 32.83
CA MET F 48 6.80 -15.17 33.93
C MET F 48 7.44 -16.49 33.50
N GLY F 49 6.70 -17.26 32.74
CA GLY F 49 7.13 -18.56 32.23
C GLY F 49 5.97 -19.29 31.62
N GLY F 50 6.23 -20.49 31.14
CA GLY F 50 5.18 -21.30 30.54
C GLY F 50 5.45 -22.78 30.52
N ILE F 51 4.41 -23.56 30.19
CA ILE F 51 4.49 -25.02 30.11
C ILE F 51 3.59 -25.58 29.00
N ILE F 52 3.98 -26.72 28.39
CA ILE F 52 3.16 -27.54 27.50
C ILE F 52 2.89 -28.77 28.41
N PRO F 53 1.67 -28.93 28.97
CA PRO F 53 1.44 -30.03 29.92
C PRO F 53 1.99 -31.42 29.56
N ILE F 54 1.85 -31.93 28.30
CA ILE F 54 2.37 -33.27 27.95
C ILE F 54 3.89 -33.34 28.11
N PHE F 55 4.62 -32.26 27.88
CA PHE F 55 6.08 -32.27 28.05
C PHE F 55 6.46 -32.18 29.52
N GLY F 56 5.59 -31.55 30.33
CA GLY F 56 5.77 -31.38 31.77
C GLY F 56 6.94 -30.50 32.19
N THR F 57 7.66 -29.91 31.23
CA THR F 57 8.82 -29.07 31.52
C THR F 57 8.47 -27.58 31.43
N ALA F 58 8.55 -26.88 32.57
CA ALA F 58 8.30 -25.44 32.66
C ALA F 58 9.52 -24.65 32.26
N ASN F 59 9.28 -23.51 31.65
CA ASN F 59 10.27 -22.56 31.16
C ASN F 59 10.03 -21.27 31.97
N TYR F 60 11.10 -20.56 32.37
CA TYR F 60 10.93 -19.34 33.18
C TYR F 60 11.72 -18.16 32.69
N ALA F 61 11.16 -16.95 32.89
CA ALA F 61 11.89 -15.74 32.59
C ALA F 61 12.91 -15.57 33.73
N GLN F 62 14.12 -15.12 33.39
CA GLN F 62 15.16 -14.84 34.36
C GLN F 62 14.64 -13.60 35.12
N LYS F 63 14.36 -13.78 36.41
CA LYS F 63 13.78 -12.78 37.36
C LYS F 63 12.84 -13.59 38.26
N PHE F 64 12.28 -14.66 37.69
CA PHE F 64 11.37 -15.54 38.37
C PHE F 64 11.98 -16.90 38.66
N GLN F 65 13.08 -17.25 37.95
CA GLN F 65 13.83 -18.50 38.11
C GLN F 65 14.23 -18.73 39.59
N GLY F 66 13.75 -19.82 40.18
CA GLY F 66 14.02 -20.16 41.56
C GLY F 66 12.97 -19.75 42.57
N ARG F 67 12.10 -18.78 42.19
CA ARG F 67 11.02 -18.24 43.03
C ARG F 67 9.63 -18.67 42.60
N VAL F 68 9.50 -19.06 41.32
CA VAL F 68 8.21 -19.46 40.76
C VAL F 68 8.22 -20.94 40.28
N THR F 69 7.07 -21.60 40.41
CA THR F 69 6.87 -22.99 39.97
C THR F 69 5.58 -23.08 39.15
N ILE F 70 5.74 -23.41 37.86
CA ILE F 70 4.62 -23.60 36.94
C ILE F 70 4.41 -25.09 36.72
N THR F 71 3.23 -25.57 37.04
CA THR F 71 2.86 -26.98 36.90
C THR F 71 1.51 -27.10 36.23
N ALA F 72 1.17 -28.30 35.74
CA ALA F 72 -0.11 -28.53 35.11
C ALA F 72 -0.61 -29.93 35.47
N ASP F 73 -1.92 -30.07 35.68
CA ASP F 73 -2.51 -31.35 36.01
C ASP F 73 -3.47 -31.66 34.88
N GLU F 74 -3.07 -32.63 34.06
CA GLU F 74 -3.79 -33.07 32.88
C GLU F 74 -5.12 -33.71 33.25
N SER F 75 -5.14 -34.44 34.38
CA SER F 75 -6.32 -35.11 34.91
C SER F 75 -7.44 -34.13 35.28
N THR F 76 -7.08 -32.90 35.73
CA THR F 76 -8.08 -31.91 36.14
C THR F 76 -8.17 -30.68 35.19
N SER F 77 -7.30 -30.63 34.15
CA SER F 77 -7.22 -29.53 33.17
C SER F 77 -6.94 -28.20 33.86
N THR F 78 -6.11 -28.21 34.91
CA THR F 78 -5.75 -27.03 35.69
C THR F 78 -4.25 -26.80 35.67
N ALA F 79 -3.85 -25.54 35.42
CA ALA F 79 -2.47 -25.10 35.42
C ALA F 79 -2.25 -24.34 36.74
N TYR F 80 -1.02 -24.31 37.24
CA TYR F 80 -0.72 -23.64 38.50
C TYR F 80 0.50 -22.77 38.43
N MET F 81 0.51 -21.73 39.27
CA MET F 81 1.66 -20.84 39.37
C MET F 81 1.89 -20.61 40.87
N GLU F 82 3.02 -21.10 41.38
CA GLU F 82 3.34 -20.92 42.78
C GLU F 82 4.50 -19.95 42.93
N LEU F 83 4.23 -18.82 43.58
CA LEU F 83 5.22 -17.78 43.85
C LEU F 83 5.43 -17.78 45.37
N SER F 84 6.70 -17.91 45.78
CA SER F 84 7.13 -18.03 47.18
C SER F 84 7.88 -16.80 47.66
N SER F 85 8.07 -16.70 49.01
CA SER F 85 8.76 -15.59 49.69
C SER F 85 8.23 -14.24 49.16
N LEU F 86 6.90 -14.07 49.20
CA LEU F 86 6.20 -12.87 48.72
C LEU F 86 6.69 -11.59 49.34
N ARG F 87 6.84 -10.55 48.51
CA ARG F 87 7.30 -9.20 48.86
C ARG F 87 6.23 -8.21 48.39
N SER F 88 6.36 -6.92 48.77
CA SER F 88 5.43 -5.86 48.35
C SER F 88 5.37 -5.74 46.82
N GLU F 89 6.55 -5.85 46.16
CA GLU F 89 6.72 -5.78 44.70
C GLU F 89 6.05 -6.93 43.95
N ASP F 90 5.50 -7.95 44.64
CA ASP F 90 4.79 -9.06 44.03
C ASP F 90 3.30 -8.79 43.88
N THR F 91 2.82 -7.68 44.48
CA THR F 91 1.42 -7.24 44.39
C THR F 91 1.16 -7.01 42.90
N ALA F 92 0.29 -7.84 42.31
CA ALA F 92 -0.01 -7.79 40.87
C ALA F 92 -1.24 -8.61 40.52
N VAL F 93 -1.72 -8.44 39.26
CA VAL F 93 -2.77 -9.26 38.67
C VAL F 93 -1.98 -10.32 37.91
N TYR F 94 -2.31 -11.58 38.15
CA TYR F 94 -1.66 -12.73 37.53
C TYR F 94 -2.65 -13.33 36.56
N TYR F 95 -2.26 -13.39 35.28
CA TYR F 95 -3.07 -14.00 34.20
C TYR F 95 -2.42 -15.28 33.71
N CYS F 96 -3.25 -16.26 33.39
CA CYS F 96 -2.82 -17.46 32.68
C CYS F 96 -3.35 -17.21 31.26
N ALA F 97 -2.52 -17.55 30.28
CA ALA F 97 -2.84 -17.39 28.89
C ALA F 97 -2.53 -18.67 28.16
N VAL F 98 -3.18 -18.89 27.03
CA VAL F 98 -3.05 -20.09 26.18
C VAL F 98 -2.77 -19.64 24.70
N GLY F 99 -1.71 -20.18 24.10
CA GLY F 99 -1.30 -19.88 22.73
C GLY F 99 -0.22 -18.82 22.61
N LEU F 100 0.35 -18.69 21.42
CA LEU F 100 1.36 -17.68 21.07
C LEU F 100 1.17 -17.34 19.57
N PRO F 101 0.52 -16.21 19.18
CA PRO F 101 -0.10 -15.14 20.01
C PRO F 101 -1.21 -15.67 20.90
N VAL F 102 -1.48 -15.02 22.03
CA VAL F 102 -2.49 -15.52 22.96
C VAL F 102 -3.88 -15.63 22.33
N ASP F 103 -4.48 -16.82 22.46
CA ASP F 103 -5.83 -17.11 21.97
C ASP F 103 -6.84 -16.78 23.05
N TYR F 104 -6.50 -17.12 24.31
CA TYR F 104 -7.39 -16.97 25.47
C TYR F 104 -6.65 -16.61 26.73
N TRP F 105 -7.18 -15.63 27.45
CA TRP F 105 -6.66 -15.13 28.73
C TRP F 105 -7.62 -15.54 29.84
N GLY F 106 -7.13 -15.71 31.06
CA GLY F 106 -7.99 -15.97 32.21
C GLY F 106 -8.50 -14.63 32.70
N GLN F 107 -9.34 -14.60 33.75
CA GLN F 107 -9.88 -13.31 34.21
C GLN F 107 -8.88 -12.50 35.02
N GLY F 108 -7.84 -13.15 35.52
CA GLY F 108 -6.84 -12.55 36.36
C GLY F 108 -7.03 -12.90 37.83
N THR F 109 -5.95 -12.80 38.61
CA THR F 109 -5.98 -13.06 40.04
C THR F 109 -5.16 -11.98 40.68
N LEU F 110 -5.83 -11.14 41.46
CA LEU F 110 -5.13 -10.08 42.18
C LEU F 110 -4.53 -10.72 43.45
N VAL F 111 -3.22 -10.57 43.60
CA VAL F 111 -2.48 -11.06 44.74
C VAL F 111 -1.95 -9.78 45.38
N THR F 112 -2.47 -9.45 46.58
CA THR F 112 -2.09 -8.24 47.32
C THR F 112 -1.17 -8.65 48.44
N VAL F 113 0.06 -8.12 48.43
CA VAL F 113 1.04 -8.41 49.47
C VAL F 113 1.09 -7.24 50.42
N SER F 114 0.80 -7.53 51.71
CA SER F 114 0.80 -6.52 52.77
C SER F 114 1.00 -7.12 54.15
N SER F 115 1.69 -6.39 55.02
CA SER F 115 1.91 -6.77 56.40
C SER F 115 0.65 -6.44 57.24
N ALA F 116 -0.31 -5.69 56.65
CA ALA F 116 -1.55 -5.31 57.29
C ALA F 116 -2.46 -6.52 57.49
N SER F 117 -3.33 -6.45 58.51
CA SER F 117 -4.36 -7.45 58.82
C SER F 117 -5.71 -6.79 58.57
N THR F 118 -6.78 -7.60 58.36
CA THR F 118 -8.14 -7.10 58.17
C THR F 118 -8.49 -6.22 59.35
N LYS F 119 -8.96 -5.02 59.06
CA LYS F 119 -9.41 -4.05 60.04
C LYS F 119 -10.61 -3.38 59.44
N GLY F 120 -11.68 -3.32 60.19
CA GLY F 120 -12.88 -2.59 59.79
C GLY F 120 -12.69 -1.10 60.01
N PRO F 121 -13.36 -0.24 59.22
CA PRO F 121 -13.13 1.20 59.36
C PRO F 121 -13.94 1.91 60.45
N SER F 122 -13.53 3.15 60.71
CA SER F 122 -14.19 4.13 61.56
C SER F 122 -14.93 5.02 60.56
N VAL F 123 -16.19 5.34 60.82
CA VAL F 123 -16.93 6.18 59.87
C VAL F 123 -17.25 7.54 60.50
N PHE F 124 -16.90 8.66 59.83
CA PHE F 124 -17.21 9.99 60.40
C PHE F 124 -18.07 10.85 59.51
N PRO F 125 -19.04 11.64 60.03
CA PRO F 125 -19.81 12.52 59.15
C PRO F 125 -18.98 13.73 58.78
N LEU F 126 -19.11 14.19 57.53
CA LEU F 126 -18.44 15.38 57.00
C LEU F 126 -19.61 16.34 56.73
N ALA F 127 -20.05 17.01 57.81
CA ALA F 127 -21.17 17.95 57.92
C ALA F 127 -21.20 19.04 56.87
N PRO F 128 -22.39 19.40 56.34
CA PRO F 128 -22.45 20.54 55.40
C PRO F 128 -22.22 21.86 56.14
N SER F 129 -21.58 22.84 55.47
CA SER F 129 -21.31 24.18 56.04
C SER F 129 -22.58 24.98 56.38
N GLY F 135 -25.43 29.82 43.95
CA GLY F 135 -25.02 28.57 44.58
C GLY F 135 -25.92 28.14 45.71
N GLY F 136 -27.00 27.43 45.34
CA GLY F 136 -28.01 26.92 46.27
C GLY F 136 -27.85 25.44 46.55
N THR F 137 -26.59 24.99 46.74
CA THR F 137 -26.25 23.59 47.03
C THR F 137 -25.26 23.51 48.18
N ALA F 138 -25.38 22.44 48.96
CA ALA F 138 -24.50 22.15 50.09
C ALA F 138 -23.81 20.83 49.81
N ALA F 139 -22.55 20.71 50.23
CA ALA F 139 -21.82 19.45 50.06
C ALA F 139 -21.65 18.80 51.43
N LEU F 140 -22.12 17.55 51.54
CA LEU F 140 -21.98 16.76 52.75
C LEU F 140 -21.41 15.43 52.42
N GLY F 141 -20.72 14.81 53.37
CA GLY F 141 -20.10 13.51 53.13
C GLY F 141 -19.82 12.60 54.29
N CYS F 142 -19.02 11.57 54.02
CA CYS F 142 -18.58 10.58 54.99
C CYS F 142 -17.11 10.27 54.83
N LEU F 143 -16.41 10.14 55.94
CA LEU F 143 -15.01 9.75 55.91
C LEU F 143 -14.91 8.35 56.42
N VAL F 144 -14.46 7.43 55.56
CA VAL F 144 -14.26 6.02 55.88
C VAL F 144 -12.78 5.82 56.27
N LYS F 145 -12.48 5.85 57.58
CA LYS F 145 -11.10 5.80 58.07
C LYS F 145 -10.58 4.44 58.46
N ASP F 146 -9.35 4.17 58.01
CA ASP F 146 -8.50 3.09 58.36
C ASP F 146 -9.09 1.73 58.24
N TYR F 147 -9.10 1.19 57.03
CA TYR F 147 -9.59 -0.16 56.84
C TYR F 147 -8.61 -0.95 55.96
N PHE F 148 -8.72 -2.25 56.04
CA PHE F 148 -7.93 -3.11 55.22
C PHE F 148 -8.67 -4.36 55.17
N PRO F 149 -8.75 -4.99 53.97
CA PRO F 149 -8.18 -4.59 52.68
C PRO F 149 -9.28 -4.20 51.73
N GLU F 150 -9.06 -4.66 50.49
CA GLU F 150 -9.94 -4.82 49.35
C GLU F 150 -10.80 -3.62 49.24
N PRO F 151 -12.17 -3.76 49.10
CA PRO F 151 -12.98 -2.56 48.91
C PRO F 151 -13.99 -2.24 50.01
N VAL F 152 -14.42 -0.98 50.05
CA VAL F 152 -15.56 -0.54 50.82
C VAL F 152 -16.53 0.01 49.79
N THR F 153 -17.83 -0.09 50.07
CA THR F 153 -18.87 0.50 49.23
C THR F 153 -19.62 1.53 50.04
N VAL F 154 -19.93 2.67 49.41
CA VAL F 154 -20.71 3.71 50.06
C VAL F 154 -22.00 3.96 49.24
N SER F 155 -23.13 4.10 49.91
CA SER F 155 -24.39 4.48 49.26
C SER F 155 -25.00 5.55 50.12
N TRP F 156 -25.99 6.25 49.60
CA TRP F 156 -26.63 7.33 50.32
C TRP F 156 -28.12 7.08 50.37
N ASN F 157 -28.69 7.12 51.60
CA ASN F 157 -30.10 6.83 51.88
C ASN F 157 -30.51 5.47 51.30
N SER F 158 -29.65 4.45 51.51
CA SER F 158 -29.85 3.06 51.06
C SER F 158 -30.06 2.90 49.56
N GLY F 159 -29.45 3.81 48.80
CA GLY F 159 -29.51 3.81 47.35
C GLY F 159 -30.58 4.71 46.76
N ALA F 160 -31.43 5.33 47.62
CA ALA F 160 -32.48 6.26 47.20
C ALA F 160 -31.91 7.57 46.61
N LEU F 161 -30.71 7.98 47.07
CA LEU F 161 -30.03 9.21 46.66
C LEU F 161 -28.81 8.79 45.82
N THR F 162 -28.86 9.03 44.52
CA THR F 162 -27.78 8.67 43.59
C THR F 162 -27.23 9.91 42.87
N SER F 163 -28.05 10.94 42.73
CA SER F 163 -27.65 12.17 42.05
C SER F 163 -26.76 13.00 42.93
N GLY F 164 -25.61 13.40 42.37
CA GLY F 164 -24.61 14.23 43.05
C GLY F 164 -23.73 13.47 44.01
N VAL F 165 -23.73 12.13 43.90
CA VAL F 165 -22.94 11.23 44.76
C VAL F 165 -21.60 10.95 44.10
N HIS F 166 -20.53 11.32 44.75
CA HIS F 166 -19.19 11.03 44.25
C HIS F 166 -18.34 10.38 45.37
N THR F 167 -18.19 9.05 45.27
CA THR F 167 -17.34 8.26 46.16
C THR F 167 -15.96 8.26 45.50
N PHE F 168 -14.96 8.66 46.26
CA PHE F 168 -13.61 8.81 45.79
C PHE F 168 -12.75 7.58 45.98
N PRO F 169 -11.83 7.27 45.03
CA PRO F 169 -10.91 6.13 45.24
C PRO F 169 -10.07 6.31 46.52
N ALA F 170 -9.85 5.21 47.24
CA ALA F 170 -9.16 5.22 48.52
C ALA F 170 -7.71 5.64 48.46
N VAL F 171 -7.23 6.23 49.55
CA VAL F 171 -5.83 6.57 49.74
C VAL F 171 -5.17 5.43 50.55
N LEU F 172 -4.00 4.97 50.12
CA LEU F 172 -3.28 3.95 50.88
C LEU F 172 -2.23 4.69 51.71
N GLN F 173 -2.38 4.64 53.03
CA GLN F 173 -1.49 5.30 53.98
C GLN F 173 -0.22 4.49 54.25
N SER F 174 0.81 5.15 54.80
CA SER F 174 2.09 4.52 55.16
C SER F 174 1.94 3.42 56.22
N SER F 175 0.78 3.41 56.92
CA SER F 175 0.43 2.41 57.93
C SER F 175 -0.02 1.12 57.25
N GLY F 176 -0.33 1.20 55.95
CA GLY F 176 -0.84 0.10 55.16
C GLY F 176 -2.35 -0.06 55.24
N LEU F 177 -3.05 0.92 55.81
CA LEU F 177 -4.51 0.94 55.88
C LEU F 177 -5.05 1.96 54.93
N TYR F 178 -6.25 1.73 54.42
CA TYR F 178 -6.89 2.62 53.47
C TYR F 178 -7.84 3.64 54.13
N SER F 179 -8.13 4.74 53.42
CA SER F 179 -9.13 5.73 53.80
C SER F 179 -9.80 6.29 52.53
N LEU F 180 -11.10 6.57 52.57
CA LEU F 180 -11.83 7.12 51.45
C LEU F 180 -12.91 8.07 51.92
N SER F 181 -13.44 8.85 50.98
CA SER F 181 -14.50 9.78 51.25
C SER F 181 -15.54 9.70 50.15
N SER F 182 -16.78 9.96 50.56
CA SER F 182 -17.90 9.98 49.67
C SER F 182 -18.59 11.24 49.96
N VAL F 183 -18.91 11.97 48.92
CA VAL F 183 -19.54 13.28 49.08
C VAL F 183 -20.75 13.37 48.16
N VAL F 184 -21.79 14.07 48.63
CA VAL F 184 -23.02 14.27 47.90
C VAL F 184 -23.40 15.76 47.97
N THR F 185 -23.71 16.35 46.80
CA THR F 185 -24.14 17.74 46.71
C THR F 185 -25.65 17.73 46.66
N VAL F 186 -26.25 18.47 47.60
CA VAL F 186 -27.70 18.52 47.77
C VAL F 186 -28.22 19.97 47.83
N PRO F 187 -29.54 20.21 47.55
CA PRO F 187 -30.08 21.57 47.70
C PRO F 187 -29.94 22.07 49.13
N SER F 188 -29.50 23.32 49.31
CA SER F 188 -29.34 23.93 50.64
C SER F 188 -30.65 23.99 51.42
N SER F 189 -31.79 24.26 50.72
CA SER F 189 -33.15 24.32 51.27
C SER F 189 -33.56 23.04 52.02
N SER F 190 -33.19 21.87 51.44
CA SER F 190 -33.45 20.52 51.98
C SER F 190 -32.70 20.18 53.28
N LEU F 191 -31.64 20.92 53.65
CA LEU F 191 -30.84 20.62 54.84
C LEU F 191 -31.61 20.46 56.17
N GLY F 192 -32.59 21.33 56.41
CA GLY F 192 -33.41 21.31 57.63
C GLY F 192 -34.54 20.28 57.65
N THR F 193 -35.00 19.87 56.46
CA THR F 193 -36.12 18.94 56.27
C THR F 193 -35.74 17.49 55.91
N GLN F 194 -34.70 17.30 55.07
CA GLN F 194 -34.28 15.98 54.60
C GLN F 194 -33.14 15.36 55.44
N THR F 195 -33.27 14.06 55.75
CA THR F 195 -32.28 13.28 56.50
C THR F 195 -31.30 12.63 55.51
N TYR F 196 -30.00 12.79 55.76
CA TYR F 196 -28.99 12.23 54.89
C TYR F 196 -28.16 11.21 55.65
N ILE F 197 -28.26 9.95 55.22
CA ILE F 197 -27.52 8.82 55.81
C ILE F 197 -26.60 8.21 54.79
N CYS F 198 -25.36 7.96 55.19
CA CYS F 198 -24.45 7.23 54.34
C CYS F 198 -24.27 5.83 54.86
N ASN F 199 -24.41 4.87 53.97
CA ASN F 199 -24.31 3.45 54.28
C ASN F 199 -22.96 2.90 53.84
N VAL F 200 -22.12 2.58 54.82
CA VAL F 200 -20.76 2.09 54.62
C VAL F 200 -20.72 0.59 54.87
N ASN F 201 -20.20 -0.13 53.89
CA ASN F 201 -20.15 -1.57 53.91
C ASN F 201 -18.74 -2.01 53.58
N HIS F 202 -18.14 -2.82 54.45
CA HIS F 202 -16.81 -3.35 54.25
C HIS F 202 -16.93 -4.84 54.54
N LYS F 203 -17.17 -5.64 53.49
CA LYS F 203 -17.37 -7.08 53.59
C LYS F 203 -16.20 -7.80 54.27
N PRO F 204 -14.89 -7.59 53.94
CA PRO F 204 -13.84 -8.37 54.63
C PRO F 204 -13.93 -8.43 56.17
N SER F 205 -14.48 -7.38 56.82
CA SER F 205 -14.63 -7.32 58.28
C SER F 205 -16.08 -7.41 58.77
N ASN F 206 -17.04 -7.57 57.82
CA ASN F 206 -18.48 -7.62 58.07
C ASN F 206 -18.94 -6.37 58.79
N THR F 207 -18.48 -5.23 58.33
CA THR F 207 -18.83 -3.92 58.86
C THR F 207 -19.98 -3.35 57.99
N LYS F 208 -21.12 -3.02 58.64
CA LYS F 208 -22.24 -2.30 58.04
C LYS F 208 -22.52 -1.13 58.98
N VAL F 209 -22.38 0.09 58.48
CA VAL F 209 -22.62 1.29 59.28
C VAL F 209 -23.56 2.19 58.52
N ASP F 210 -24.56 2.76 59.23
CA ASP F 210 -25.47 3.74 58.66
C ASP F 210 -25.28 4.99 59.49
N LYS F 211 -24.59 6.02 58.91
CA LYS F 211 -24.26 7.26 59.60
C LYS F 211 -25.09 8.41 59.10
N LYS F 212 -25.77 9.06 60.02
CA LYS F 212 -26.55 10.25 59.72
C LYS F 212 -25.55 11.42 59.63
N VAL F 213 -25.73 12.28 58.61
CA VAL F 213 -24.84 13.42 58.42
C VAL F 213 -25.71 14.65 58.58
N GLU F 214 -25.61 15.26 59.74
CA GLU F 214 -26.49 16.35 60.16
C GLU F 214 -25.80 17.69 60.09
N PRO F 215 -26.54 18.79 59.76
CA PRO F 215 -25.89 20.12 59.68
C PRO F 215 -25.27 20.57 61.01
N LYS F 216 -24.18 21.35 60.96
CA LYS F 216 -23.45 21.81 62.17
C LYS F 216 -24.37 22.54 63.19
N SER F 217 -24.05 22.43 64.51
CA SER F 217 -24.76 23.10 65.63
C SER F 217 -24.98 24.61 65.36
N CYS F 218 -23.92 25.27 64.79
CA CYS F 218 -23.80 26.65 64.30
C CYS F 218 -22.39 26.98 63.76
N GLU G 1 -15.57 -44.67 10.88
CA GLU G 1 -14.34 -44.28 10.19
C GLU G 1 -14.40 -42.79 9.82
N VAL G 2 -13.46 -42.00 10.35
CA VAL G 2 -13.36 -40.57 10.10
C VAL G 2 -12.85 -40.28 8.68
N GLN G 3 -13.45 -39.30 8.02
CA GLN G 3 -13.06 -38.95 6.66
C GLN G 3 -13.20 -37.45 6.42
N LEU G 4 -12.53 -36.95 5.38
CA LEU G 4 -12.63 -35.59 4.88
C LEU G 4 -12.82 -35.73 3.41
N VAL G 5 -13.78 -34.98 2.86
CA VAL G 5 -14.08 -35.06 1.43
C VAL G 5 -13.99 -33.68 0.80
N GLU G 6 -13.09 -33.52 -0.17
CA GLU G 6 -13.01 -32.25 -0.92
C GLU G 6 -14.02 -32.31 -2.07
N SER G 7 -14.50 -31.15 -2.47
CA SER G 7 -15.37 -30.95 -3.63
C SER G 7 -15.08 -29.54 -4.15
N GLY G 8 -15.60 -29.22 -5.33
CA GLY G 8 -15.46 -27.93 -5.97
C GLY G 8 -14.40 -27.86 -7.04
N GLY G 9 -13.58 -28.91 -7.15
CA GLY G 9 -12.49 -29.01 -8.13
C GLY G 9 -13.02 -29.00 -9.55
N GLY G 10 -12.12 -28.76 -10.49
CA GLY G 10 -12.43 -28.72 -11.92
C GLY G 10 -11.54 -27.78 -12.67
N VAL G 11 -12.00 -27.38 -13.87
CA VAL G 11 -11.30 -26.45 -14.75
C VAL G 11 -11.78 -25.00 -14.51
N VAL G 12 -10.81 -24.07 -14.44
CA VAL G 12 -11.00 -22.63 -14.24
C VAL G 12 -10.00 -21.89 -15.14
N GLN G 13 -10.42 -20.74 -15.71
CA GLN G 13 -9.55 -19.96 -16.59
C GLN G 13 -8.55 -19.16 -15.77
N PRO G 14 -7.32 -18.86 -16.28
CA PRO G 14 -6.40 -18.03 -15.49
C PRO G 14 -7.03 -16.67 -15.32
N GLY G 15 -6.90 -16.11 -14.12
CA GLY G 15 -7.49 -14.81 -13.80
C GLY G 15 -8.83 -14.92 -13.14
N ARG G 16 -9.46 -16.11 -13.18
CA ARG G 16 -10.75 -16.32 -12.52
C ARG G 16 -10.61 -16.93 -11.11
N SER G 17 -11.76 -17.26 -10.47
CA SER G 17 -11.82 -17.81 -9.13
C SER G 17 -12.45 -19.16 -9.08
N LEU G 18 -12.10 -19.92 -8.06
CA LEU G 18 -12.60 -21.25 -7.77
C LEU G 18 -12.68 -21.41 -6.26
N ARG G 19 -13.82 -21.92 -5.79
CA ARG G 19 -14.02 -22.16 -4.36
C ARG G 19 -14.07 -23.64 -4.10
N LEU G 20 -13.13 -24.13 -3.28
CA LEU G 20 -13.04 -25.53 -2.88
C LEU G 20 -13.70 -25.68 -1.53
N SER G 21 -14.38 -26.81 -1.34
CA SER G 21 -15.08 -27.12 -0.09
C SER G 21 -14.57 -28.40 0.50
N CYS G 22 -14.69 -28.55 1.81
CA CYS G 22 -14.26 -29.74 2.54
C CYS G 22 -15.31 -30.09 3.58
N ALA G 23 -15.73 -31.36 3.60
CA ALA G 23 -16.74 -31.86 4.53
C ALA G 23 -16.18 -33.03 5.38
N ALA G 24 -16.45 -33.06 6.70
CA ALA G 24 -16.05 -34.14 7.61
C ALA G 24 -17.14 -35.20 7.76
N SER G 25 -16.74 -36.44 7.95
CA SER G 25 -17.61 -37.59 8.15
C SER G 25 -17.06 -38.37 9.34
N GLY G 26 -17.95 -38.75 10.25
CA GLY G 26 -17.59 -39.51 11.43
C GLY G 26 -16.98 -38.76 12.59
N PHE G 27 -16.97 -37.42 12.54
CA PHE G 27 -16.42 -36.53 13.58
C PHE G 27 -16.80 -35.10 13.19
N SER G 28 -16.44 -34.10 14.01
CA SER G 28 -16.68 -32.68 13.80
C SER G 28 -15.36 -31.88 13.68
N PHE G 29 -15.32 -30.92 12.70
CA PHE G 29 -14.26 -29.95 12.33
C PHE G 29 -14.04 -28.90 13.35
N SER G 30 -15.15 -28.50 13.98
CA SER G 30 -15.33 -27.38 14.91
C SER G 30 -14.19 -27.07 15.87
N SER G 31 -13.59 -28.06 16.50
CA SER G 31 -12.54 -27.91 17.50
C SER G 31 -11.11 -28.09 16.97
N TYR G 32 -10.97 -28.35 15.65
CA TYR G 32 -9.68 -28.61 15.01
C TYR G 32 -9.21 -27.53 14.08
N GLY G 33 -7.90 -27.32 14.02
CA GLY G 33 -7.30 -26.45 13.03
C GLY G 33 -7.23 -27.25 11.75
N MET G 34 -7.67 -26.68 10.64
CA MET G 34 -7.75 -27.36 9.35
C MET G 34 -6.88 -26.70 8.33
N HIS G 35 -6.18 -27.51 7.52
CA HIS G 35 -5.23 -27.06 6.49
C HIS G 35 -5.65 -27.46 5.10
N TRP G 36 -5.01 -26.83 4.11
CA TRP G 36 -5.03 -27.16 2.69
C TRP G 36 -3.59 -27.34 2.27
N VAL G 37 -3.32 -28.41 1.54
CA VAL G 37 -1.99 -28.76 1.04
C VAL G 37 -2.19 -29.08 -0.43
N ARG G 38 -1.23 -28.77 -1.29
CA ARG G 38 -1.35 -29.08 -2.72
C ARG G 38 -0.09 -29.75 -3.28
N GLN G 39 -0.23 -30.40 -4.44
CA GLN G 39 0.90 -31.00 -5.14
C GLN G 39 0.70 -30.77 -6.62
N ALA G 40 1.59 -29.96 -7.19
CA ALA G 40 1.54 -29.68 -8.63
C ALA G 40 2.21 -30.83 -9.39
N PRO G 41 1.76 -31.17 -10.61
CA PRO G 41 2.42 -32.24 -11.37
C PRO G 41 3.95 -32.06 -11.45
N GLY G 42 4.68 -33.12 -11.09
CA GLY G 42 6.14 -33.10 -11.10
C GLY G 42 6.82 -32.35 -9.96
N LYS G 43 6.05 -31.72 -9.05
CA LYS G 43 6.63 -30.97 -7.94
C LYS G 43 6.32 -31.67 -6.61
N GLY G 44 6.84 -31.15 -5.53
CA GLY G 44 6.64 -31.75 -4.22
C GLY G 44 5.46 -31.16 -3.49
N LEU G 45 5.19 -31.63 -2.27
CA LEU G 45 4.07 -31.13 -1.46
C LEU G 45 4.30 -29.68 -1.08
N GLU G 46 3.22 -28.90 -1.05
CA GLU G 46 3.27 -27.48 -0.75
C GLU G 46 2.11 -27.11 0.14
N TRP G 47 2.43 -26.52 1.29
CA TRP G 47 1.43 -26.14 2.26
C TRP G 47 0.78 -24.85 1.80
N VAL G 48 -0.59 -24.80 1.82
CA VAL G 48 -1.34 -23.68 1.29
C VAL G 48 -1.82 -22.76 2.38
N ALA G 49 -2.59 -23.25 3.36
CA ALA G 49 -3.17 -22.38 4.39
C ALA G 49 -3.64 -23.18 5.57
N VAL G 50 -3.95 -22.49 6.67
CA VAL G 50 -4.54 -23.02 7.89
C VAL G 50 -5.56 -22.00 8.44
N ILE G 51 -6.68 -22.50 8.95
CA ILE G 51 -7.69 -21.75 9.69
C ILE G 51 -7.61 -22.29 11.14
N TRP G 52 -7.61 -21.38 12.14
CA TRP G 52 -7.52 -21.78 13.55
C TRP G 52 -8.73 -22.60 14.02
N TYR G 53 -8.58 -23.43 15.05
CA TYR G 53 -9.70 -24.22 15.59
C TYR G 53 -10.94 -23.39 15.87
N ASP G 54 -10.80 -22.15 16.34
CA ASP G 54 -11.96 -21.36 16.60
C ASP G 54 -12.09 -20.13 15.64
N GLY G 55 -11.60 -20.34 14.40
CA GLY G 55 -11.61 -19.42 13.26
C GLY G 55 -11.12 -18.01 13.48
N SER G 56 -10.33 -17.78 14.54
CA SER G 56 -9.84 -16.44 14.88
C SER G 56 -8.69 -15.97 13.98
N LYS G 57 -7.82 -16.90 13.56
CA LYS G 57 -6.59 -16.63 12.82
C LYS G 57 -6.45 -17.47 11.59
N THR G 58 -5.63 -17.02 10.69
CA THR G 58 -5.39 -17.65 9.41
C THR G 58 -3.92 -17.45 8.98
N TYR G 59 -3.26 -18.45 8.32
CA TYR G 59 -1.87 -18.35 7.81
C TYR G 59 -1.84 -18.94 6.43
N TYR G 60 -1.06 -18.37 5.52
CA TYR G 60 -0.96 -18.75 4.13
C TYR G 60 0.46 -18.98 3.69
N GLY G 61 0.61 -19.83 2.69
CA GLY G 61 1.88 -20.07 2.04
C GLY G 61 2.26 -18.83 1.24
N ASP G 62 3.55 -18.57 1.13
CA ASP G 62 4.10 -17.44 0.37
C ASP G 62 3.58 -17.28 -1.07
N SER G 63 3.36 -18.40 -1.79
CA SER G 63 2.91 -18.29 -3.18
C SER G 63 1.43 -17.99 -3.34
N VAL G 64 0.64 -18.03 -2.23
CA VAL G 64 -0.83 -17.86 -2.28
C VAL G 64 -1.32 -16.68 -1.46
N LYS G 65 -0.45 -16.09 -0.63
CA LYS G 65 -0.77 -14.94 0.24
C LYS G 65 -1.34 -13.78 -0.59
N GLY G 66 -2.52 -13.32 -0.20
CA GLY G 66 -3.21 -12.23 -0.88
C GLY G 66 -4.28 -12.66 -1.85
N ARG G 67 -4.11 -13.83 -2.48
CA ARG G 67 -5.05 -14.38 -3.48
C ARG G 67 -6.04 -15.37 -2.93
N PHE G 68 -5.64 -16.12 -1.91
CA PHE G 68 -6.48 -17.17 -1.31
C PHE G 68 -7.03 -16.78 0.06
N THR G 69 -8.17 -17.36 0.41
CA THR G 69 -8.81 -17.16 1.71
C THR G 69 -9.31 -18.50 2.23
N ILE G 70 -8.98 -18.83 3.47
CA ILE G 70 -9.46 -20.05 4.12
C ILE G 70 -10.51 -19.69 5.19
N SER G 71 -11.59 -20.48 5.28
CA SER G 71 -12.66 -20.20 6.22
C SER G 71 -13.28 -21.48 6.72
N LYS G 72 -14.09 -21.34 7.77
CA LYS G 72 -14.85 -22.38 8.46
C LYS G 72 -16.26 -21.88 8.61
N ASP G 73 -17.20 -22.70 8.22
CA ASP G 73 -18.61 -22.39 8.41
C ASP G 73 -19.10 -23.53 9.29
N ASN G 74 -19.29 -23.28 10.58
CA ASN G 74 -19.70 -24.35 11.48
C ASN G 74 -21.20 -24.73 11.32
N SER G 75 -22.02 -23.81 10.77
CA SER G 75 -23.46 -24.02 10.52
C SER G 75 -23.64 -24.98 9.35
N LYS G 76 -22.86 -24.76 8.26
CA LYS G 76 -22.89 -25.61 7.05
C LYS G 76 -21.95 -26.81 7.22
N LYS G 77 -21.20 -26.85 8.36
CA LYS G 77 -20.21 -27.88 8.75
C LYS G 77 -19.20 -28.07 7.60
N MET G 78 -18.53 -26.98 7.24
CA MET G 78 -17.62 -26.92 6.11
C MET G 78 -16.36 -26.05 6.32
N VAL G 79 -15.31 -26.38 5.57
CA VAL G 79 -14.05 -25.65 5.45
C VAL G 79 -13.94 -25.27 3.96
N ASN G 80 -13.69 -24.00 3.67
CA ASN G 80 -13.60 -23.53 2.29
C ASN G 80 -12.27 -22.92 1.98
N LEU G 81 -11.92 -22.94 0.70
CA LEU G 81 -10.73 -22.30 0.19
C LEU G 81 -11.12 -21.53 -1.05
N GLN G 82 -11.16 -20.20 -0.91
CA GLN G 82 -11.48 -19.25 -1.97
C GLN G 82 -10.15 -18.92 -2.65
N MET G 83 -9.99 -19.29 -3.91
CA MET G 83 -8.77 -19.08 -4.69
C MET G 83 -9.07 -18.04 -5.77
N ASP G 84 -8.57 -16.81 -5.63
CA ASP G 84 -8.80 -15.75 -6.59
C ASP G 84 -7.54 -15.52 -7.42
N SER G 85 -7.66 -14.83 -8.57
CA SER G 85 -6.56 -14.50 -9.48
C SER G 85 -5.67 -15.71 -9.73
N LEU G 86 -6.28 -16.85 -10.12
CA LEU G 86 -5.56 -18.07 -10.37
C LEU G 86 -4.66 -17.96 -11.60
N GLY G 87 -3.53 -18.64 -11.53
CA GLY G 87 -2.56 -18.73 -12.61
C GLY G 87 -2.31 -20.18 -12.95
N VAL G 88 -1.74 -20.45 -14.14
CA VAL G 88 -1.46 -21.82 -14.60
C VAL G 88 -0.63 -22.64 -13.58
N GLU G 89 0.23 -21.98 -12.78
CA GLU G 89 1.06 -22.61 -11.72
C GLU G 89 0.23 -23.13 -10.52
N ASP G 90 -1.04 -22.72 -10.41
CA ASP G 90 -1.94 -23.15 -9.32
C ASP G 90 -2.62 -24.47 -9.63
N THR G 91 -2.31 -25.04 -10.80
CA THR G 91 -2.80 -26.34 -11.24
C THR G 91 -2.16 -27.38 -10.35
N ALA G 92 -2.98 -28.05 -9.56
CA ALA G 92 -2.47 -29.03 -8.62
C ALA G 92 -3.59 -29.89 -8.08
N PHE G 93 -3.23 -30.93 -7.32
CA PHE G 93 -4.15 -31.74 -6.53
C PHE G 93 -4.17 -31.03 -5.19
N TYR G 94 -5.37 -30.73 -4.69
CA TYR G 94 -5.60 -30.03 -3.42
C TYR G 94 -6.19 -30.97 -2.39
N TYR G 95 -5.59 -31.00 -1.20
CA TYR G 95 -6.00 -31.85 -0.09
C TYR G 95 -6.43 -31.00 1.06
N CYS G 96 -7.51 -31.42 1.70
CA CYS G 96 -8.02 -30.82 2.91
C CYS G 96 -7.46 -31.75 3.96
N ALA G 97 -6.89 -31.21 5.05
CA ALA G 97 -6.31 -32.06 6.08
C ALA G 97 -6.46 -31.48 7.46
N ARG G 98 -6.53 -32.35 8.47
CA ARG G 98 -6.70 -32.00 9.87
C ARG G 98 -5.37 -31.91 10.66
N GLY G 99 -5.20 -30.80 11.38
CA GLY G 99 -4.03 -30.64 12.24
C GLY G 99 -4.14 -31.36 13.59
N ILE G 100 -2.96 -31.80 14.11
CA ILE G 100 -2.80 -32.31 15.47
C ILE G 100 -2.29 -31.08 16.22
N ALA G 101 -3.13 -30.54 17.12
CA ALA G 101 -2.74 -29.39 17.91
C ALA G 101 -1.52 -29.76 18.74
N GLY G 102 -0.56 -28.84 18.79
CA GLY G 102 0.69 -28.96 19.53
C GLY G 102 1.28 -27.60 19.83
N GLY G 103 1.24 -27.26 21.12
CA GLY G 103 1.62 -25.99 21.76
C GLY G 103 1.84 -24.77 20.89
N TRP G 104 0.90 -23.89 20.75
CA TRP G 104 1.09 -22.66 19.92
C TRP G 104 0.87 -22.94 18.43
N ALA G 105 1.11 -24.17 17.92
CA ALA G 105 0.74 -24.49 16.54
C ALA G 105 0.28 -25.96 16.36
N PHE G 106 1.08 -26.77 15.65
CA PHE G 106 0.76 -28.16 15.31
C PHE G 106 1.96 -29.05 15.46
N TRP G 107 1.72 -30.32 15.68
CA TRP G 107 2.76 -31.34 15.75
C TRP G 107 2.78 -32.16 14.47
N GLY G 108 1.68 -32.14 13.71
CA GLY G 108 1.53 -32.85 12.44
C GLY G 108 0.13 -32.73 11.90
N ILE G 109 -0.14 -33.34 10.74
CA ILE G 109 -1.42 -33.33 10.04
C ILE G 109 -1.80 -34.81 9.85
N ASP G 110 -2.76 -35.29 10.65
CA ASP G 110 -3.09 -36.70 10.72
C ASP G 110 -4.10 -37.22 9.69
N LEU G 111 -5.23 -36.53 9.49
CA LEU G 111 -6.28 -36.99 8.61
C LEU G 111 -6.28 -36.21 7.32
N TRP G 112 -6.25 -36.92 6.21
CA TRP G 112 -6.14 -36.35 4.87
C TRP G 112 -7.30 -36.72 3.93
N GLY G 113 -7.77 -35.76 3.14
CA GLY G 113 -8.79 -36.07 2.15
C GLY G 113 -8.16 -36.78 0.95
N GLN G 114 -8.96 -37.30 0.03
CA GLN G 114 -8.47 -37.97 -1.18
C GLN G 114 -7.80 -37.02 -2.18
N GLY G 115 -8.13 -35.74 -2.09
CA GLY G 115 -7.60 -34.73 -2.98
C GLY G 115 -8.52 -34.48 -4.15
N THR G 116 -8.41 -33.28 -4.76
CA THR G 116 -9.19 -32.87 -5.92
C THR G 116 -8.30 -32.09 -6.87
N LEU G 117 -8.42 -32.35 -8.17
CA LEU G 117 -7.62 -31.68 -9.17
C LEU G 117 -8.24 -30.38 -9.61
N VAL G 118 -7.41 -29.35 -9.58
CA VAL G 118 -7.74 -28.02 -10.03
C VAL G 118 -6.80 -27.73 -11.19
N THR G 119 -7.37 -27.61 -12.38
CA THR G 119 -6.64 -27.29 -13.61
C THR G 119 -6.91 -25.84 -13.98
N VAL G 120 -5.88 -24.99 -13.88
CA VAL G 120 -6.00 -23.58 -14.23
C VAL G 120 -5.49 -23.45 -15.67
N SER G 121 -6.41 -23.28 -16.62
CA SER G 121 -6.07 -23.17 -18.04
C SER G 121 -7.17 -22.49 -18.83
N SER G 122 -6.81 -21.89 -19.97
CA SER G 122 -7.78 -21.28 -20.87
C SER G 122 -8.18 -22.26 -22.01
N ALA G 123 -7.60 -23.48 -22.01
CA ALA G 123 -7.91 -24.56 -22.95
C ALA G 123 -9.38 -25.04 -22.85
N SER G 124 -9.93 -25.66 -23.89
CA SER G 124 -11.31 -26.18 -23.86
C SER G 124 -11.31 -27.69 -23.75
N THR G 125 -12.33 -28.27 -23.10
CA THR G 125 -12.46 -29.71 -22.93
C THR G 125 -12.46 -30.39 -24.29
N LYS G 126 -11.45 -31.22 -24.53
CA LYS G 126 -11.24 -31.89 -25.81
C LYS G 126 -10.82 -33.34 -25.53
N GLY G 127 -11.38 -34.24 -26.33
CA GLY G 127 -11.07 -35.67 -26.29
C GLY G 127 -9.79 -35.98 -27.05
N PRO G 128 -9.05 -37.04 -26.66
CA PRO G 128 -7.79 -37.35 -27.37
C PRO G 128 -7.92 -37.90 -28.78
N SER G 129 -6.91 -37.65 -29.61
CA SER G 129 -6.76 -38.23 -30.93
C SER G 129 -5.82 -39.43 -30.67
N VAL G 130 -6.22 -40.65 -31.05
CA VAL G 130 -5.43 -41.84 -30.75
C VAL G 130 -4.73 -42.35 -32.01
N PHE G 131 -3.38 -42.28 -32.00
CA PHE G 131 -2.57 -42.70 -33.16
C PHE G 131 -1.80 -43.97 -32.89
N PRO G 132 -1.63 -44.87 -33.86
CA PRO G 132 -0.90 -46.11 -33.57
C PRO G 132 0.61 -45.92 -33.58
N LEU G 133 1.31 -46.66 -32.69
CA LEU G 133 2.76 -46.71 -32.69
C LEU G 133 3.01 -48.13 -33.15
N ALA G 134 2.90 -48.33 -34.50
CA ALA G 134 2.99 -49.61 -35.22
C ALA G 134 4.27 -50.39 -34.91
N PRO G 135 4.14 -51.73 -34.71
CA PRO G 135 5.27 -52.56 -34.24
C PRO G 135 6.68 -52.34 -34.81
N SER G 136 6.86 -52.31 -36.15
CA SER G 136 8.13 -52.17 -36.88
C SER G 136 8.47 -53.44 -37.66
N SER G 137 8.90 -53.23 -38.93
CA SER G 137 9.31 -54.22 -39.94
C SER G 137 10.45 -55.12 -39.42
N LYS G 138 11.44 -54.50 -38.75
CA LYS G 138 12.61 -55.18 -38.15
C LYS G 138 12.20 -55.75 -36.79
N SER G 139 11.35 -56.78 -36.83
CA SER G 139 10.79 -57.48 -35.68
C SER G 139 11.76 -58.49 -35.03
N THR G 140 12.83 -58.88 -35.75
CA THR G 140 13.82 -59.92 -35.42
C THR G 140 13.07 -61.28 -35.65
N SER G 141 13.31 -62.29 -34.80
CA SER G 141 12.66 -63.60 -34.87
C SER G 141 12.87 -64.25 -33.51
N GLY G 142 11.76 -64.54 -32.82
CA GLY G 142 11.80 -65.12 -31.47
C GLY G 142 12.27 -64.11 -30.44
N GLY G 143 12.32 -62.84 -30.85
CA GLY G 143 12.69 -61.70 -30.03
C GLY G 143 11.44 -60.93 -29.64
N THR G 144 11.63 -59.86 -28.87
CA THR G 144 10.54 -59.02 -28.40
C THR G 144 10.45 -57.76 -29.23
N ALA G 145 9.23 -57.45 -29.67
CA ALA G 145 8.86 -56.26 -30.43
C ALA G 145 8.14 -55.24 -29.49
N ALA G 146 8.02 -53.98 -29.93
CA ALA G 146 7.29 -52.94 -29.19
C ALA G 146 6.27 -52.28 -30.08
N LEU G 147 5.09 -52.05 -29.52
CA LEU G 147 4.00 -51.34 -30.17
C LEU G 147 3.32 -50.45 -29.11
N GLY G 148 2.43 -49.57 -29.55
CA GLY G 148 1.73 -48.70 -28.61
C GLY G 148 0.70 -47.79 -29.24
N CYS G 149 0.22 -46.85 -28.43
CA CYS G 149 -0.76 -45.84 -28.80
C CYS G 149 -0.31 -44.47 -28.35
N LEU G 150 -0.35 -43.49 -29.27
CA LEU G 150 -0.07 -42.10 -28.98
C LEU G 150 -1.44 -41.38 -28.73
N VAL G 151 -1.73 -41.08 -27.46
CA VAL G 151 -2.96 -40.45 -26.99
C VAL G 151 -2.64 -38.95 -26.98
N LYS G 152 -2.97 -38.26 -28.06
CA LYS G 152 -2.59 -36.87 -28.26
C LYS G 152 -3.70 -35.82 -28.16
N ASP G 153 -3.29 -34.62 -27.64
CA ASP G 153 -4.06 -33.39 -27.57
C ASP G 153 -5.45 -33.52 -26.92
N TYR G 154 -5.48 -33.83 -25.63
CA TYR G 154 -6.74 -33.90 -24.89
C TYR G 154 -6.66 -32.86 -23.81
N PHE G 155 -7.75 -32.45 -23.18
CA PHE G 155 -7.42 -31.39 -22.25
C PHE G 155 -7.65 -31.71 -20.81
N PRO G 156 -8.85 -31.78 -20.22
CA PRO G 156 -8.87 -31.80 -18.75
C PRO G 156 -8.20 -33.02 -18.15
N GLU G 157 -8.33 -33.06 -16.80
CA GLU G 157 -7.98 -34.04 -15.79
C GLU G 157 -7.19 -35.19 -16.38
N PRO G 158 -7.63 -36.50 -16.28
CA PRO G 158 -6.79 -37.59 -16.79
C PRO G 158 -7.43 -38.40 -17.94
N VAL G 159 -6.68 -39.38 -18.45
CA VAL G 159 -7.07 -40.40 -19.41
C VAL G 159 -6.65 -41.73 -18.78
N THR G 160 -7.38 -42.81 -19.10
CA THR G 160 -7.07 -44.17 -18.66
C THR G 160 -6.84 -44.99 -19.90
N VAL G 161 -5.77 -45.79 -19.91
CA VAL G 161 -5.47 -46.65 -21.06
C VAL G 161 -5.41 -48.08 -20.58
N SER G 162 -6.05 -48.96 -21.34
CA SER G 162 -5.99 -50.40 -21.12
C SER G 162 -5.73 -51.05 -22.47
N TRP G 163 -5.23 -52.28 -22.46
CA TRP G 163 -4.97 -53.04 -23.68
C TRP G 163 -5.85 -54.29 -23.69
N ASN G 164 -6.47 -54.57 -24.85
CA ASN G 164 -7.35 -55.72 -25.11
C ASN G 164 -8.38 -55.91 -24.03
N SER G 165 -9.05 -54.79 -23.69
CA SER G 165 -10.09 -54.64 -22.67
C SER G 165 -9.68 -55.14 -21.27
N GLY G 166 -8.38 -55.03 -20.95
CA GLY G 166 -7.86 -55.40 -19.64
C GLY G 166 -7.18 -56.76 -19.58
N ALA G 167 -7.21 -57.50 -20.68
CA ALA G 167 -6.62 -58.84 -20.78
C ALA G 167 -5.10 -58.82 -20.97
N LEU G 168 -4.56 -57.68 -21.39
CA LEU G 168 -3.12 -57.50 -21.58
C LEU G 168 -2.65 -56.42 -20.59
N THR G 169 -1.84 -56.83 -19.60
CA THR G 169 -1.31 -55.94 -18.56
C THR G 169 0.21 -56.09 -18.49
N SER G 170 0.66 -57.31 -18.74
CA SER G 170 2.06 -57.71 -18.73
C SER G 170 2.91 -56.99 -19.83
N GLY G 171 3.94 -56.26 -19.40
CA GLY G 171 4.82 -55.50 -20.29
C GLY G 171 4.27 -54.17 -20.81
N VAL G 172 3.17 -53.67 -20.20
CA VAL G 172 2.53 -52.41 -20.58
C VAL G 172 3.16 -51.26 -19.79
N HIS G 173 3.48 -50.17 -20.50
CA HIS G 173 3.96 -48.94 -19.87
C HIS G 173 3.12 -47.80 -20.37
N THR G 174 2.28 -47.24 -19.50
CA THR G 174 1.46 -46.06 -19.78
C THR G 174 2.22 -44.89 -19.13
N PHE G 175 2.66 -43.94 -19.96
CA PHE G 175 3.51 -42.87 -19.43
C PHE G 175 2.77 -41.71 -18.83
N PRO G 176 3.37 -41.04 -17.83
CA PRO G 176 2.74 -39.79 -17.32
C PRO G 176 2.54 -38.82 -18.49
N ALA G 177 1.41 -38.12 -18.54
CA ALA G 177 1.21 -37.15 -19.62
C ALA G 177 2.18 -35.96 -19.52
N VAL G 178 2.38 -35.26 -20.63
CA VAL G 178 3.15 -34.01 -20.71
C VAL G 178 2.18 -32.89 -21.09
N LEU G 179 2.31 -31.73 -20.44
CA LEU G 179 1.49 -30.58 -20.80
C LEU G 179 2.26 -29.90 -21.96
N GLN G 180 1.67 -29.86 -23.14
CA GLN G 180 2.33 -29.28 -24.30
C GLN G 180 2.17 -27.75 -24.31
N SER G 181 3.01 -27.05 -25.10
CA SER G 181 3.02 -25.59 -25.27
C SER G 181 1.63 -25.06 -25.73
N SER G 182 0.82 -25.94 -26.37
CA SER G 182 -0.56 -25.66 -26.81
C SER G 182 -1.54 -25.59 -25.64
N GLY G 183 -1.15 -26.16 -24.50
CA GLY G 183 -2.00 -26.22 -23.32
C GLY G 183 -2.83 -27.50 -23.26
N LEU G 184 -2.54 -28.42 -24.21
CA LEU G 184 -3.19 -29.71 -24.33
C LEU G 184 -2.25 -30.78 -23.82
N TYR G 185 -2.79 -31.94 -23.43
CA TYR G 185 -1.95 -33.00 -22.89
C TYR G 185 -1.69 -34.07 -23.91
N SER G 186 -0.62 -34.81 -23.70
CA SER G 186 -0.26 -35.91 -24.58
C SER G 186 0.47 -37.01 -23.83
N LEU G 187 0.15 -38.28 -24.15
CA LEU G 187 0.82 -39.44 -23.57
C LEU G 187 0.93 -40.59 -24.53
N SER G 188 1.85 -41.51 -24.24
CA SER G 188 2.07 -42.74 -24.97
C SER G 188 1.83 -43.92 -24.06
N SER G 189 1.19 -44.97 -24.61
CA SER G 189 1.04 -46.24 -23.91
C SER G 189 1.66 -47.29 -24.77
N VAL G 190 2.68 -47.95 -24.24
CA VAL G 190 3.42 -48.95 -25.00
C VAL G 190 3.31 -50.32 -24.36
N VAL G 191 3.52 -51.35 -25.17
CA VAL G 191 3.53 -52.74 -24.73
C VAL G 191 4.63 -53.50 -25.52
N THR G 192 5.39 -54.32 -24.79
CA THR G 192 6.43 -55.20 -25.31
C THR G 192 5.76 -56.56 -25.50
N VAL G 193 5.95 -57.15 -26.67
CA VAL G 193 5.23 -58.34 -27.06
C VAL G 193 6.09 -59.31 -27.91
N PRO G 194 5.85 -60.65 -27.91
CA PRO G 194 6.67 -61.55 -28.75
C PRO G 194 6.47 -61.23 -30.22
N SER G 195 7.57 -61.20 -31.00
CA SER G 195 7.52 -60.90 -32.43
C SER G 195 6.67 -61.90 -33.23
N SER G 196 6.71 -63.19 -32.82
CA SER G 196 5.97 -64.29 -33.43
C SER G 196 4.46 -64.08 -33.37
N SER G 197 3.97 -63.40 -32.32
CA SER G 197 2.55 -63.11 -32.10
C SER G 197 1.98 -61.96 -32.98
N LEU G 198 2.85 -61.19 -33.66
CA LEU G 198 2.44 -60.01 -34.43
C LEU G 198 1.45 -60.28 -35.57
N GLY G 199 1.63 -61.40 -36.28
CA GLY G 199 0.73 -61.78 -37.36
C GLY G 199 -0.64 -62.25 -36.90
N THR G 200 -0.65 -63.07 -35.81
CA THR G 200 -1.83 -63.69 -35.21
C THR G 200 -2.59 -62.79 -34.20
N GLN G 201 -1.93 -62.45 -33.05
CA GLN G 201 -2.53 -61.67 -31.97
C GLN G 201 -2.90 -60.21 -32.31
N THR G 202 -4.15 -59.82 -32.00
CA THR G 202 -4.72 -58.49 -32.18
C THR G 202 -4.45 -57.63 -30.93
N TYR G 203 -3.86 -56.44 -31.13
CA TYR G 203 -3.59 -55.49 -30.05
C TYR G 203 -4.42 -54.24 -30.23
N ILE G 204 -5.33 -53.97 -29.28
CA ILE G 204 -6.19 -52.81 -29.29
C ILE G 204 -5.93 -52.02 -28.01
N CYS G 205 -5.78 -50.71 -28.11
CA CYS G 205 -5.66 -49.90 -26.91
C CYS G 205 -7.01 -49.19 -26.65
N ASN G 206 -7.47 -49.24 -25.38
CA ASN G 206 -8.75 -48.66 -24.97
C ASN G 206 -8.52 -47.38 -24.21
N VAL G 207 -8.74 -46.26 -24.90
CA VAL G 207 -8.55 -44.94 -24.35
C VAL G 207 -9.88 -44.39 -23.92
N ASN G 208 -9.96 -44.03 -22.68
CA ASN G 208 -11.17 -43.48 -22.11
C ASN G 208 -10.81 -42.15 -21.47
N HIS G 209 -11.53 -41.11 -21.86
CA HIS G 209 -11.34 -39.74 -21.36
C HIS G 209 -12.68 -39.27 -20.79
N LYS G 210 -12.85 -39.42 -19.47
CA LYS G 210 -14.08 -39.09 -18.77
C LYS G 210 -14.51 -37.62 -18.93
N PRO G 211 -13.63 -36.60 -18.78
CA PRO G 211 -14.11 -35.20 -18.88
C PRO G 211 -14.86 -34.81 -20.16
N SER G 212 -14.60 -35.46 -21.30
CA SER G 212 -15.32 -35.18 -22.55
C SER G 212 -16.20 -36.39 -22.90
N ASN G 213 -16.29 -37.35 -21.95
CA ASN G 213 -17.04 -38.59 -22.03
C ASN G 213 -16.86 -39.27 -23.39
N THR G 214 -15.57 -39.44 -23.81
CA THR G 214 -15.15 -40.03 -25.08
C THR G 214 -14.43 -41.36 -24.84
N LYS G 215 -14.75 -42.38 -25.65
CA LYS G 215 -14.14 -43.72 -25.57
C LYS G 215 -13.63 -44.10 -26.95
N VAL G 216 -12.34 -44.43 -27.05
CA VAL G 216 -11.72 -44.80 -28.33
C VAL G 216 -10.99 -46.12 -28.19
N ASP G 217 -11.21 -47.00 -29.18
CA ASP G 217 -10.61 -48.32 -29.30
C ASP G 217 -9.84 -48.34 -30.65
N LYS G 218 -8.51 -48.18 -30.59
CA LYS G 218 -7.66 -48.21 -31.76
C LYS G 218 -6.87 -49.52 -31.82
N LYS G 219 -6.97 -50.22 -32.97
CA LYS G 219 -6.25 -51.46 -33.24
C LYS G 219 -4.87 -51.08 -33.78
N VAL G 220 -3.83 -51.71 -33.22
CA VAL G 220 -2.43 -51.44 -33.59
C VAL G 220 -1.89 -52.61 -34.40
N GLU G 221 -1.68 -52.37 -35.70
CA GLU G 221 -1.22 -53.36 -36.68
C GLU G 221 0.16 -53.04 -37.21
N PRO G 222 0.95 -54.05 -37.66
CA PRO G 222 2.21 -53.71 -38.35
C PRO G 222 1.85 -53.03 -39.71
N LYS G 223 2.53 -51.91 -40.06
CA LYS G 223 2.22 -51.15 -41.28
C LYS G 223 2.29 -52.01 -42.56
N SER G 224 1.11 -52.20 -43.18
CA SER G 224 0.77 -53.03 -44.36
C SER G 224 1.71 -52.94 -45.57
N CYS G 225 2.52 -51.85 -45.66
CA CYS G 225 3.49 -51.61 -46.74
C CYS G 225 4.59 -52.68 -46.81
N ALA G 226 4.63 -53.58 -45.79
CA ALA G 226 5.52 -54.73 -45.61
C ALA G 226 4.87 -55.68 -44.55
N ALA G 227 4.36 -56.85 -45.00
CA ALA G 227 3.71 -57.86 -44.14
C ALA G 227 3.90 -59.27 -44.69
N ASP H 1 9.65 -18.57 5.30
CA ASP H 1 10.75 -18.00 6.10
C ASP H 1 11.69 -19.07 6.66
N ILE H 2 11.14 -20.18 7.18
CA ILE H 2 11.95 -21.32 7.68
C ILE H 2 12.13 -22.26 6.51
N VAL H 3 13.40 -22.52 6.12
CA VAL H 3 13.68 -23.42 5.00
C VAL H 3 14.01 -24.80 5.49
N MET H 4 13.30 -25.80 4.96
CA MET H 4 13.46 -27.23 5.27
C MET H 4 14.23 -27.88 4.13
N THR H 5 15.38 -28.47 4.45
CA THR H 5 16.29 -29.09 3.48
C THR H 5 16.52 -30.54 3.80
N GLN H 6 16.04 -31.41 2.93
CA GLN H 6 16.11 -32.86 3.02
C GLN H 6 17.27 -33.41 2.22
N SER H 7 17.94 -34.41 2.80
CA SER H 7 19.07 -35.06 2.17
C SER H 7 19.08 -36.57 2.44
N PRO H 8 19.45 -37.35 1.43
CA PRO H 8 19.76 -36.94 0.05
C PRO H 8 18.45 -36.84 -0.77
N GLY H 9 18.55 -36.48 -2.05
CA GLY H 9 17.40 -36.42 -2.94
C GLY H 9 16.80 -37.80 -3.19
N THR H 10 17.68 -38.81 -3.40
CA THR H 10 17.30 -40.20 -3.66
C THR H 10 18.24 -41.14 -2.91
N LEU H 11 17.66 -42.14 -2.27
CA LEU H 11 18.35 -43.17 -1.52
C LEU H 11 18.05 -44.47 -2.24
N SER H 12 19.10 -45.20 -2.64
CA SER H 12 18.96 -46.46 -3.36
C SER H 12 19.29 -47.58 -2.43
N LEU H 13 18.28 -48.30 -1.99
CA LEU H 13 18.48 -49.37 -1.05
C LEU H 13 17.75 -50.64 -1.42
N SER H 14 18.05 -51.71 -0.72
CA SER H 14 17.46 -53.00 -0.96
C SER H 14 16.50 -53.34 0.20
N PRO H 15 15.45 -54.17 -0.04
CA PRO H 15 14.58 -54.55 1.09
C PRO H 15 15.44 -55.27 2.13
N GLY H 16 15.16 -55.01 3.41
CA GLY H 16 15.93 -55.60 4.50
C GLY H 16 16.99 -54.69 5.08
N GLU H 17 17.49 -53.73 4.26
CA GLU H 17 18.49 -52.74 4.67
C GLU H 17 17.83 -51.64 5.56
N ARG H 18 18.66 -50.80 6.17
CA ARG H 18 18.23 -49.70 7.01
C ARG H 18 18.28 -48.41 6.18
N ALA H 19 17.25 -47.55 6.33
CA ALA H 19 17.16 -46.25 5.68
C ALA H 19 17.27 -45.15 6.75
N THR H 20 18.13 -44.17 6.50
CA THR H 20 18.26 -43.01 7.39
C THR H 20 18.08 -41.79 6.49
N LEU H 21 17.03 -41.00 6.76
CA LEU H 21 16.68 -39.80 6.02
C LEU H 21 16.92 -38.58 6.89
N SER H 22 17.54 -37.54 6.31
CA SER H 22 17.85 -36.31 7.01
C SER H 22 16.93 -35.15 6.63
N CYS H 23 16.64 -34.31 7.60
CA CYS H 23 15.85 -33.09 7.45
C CYS H 23 16.53 -32.00 8.27
N ARG H 24 16.90 -30.91 7.61
CA ARG H 24 17.52 -29.78 8.27
C ARG H 24 16.69 -28.53 8.18
N ALA H 25 16.55 -27.84 9.29
CA ALA H 25 15.81 -26.59 9.37
C ALA H 25 16.78 -25.39 9.37
N SER H 26 16.40 -24.28 8.73
CA SER H 26 17.21 -23.06 8.68
C SER H 26 17.32 -22.40 10.07
N GLN H 27 16.37 -22.69 10.98
CA GLN H 27 16.34 -22.21 12.37
C GLN H 27 15.61 -23.19 13.25
N ASN H 28 15.78 -23.06 14.57
CA ASN H 28 15.16 -23.97 15.55
C ASN H 28 13.64 -24.14 15.30
N VAL H 29 13.18 -25.42 15.26
CA VAL H 29 11.75 -25.67 15.01
C VAL H 29 11.07 -26.28 16.24
N TYR H 30 11.88 -26.55 17.29
CA TYR H 30 11.42 -27.12 18.55
C TYR H 30 10.72 -28.45 18.31
N SER H 31 9.47 -28.64 18.79
CA SER H 31 8.77 -29.91 18.57
C SER H 31 7.78 -29.86 17.36
N TYR H 32 7.79 -28.76 16.58
CA TYR H 32 6.87 -28.56 15.45
C TYR H 32 7.42 -29.17 14.17
N LEU H 33 7.54 -30.50 14.19
CA LEU H 33 8.09 -31.25 13.06
C LEU H 33 7.34 -32.55 12.86
N GLY H 34 6.90 -32.80 11.63
CA GLY H 34 6.20 -34.00 11.24
C GLY H 34 6.86 -34.66 10.05
N TRP H 35 6.72 -36.00 9.93
CA TRP H 35 7.25 -36.76 8.79
C TRP H 35 6.10 -37.47 8.08
N TYR H 36 6.13 -37.45 6.72
CA TYR H 36 5.11 -37.98 5.80
C TYR H 36 5.69 -38.91 4.78
N GLN H 37 4.87 -39.86 4.35
CA GLN H 37 5.15 -40.84 3.31
C GLN H 37 4.17 -40.52 2.20
N HIS H 38 4.66 -40.51 0.96
CA HIS H 38 3.78 -40.26 -0.17
C HIS H 38 4.06 -41.26 -1.29
N LYS H 39 3.01 -41.99 -1.66
CA LYS H 39 3.05 -42.97 -2.74
C LYS H 39 2.32 -42.39 -3.94
N PRO H 40 2.87 -42.61 -5.16
CA PRO H 40 2.35 -41.98 -6.38
C PRO H 40 0.86 -41.59 -6.46
N GLY H 41 -0.09 -42.52 -6.46
CA GLY H 41 -1.48 -42.06 -6.59
C GLY H 41 -2.28 -42.03 -5.32
N ARG H 42 -1.60 -41.76 -4.17
CA ARG H 42 -2.23 -41.80 -2.84
C ARG H 42 -2.06 -40.50 -2.07
N SER H 43 -2.83 -40.36 -1.01
CA SER H 43 -2.78 -39.20 -0.15
C SER H 43 -1.53 -39.27 0.71
N PRO H 44 -0.90 -38.13 1.09
CA PRO H 44 0.24 -38.23 2.02
C PRO H 44 -0.22 -38.90 3.30
N ARG H 45 0.73 -39.57 3.97
CA ARG H 45 0.40 -40.31 5.18
C ARG H 45 1.31 -39.86 6.31
N LEU H 46 0.72 -39.51 7.48
CA LEU H 46 1.50 -39.09 8.64
C LEU H 46 2.20 -40.29 9.24
N LEU H 47 3.53 -40.20 9.40
CA LEU H 47 4.32 -41.27 9.99
C LEU H 47 4.64 -40.93 11.44
N ILE H 48 5.26 -39.76 11.61
CA ILE H 48 5.74 -39.24 12.88
C ILE H 48 5.24 -37.81 13.03
N PHE H 49 4.76 -37.47 14.22
CA PHE H 49 4.35 -36.13 14.57
C PHE H 49 5.12 -35.72 15.85
N GLY H 50 5.36 -34.44 16.02
CA GLY H 50 6.05 -33.95 17.19
C GLY H 50 7.41 -34.56 17.41
N VAL H 51 8.21 -34.60 16.33
CA VAL H 51 9.60 -35.06 16.16
C VAL H 51 9.76 -36.58 16.32
N THR H 52 9.05 -37.14 17.31
CA THR H 52 9.28 -38.46 17.86
C THR H 52 8.10 -39.39 17.91
N SER H 53 6.89 -38.86 17.96
CA SER H 53 5.68 -39.67 18.15
C SER H 53 5.17 -40.37 16.88
N ARG H 54 4.94 -41.68 16.98
CA ARG H 54 4.44 -42.48 15.87
C ARG H 54 2.95 -42.30 15.75
N ALA H 55 2.46 -42.07 14.54
CA ALA H 55 1.02 -41.92 14.30
C ALA H 55 0.33 -43.29 14.47
N THR H 56 -1.00 -43.32 14.58
CA THR H 56 -1.76 -44.57 14.78
C THR H 56 -1.53 -45.54 13.62
N GLY H 57 -1.14 -46.77 13.97
CA GLY H 57 -0.88 -47.85 13.03
C GLY H 57 0.42 -47.75 12.26
N VAL H 58 1.29 -46.81 12.62
CA VAL H 58 2.56 -46.72 11.90
C VAL H 58 3.48 -47.78 12.52
N PRO H 59 4.05 -48.70 11.70
CA PRO H 59 4.90 -49.77 12.25
C PRO H 59 6.13 -49.23 12.98
N ASP H 60 6.54 -49.92 14.08
CA ASP H 60 7.66 -49.48 14.91
C ASP H 60 9.05 -49.49 14.21
N ARG H 61 9.12 -49.95 12.94
CA ARG H 61 10.35 -49.92 12.15
C ARG H 61 10.65 -48.45 11.74
N PHE H 62 9.61 -47.59 11.83
CA PHE H 62 9.71 -46.15 11.54
C PHE H 62 9.95 -45.43 12.84
N SER H 63 10.99 -44.60 12.90
CA SER H 63 11.24 -43.81 14.10
C SER H 63 11.81 -42.45 13.76
N GLY H 64 11.41 -41.45 14.53
CA GLY H 64 11.91 -40.09 14.37
C GLY H 64 12.78 -39.68 15.53
N SER H 65 13.83 -38.95 15.24
CA SER H 65 14.73 -38.42 16.24
C SER H 65 15.28 -37.07 15.76
N GLY H 66 16.10 -36.44 16.60
CA GLY H 66 16.71 -35.15 16.33
C GLY H 66 16.20 -34.04 17.23
N SER H 67 16.78 -32.85 17.07
CA SER H 67 16.36 -31.68 17.84
C SER H 67 16.87 -30.40 17.22
N GLY H 68 16.11 -29.34 17.46
CA GLY H 68 16.39 -27.99 17.00
C GLY H 68 16.34 -27.81 15.51
N THR H 69 17.47 -28.05 14.84
CA THR H 69 17.65 -27.82 13.41
C THR H 69 17.98 -29.12 12.61
N ASP H 70 18.31 -30.22 13.29
CA ASP H 70 18.72 -31.46 12.61
C ASP H 70 17.85 -32.67 13.00
N PHE H 71 17.05 -33.18 12.04
CA PHE H 71 16.13 -34.30 12.28
C PHE H 71 16.38 -35.50 11.39
N THR H 72 16.06 -36.70 11.91
CA THR H 72 16.23 -37.97 11.20
C THR H 72 14.97 -38.83 11.27
N LEU H 73 14.66 -39.52 10.17
CA LEU H 73 13.60 -40.52 10.09
C LEU H 73 14.36 -41.78 9.74
N THR H 74 14.22 -42.80 10.59
CA THR H 74 14.89 -44.08 10.40
C THR H 74 13.88 -45.13 10.09
N ILE H 75 14.18 -45.90 9.06
CA ILE H 75 13.37 -47.08 8.72
C ILE H 75 14.39 -48.19 8.98
N SER H 76 14.22 -48.90 10.11
CA SER H 76 15.20 -49.91 10.59
C SER H 76 15.40 -51.11 9.64
N ARG H 77 14.34 -51.60 9.01
CA ARG H 77 14.44 -52.71 8.06
C ARG H 77 13.43 -52.43 6.96
N LEU H 78 13.90 -52.19 5.73
CA LEU H 78 12.97 -51.85 4.65
C LEU H 78 12.10 -53.00 4.18
N GLU H 79 10.79 -52.74 4.10
CA GLU H 79 9.80 -53.66 3.55
C GLU H 79 9.47 -53.23 2.12
N PRO H 80 9.11 -54.14 1.18
CA PRO H 80 8.78 -53.69 -0.19
C PRO H 80 7.82 -52.50 -0.32
N GLU H 81 6.94 -52.29 0.69
CA GLU H 81 5.96 -51.20 0.71
C GLU H 81 6.51 -49.84 1.21
N ASP H 82 7.74 -49.79 1.71
CA ASP H 82 8.33 -48.56 2.22
C ASP H 82 9.09 -47.77 1.15
N PHE H 83 9.13 -48.27 -0.12
CA PHE H 83 9.81 -47.57 -1.19
C PHE H 83 8.84 -46.57 -1.72
N ALA H 84 9.07 -45.33 -1.33
CA ALA H 84 8.19 -44.18 -1.56
C ALA H 84 8.97 -42.90 -1.35
N VAL H 85 8.27 -41.73 -1.49
CA VAL H 85 8.83 -40.38 -1.29
C VAL H 85 8.51 -39.91 0.14
N TYR H 86 9.52 -39.43 0.88
CA TYR H 86 9.32 -38.99 2.27
C TYR H 86 9.57 -37.49 2.47
N TYR H 87 8.60 -36.77 3.08
CA TYR H 87 8.68 -35.34 3.39
C TYR H 87 8.69 -35.04 4.86
N CYS H 88 9.41 -33.98 5.25
CA CYS H 88 9.34 -33.47 6.60
C CYS H 88 8.56 -32.16 6.48
N GLN H 89 7.90 -31.73 7.56
CA GLN H 89 7.18 -30.47 7.58
C GLN H 89 7.38 -29.83 8.93
N GLN H 90 7.53 -28.52 8.91
CA GLN H 90 7.77 -27.68 10.08
C GLN H 90 6.51 -26.80 10.38
N TYR H 91 6.18 -26.61 11.67
CA TYR H 91 5.01 -25.82 12.09
C TYR H 91 5.41 -24.76 13.11
N ALA H 92 6.70 -24.45 13.20
CA ALA H 92 7.24 -23.51 14.20
C ALA H 92 7.15 -22.05 13.79
N GLY H 93 7.21 -21.79 12.50
CA GLY H 93 7.12 -20.45 11.97
C GLY H 93 5.78 -20.11 11.39
N SER H 94 5.72 -18.95 10.75
CA SER H 94 4.60 -18.39 9.99
C SER H 94 4.85 -19.13 8.68
N ALA H 95 3.84 -19.77 8.08
CA ALA H 95 4.02 -20.68 6.90
C ALA H 95 4.70 -21.99 7.32
N TYR H 96 3.98 -23.09 7.18
CA TYR H 96 4.39 -24.40 7.61
C TYR H 96 5.01 -25.14 6.44
N THR H 97 6.27 -24.86 6.16
CA THR H 97 6.93 -25.41 4.98
C THR H 97 7.41 -26.88 5.08
N PHE H 98 7.36 -27.54 3.91
CA PHE H 98 7.83 -28.91 3.69
C PHE H 98 9.26 -28.87 3.13
N GLY H 99 9.99 -29.98 3.31
CA GLY H 99 11.26 -30.21 2.66
C GLY H 99 10.95 -30.60 1.22
N GLN H 100 11.95 -30.76 0.35
CA GLN H 100 11.70 -31.09 -1.06
C GLN H 100 11.33 -32.57 -1.30
N GLY H 101 11.56 -33.40 -0.29
CA GLY H 101 11.30 -34.84 -0.36
C GLY H 101 12.57 -35.64 -0.64
N THR H 102 12.65 -36.85 -0.05
CA THR H 102 13.71 -37.82 -0.27
C THR H 102 13.01 -39.04 -0.86
N LYS H 103 13.35 -39.42 -2.11
CA LYS H 103 12.79 -40.61 -2.70
C LYS H 103 13.59 -41.85 -2.26
N VAL H 104 12.95 -42.89 -1.71
CA VAL H 104 13.64 -44.14 -1.35
C VAL H 104 13.33 -45.17 -2.45
N GLU H 105 14.30 -45.51 -3.30
CA GLU H 105 14.06 -46.44 -4.41
C GLU H 105 14.81 -47.75 -4.22
N ILE H 106 14.40 -48.79 -4.96
CA ILE H 106 15.05 -50.09 -4.88
C ILE H 106 16.32 -50.08 -5.71
N LYS H 107 17.43 -50.43 -5.07
CA LYS H 107 18.71 -50.61 -5.74
C LYS H 107 18.65 -52.00 -6.40
N ARG H 108 19.13 -52.11 -7.63
CA ARG H 108 19.19 -53.37 -8.38
C ARG H 108 20.40 -53.33 -9.32
N THR H 109 20.72 -54.43 -10.03
CA THR H 109 21.89 -54.40 -10.94
C THR H 109 21.60 -53.51 -12.14
N VAL H 110 22.65 -53.02 -12.82
CA VAL H 110 22.48 -52.17 -13.98
C VAL H 110 21.90 -52.97 -15.14
N ALA H 111 20.81 -52.43 -15.71
CA ALA H 111 20.09 -52.97 -16.86
C ALA H 111 20.07 -51.89 -17.94
N ALA H 112 20.48 -52.25 -19.15
CA ALA H 112 20.52 -51.31 -20.27
C ALA H 112 19.13 -51.24 -20.89
N PRO H 113 18.71 -50.08 -21.45
CA PRO H 113 17.39 -50.04 -22.10
C PRO H 113 17.35 -50.72 -23.47
N SER H 114 16.22 -51.35 -23.81
CA SER H 114 16.00 -51.81 -25.18
C SER H 114 15.41 -50.53 -25.79
N VAL H 115 15.92 -50.10 -26.95
CA VAL H 115 15.50 -48.86 -27.58
C VAL H 115 14.64 -49.12 -28.84
N PHE H 116 13.56 -48.34 -29.01
CA PHE H 116 12.64 -48.46 -30.16
C PHE H 116 12.24 -47.08 -30.65
N ILE H 117 12.20 -46.91 -31.98
CA ILE H 117 11.76 -45.68 -32.62
C ILE H 117 10.46 -45.95 -33.35
N PHE H 118 9.52 -45.01 -33.28
CA PHE H 118 8.24 -45.10 -33.98
C PHE H 118 8.04 -43.86 -34.86
N PRO H 119 7.88 -44.05 -36.20
CA PRO H 119 7.62 -42.89 -37.08
C PRO H 119 6.19 -42.37 -36.90
N PRO H 120 5.84 -41.13 -37.34
CA PRO H 120 4.42 -40.72 -37.22
C PRO H 120 3.50 -41.55 -38.13
N SER H 121 2.28 -41.78 -37.67
CA SER H 121 1.28 -42.50 -38.43
C SER H 121 0.77 -41.64 -39.61
N ASP H 122 0.11 -42.27 -40.60
CA ASP H 122 -0.46 -41.54 -41.73
C ASP H 122 -1.70 -40.80 -41.27
N GLU H 123 -2.38 -41.32 -40.25
CA GLU H 123 -3.56 -40.70 -39.66
C GLU H 123 -3.19 -39.34 -39.06
N GLN H 124 -2.06 -39.29 -38.33
CA GLN H 124 -1.55 -38.06 -37.70
C GLN H 124 -1.09 -37.06 -38.74
N LEU H 125 -0.31 -37.49 -39.75
CA LEU H 125 0.19 -36.59 -40.80
C LEU H 125 -0.93 -35.87 -41.56
N LYS H 126 -2.07 -36.53 -41.74
CA LYS H 126 -3.29 -36.01 -42.38
C LYS H 126 -3.87 -34.82 -41.55
N SER H 127 -3.52 -34.76 -40.23
CA SER H 127 -3.94 -33.72 -39.26
C SER H 127 -3.04 -32.46 -39.36
N GLY H 128 -1.86 -32.60 -39.96
CA GLY H 128 -0.93 -31.49 -40.13
C GLY H 128 0.26 -31.47 -39.20
N THR H 129 0.38 -32.48 -38.33
CA THR H 129 1.46 -32.60 -37.35
C THR H 129 2.17 -33.97 -37.53
N ALA H 130 3.34 -34.12 -36.91
CA ALA H 130 4.15 -35.33 -36.91
C ALA H 130 4.83 -35.50 -35.55
N SER H 131 4.59 -36.65 -34.90
CA SER H 131 5.26 -36.99 -33.64
C SER H 131 6.06 -38.25 -33.82
N VAL H 132 7.36 -38.18 -33.54
CA VAL H 132 8.27 -39.32 -33.58
C VAL H 132 8.53 -39.69 -32.13
N VAL H 133 8.28 -40.97 -31.77
CA VAL H 133 8.45 -41.49 -30.42
C VAL H 133 9.66 -42.43 -30.30
N CYS H 134 10.48 -42.18 -29.28
CA CYS H 134 11.63 -42.98 -28.89
C CYS H 134 11.31 -43.59 -27.51
N LEU H 135 11.22 -44.94 -27.46
CA LEU H 135 10.99 -45.69 -26.24
C LEU H 135 12.31 -46.35 -25.77
N LEU H 136 12.63 -46.20 -24.47
CA LEU H 136 13.77 -46.77 -23.77
C LEU H 136 13.11 -47.63 -22.73
N ASN H 137 13.09 -48.95 -22.93
CA ASN H 137 12.39 -49.91 -22.10
C ASN H 137 13.25 -50.65 -21.07
N ASN H 138 12.77 -50.71 -19.82
CA ASN H 138 13.30 -51.46 -18.68
C ASN H 138 14.82 -51.31 -18.39
N PHE H 139 15.20 -50.13 -17.88
CA PHE H 139 16.57 -49.78 -17.54
C PHE H 139 16.71 -49.32 -16.11
N TYR H 140 17.92 -49.52 -15.61
CA TYR H 140 18.32 -49.14 -14.30
C TYR H 140 19.79 -48.76 -14.40
N PRO H 141 20.24 -47.62 -13.84
CA PRO H 141 19.50 -46.61 -13.07
C PRO H 141 18.63 -45.67 -13.90
N ARG H 142 17.89 -44.78 -13.22
CA ARG H 142 17.00 -43.76 -13.78
C ARG H 142 17.65 -42.81 -14.81
N GLU H 143 18.91 -42.37 -14.56
CA GLU H 143 19.64 -41.45 -15.43
C GLU H 143 19.89 -42.05 -16.84
N ALA H 144 19.38 -41.37 -17.88
CA ALA H 144 19.49 -41.77 -19.29
C ALA H 144 19.40 -40.53 -20.12
N LYS H 145 20.09 -40.49 -21.26
CA LYS H 145 20.07 -39.33 -22.16
C LYS H 145 19.52 -39.76 -23.51
N VAL H 146 18.62 -38.93 -24.05
CA VAL H 146 17.96 -39.10 -25.35
C VAL H 146 18.30 -37.85 -26.15
N GLN H 147 18.88 -38.04 -27.35
CA GLN H 147 19.24 -36.97 -28.28
C GLN H 147 18.62 -37.27 -29.63
N TRP H 148 17.90 -36.30 -30.16
CA TRP H 148 17.26 -36.42 -31.46
C TRP H 148 18.13 -35.78 -32.53
N LYS H 149 18.36 -36.52 -33.62
CA LYS H 149 19.11 -36.07 -34.79
C LYS H 149 18.20 -36.19 -36.02
N VAL H 150 18.07 -35.10 -36.78
CA VAL H 150 17.26 -35.07 -38.01
C VAL H 150 18.23 -34.73 -39.15
N ASP H 151 18.49 -35.73 -40.05
CA ASP H 151 19.47 -35.66 -41.15
C ASP H 151 20.84 -35.25 -40.57
N ASN H 152 21.20 -35.89 -39.45
CA ASN H 152 22.42 -35.74 -38.64
C ASN H 152 22.50 -34.41 -37.87
N ALA H 153 21.45 -33.56 -37.93
CA ALA H 153 21.44 -32.30 -37.18
C ALA H 153 20.73 -32.45 -35.81
N LEU H 154 21.46 -32.10 -34.74
CA LEU H 154 21.04 -32.18 -33.33
C LEU H 154 19.88 -31.28 -33.04
N GLN H 155 18.83 -31.84 -32.47
CA GLN H 155 17.61 -31.11 -32.15
C GLN H 155 17.65 -30.51 -30.78
N SER H 156 16.87 -29.43 -30.59
CA SER H 156 16.73 -28.74 -29.32
C SER H 156 15.38 -28.01 -29.24
N GLY H 157 14.76 -28.10 -28.07
CA GLY H 157 13.49 -27.46 -27.72
C GLY H 157 12.23 -28.02 -28.35
N ASN H 158 12.32 -29.11 -29.13
CA ASN H 158 11.18 -29.69 -29.84
C ASN H 158 10.84 -31.14 -29.43
N SER H 159 11.38 -31.58 -28.29
CA SER H 159 11.08 -32.89 -27.73
C SER H 159 10.70 -32.75 -26.26
N GLN H 160 9.90 -33.69 -25.77
CA GLN H 160 9.44 -33.80 -24.38
C GLN H 160 9.55 -35.27 -23.97
N GLU H 161 9.98 -35.49 -22.72
CA GLU H 161 10.23 -36.80 -22.12
C GLU H 161 9.28 -37.08 -20.99
N SER H 162 9.07 -38.38 -20.73
CA SER H 162 8.23 -38.85 -19.64
C SER H 162 8.83 -40.16 -19.12
N VAL H 163 8.84 -40.32 -17.77
CA VAL H 163 9.44 -41.51 -17.11
C VAL H 163 8.42 -42.20 -16.20
N THR H 164 8.36 -43.52 -16.27
CA THR H 164 7.45 -44.26 -15.40
C THR H 164 8.05 -44.38 -13.97
N GLU H 165 7.20 -44.74 -13.01
CA GLU H 165 7.62 -45.02 -11.66
C GLU H 165 8.34 -46.37 -11.70
N GLN H 166 9.27 -46.62 -10.75
CA GLN H 166 10.06 -47.84 -10.65
C GLN H 166 9.09 -49.04 -10.69
N ASP H 167 9.36 -50.00 -11.56
CA ASP H 167 8.49 -51.17 -11.75
C ASP H 167 8.36 -52.05 -10.48
N SER H 168 7.18 -52.69 -10.29
CA SER H 168 6.86 -53.57 -9.14
C SER H 168 7.64 -54.88 -9.14
N LYS H 169 7.57 -55.66 -10.25
CA LYS H 169 8.24 -56.98 -10.43
C LYS H 169 9.79 -56.87 -10.64
N ASP H 170 10.23 -56.17 -11.70
CA ASP H 170 11.66 -55.96 -11.90
C ASP H 170 11.95 -54.57 -11.29
N SER H 171 13.17 -54.08 -11.17
CA SER H 171 13.07 -52.75 -10.49
C SER H 171 13.51 -51.61 -11.40
N THR H 172 13.03 -51.65 -12.64
CA THR H 172 13.44 -50.74 -13.70
C THR H 172 12.52 -49.57 -13.99
N TYR H 173 12.97 -48.73 -14.91
CA TYR H 173 12.30 -47.55 -15.39
C TYR H 173 12.12 -47.65 -16.89
N SER H 174 11.13 -46.98 -17.39
CA SER H 174 10.95 -46.86 -18.82
C SER H 174 10.81 -45.36 -19.10
N LEU H 175 11.28 -44.92 -20.27
CA LEU H 175 11.31 -43.52 -20.69
C LEU H 175 10.77 -43.46 -22.10
N SER H 176 9.96 -42.41 -22.37
CA SER H 176 9.37 -42.10 -23.65
C SER H 176 9.74 -40.67 -23.98
N SER H 177 10.26 -40.44 -25.18
CA SER H 177 10.65 -39.14 -25.70
C SER H 177 9.94 -38.92 -27.01
N THR H 178 9.26 -37.77 -27.11
CA THR H 178 8.53 -37.43 -28.31
C THR H 178 9.10 -36.18 -28.95
N LEU H 179 9.50 -36.33 -30.24
CA LEU H 179 9.94 -35.20 -31.07
C LEU H 179 8.68 -34.74 -31.84
N THR H 180 8.26 -33.49 -31.67
CA THR H 180 7.05 -32.99 -32.32
C THR H 180 7.39 -31.95 -33.39
N LEU H 181 6.86 -32.14 -34.61
CA LEU H 181 7.05 -31.24 -35.76
C LEU H 181 5.77 -31.05 -36.55
N SER H 182 5.71 -29.96 -37.32
CA SER H 182 4.63 -29.71 -38.28
C SER H 182 4.84 -30.70 -39.46
N LYS H 183 3.77 -30.98 -40.25
CA LYS H 183 3.89 -31.84 -41.43
C LYS H 183 4.85 -31.16 -42.41
N ALA H 184 4.80 -29.81 -42.49
CA ALA H 184 5.68 -29.04 -43.36
C ALA H 184 7.14 -29.32 -43.06
N ASP H 185 7.57 -29.18 -41.77
CA ASP H 185 8.95 -29.39 -41.34
C ASP H 185 9.39 -30.83 -41.42
N TYR H 186 8.50 -31.76 -41.05
CA TYR H 186 8.79 -33.18 -41.13
C TYR H 186 9.15 -33.62 -42.56
N GLU H 187 8.42 -33.10 -43.55
CA GLU H 187 8.62 -33.39 -44.97
C GLU H 187 9.92 -32.78 -45.54
N LYS H 188 10.57 -31.86 -44.82
CA LYS H 188 11.84 -31.26 -45.25
C LYS H 188 13.06 -32.19 -45.02
N HIS H 189 12.89 -33.37 -44.36
CA HIS H 189 14.03 -34.23 -44.00
C HIS H 189 13.78 -35.70 -44.19
N LYS H 190 14.87 -36.50 -44.29
CA LYS H 190 14.82 -37.96 -44.53
C LYS H 190 15.08 -38.85 -43.31
N VAL H 191 16.24 -38.68 -42.64
CA VAL H 191 16.65 -39.56 -41.55
C VAL H 191 16.25 -39.01 -40.18
N TYR H 192 15.40 -39.77 -39.46
CA TYR H 192 14.96 -39.45 -38.10
C TYR H 192 15.60 -40.43 -37.14
N ALA H 193 16.42 -39.92 -36.20
CA ALA H 193 17.13 -40.79 -35.27
C ALA H 193 17.16 -40.31 -33.83
N CYS H 194 17.05 -41.26 -32.87
CA CYS H 194 17.25 -40.98 -31.45
C CYS H 194 18.45 -41.77 -30.97
N GLU H 195 19.32 -41.08 -30.22
CA GLU H 195 20.59 -41.57 -29.72
C GLU H 195 20.50 -41.57 -28.20
N VAL H 196 20.61 -42.78 -27.65
CA VAL H 196 20.45 -43.09 -26.24
C VAL H 196 21.76 -43.37 -25.54
N THR H 197 22.04 -42.59 -24.48
CA THR H 197 23.23 -42.74 -23.64
C THR H 197 22.73 -43.26 -22.28
N HIS H 198 23.35 -44.32 -21.77
CA HIS H 198 23.04 -44.94 -20.48
C HIS H 198 24.19 -45.82 -20.03
N GLN H 199 24.43 -45.84 -18.72
CA GLN H 199 25.45 -46.60 -17.99
C GLN H 199 25.59 -48.08 -18.42
N GLY H 200 24.49 -48.72 -18.79
CA GLY H 200 24.47 -50.11 -19.21
C GLY H 200 24.87 -50.37 -20.66
N LEU H 201 25.06 -49.31 -21.43
CA LEU H 201 25.48 -49.41 -22.84
C LEU H 201 26.94 -48.94 -22.89
N SER H 202 27.80 -49.77 -23.50
CA SER H 202 29.23 -49.49 -23.67
C SER H 202 29.42 -48.24 -24.57
N SER H 203 28.61 -48.14 -25.64
CA SER H 203 28.61 -47.03 -26.60
C SER H 203 27.17 -46.55 -26.88
N PRO H 204 26.92 -45.23 -27.11
CA PRO H 204 25.54 -44.78 -27.36
C PRO H 204 24.81 -45.56 -28.44
N VAL H 205 23.50 -45.78 -28.23
CA VAL H 205 22.70 -46.59 -29.15
C VAL H 205 21.78 -45.70 -29.98
N THR H 206 21.79 -45.92 -31.31
CA THR H 206 21.01 -45.13 -32.25
C THR H 206 20.04 -46.03 -32.96
N LYS H 207 18.77 -45.59 -33.00
CA LYS H 207 17.67 -46.19 -33.72
C LYS H 207 17.20 -45.13 -34.73
N SER H 208 17.04 -45.53 -35.99
CA SER H 208 16.67 -44.63 -37.09
C SER H 208 15.64 -45.24 -37.99
N PHE H 209 15.14 -44.41 -38.92
CA PHE H 209 14.27 -44.76 -40.03
C PHE H 209 14.39 -43.63 -41.03
N ASN H 210 14.11 -43.94 -42.31
CA ASN H 210 14.07 -42.92 -43.35
C ASN H 210 12.59 -42.68 -43.61
N ARG H 211 12.21 -41.41 -43.72
CA ARG H 211 10.84 -40.96 -43.97
C ARG H 211 10.31 -41.62 -45.27
N GLY H 212 9.14 -42.25 -45.18
CA GLY H 212 8.52 -42.91 -46.33
C GLY H 212 8.88 -44.38 -46.44
N GLU H 213 10.21 -44.69 -46.47
CA GLU H 213 10.76 -46.05 -46.52
C GLU H 213 10.29 -46.82 -45.26
N CYS H 214 9.50 -47.91 -45.46
CA CYS H 214 8.97 -48.70 -44.35
C CYS H 214 10.03 -49.55 -43.64
#